data_6M0T
#
_entry.id   6M0T
#
_cell.length_a   299.560
_cell.length_b   59.140
_cell.length_c   141.880
_cell.angle_alpha   90.000
_cell.angle_beta   90.000
_cell.angle_gamma   90.000
#
_symmetry.space_group_name_H-M   'P 21 21 2'
#
loop_
_entity.id
_entity.type
_entity.pdbx_description
1 polymer 'Lysine--tRNA ligase'
2 non-polymer LYSINE
3 non-polymer (3R)-3-[(R)-[(2R,6S)-6-methyloxan-2-yl]-oxidanyl-methyl]-6,8-bis(oxidanyl)-3,4-dihydroisochromen-1-one
4 water water
#
_entity_poly.entity_id   1
_entity_poly.type   'polypeptide(L)'
_entity_poly.pdbx_seq_one_letter_code
;EVDPRLYFENRSKFIQDQKDKGINPYPHKFERTISIPEFIEKYKDLGNGEHLEDTILNITGRIMRVSASGQKLRFFDLVG
DGEKIQVLANYSFHNHEKGNFAECYDKIRRGDIVGIVGFPGKSKKGELSIFPKETILLSACLHMLPMKYGLKDTEIRYRQ
RYLDLLINESSRHTFVTRTKIINFLRNFLNERGFFEVETPMMNLIAGGANARPFITHHNDLDLDLYLRIATELPLKMLIV
GGIDKVYEIGKVFRNEGIDNTHNPEFTSCEFYWAYADYNDLIKWSEDFFSQLVYHLFGTYKISYNKDGPENQPIEIDFTP
PYPKVSIVEEIEKVTNTILEQPFDSNETIEKMINIIKEHKIELPNPPTAAKLLDQLASHFIENKYNDKPFFIVEHPQIMS
PLAKYHRTKPGLTERLEMFICGKEVLNAYTELNDPFKQKECFKLQQKDREKGDTEAAQLDSAFCTSLEYGLPPTGGLGLG
IDRITMFLTNKNSIKDVILFPTMRPAN
;
_entity_poly.pdbx_strand_id   A,B,C,D
#
# COMPACT_ATOMS: atom_id res chain seq x y z
N PRO A 4 -5.32 72.94 -11.25
CA PRO A 4 -5.00 72.25 -9.99
C PRO A 4 -6.08 71.23 -9.62
N ARG A 5 -6.55 71.31 -8.37
CA ARG A 5 -7.73 70.53 -7.98
C ARG A 5 -8.98 71.02 -8.69
N LEU A 6 -8.95 72.22 -9.26
CA LEU A 6 -10.08 72.72 -10.04
C LEU A 6 -10.34 71.82 -11.25
N TYR A 7 -9.27 71.38 -11.92
CA TYR A 7 -9.45 70.53 -13.09
C TYR A 7 -10.08 69.20 -12.72
N PHE A 8 -9.58 68.56 -11.66
CA PHE A 8 -10.15 67.29 -11.22
C PHE A 8 -11.60 67.47 -10.76
N GLU A 9 -11.89 68.59 -10.08
CA GLU A 9 -13.25 68.84 -9.63
C GLU A 9 -14.19 69.07 -10.81
N ASN A 10 -13.70 69.72 -11.86
CA ASN A 10 -14.52 69.93 -13.05
C ASN A 10 -14.88 68.60 -13.71
N ARG A 11 -13.89 67.71 -13.86
CA ARG A 11 -14.16 66.40 -14.45
C ARG A 11 -15.11 65.59 -13.59
N SER A 12 -14.99 65.71 -12.27
CA SER A 12 -15.87 64.95 -11.37
C SER A 12 -17.32 65.39 -11.52
N LYS A 13 -17.54 66.71 -11.60
CA LYS A 13 -18.90 67.20 -11.81
C LYS A 13 -19.41 66.84 -13.20
N PHE A 14 -18.54 66.84 -14.20
CA PHE A 14 -18.94 66.40 -15.52
C PHE A 14 -19.41 64.95 -15.51
N ILE A 15 -18.65 64.07 -14.84
CA ILE A 15 -19.05 62.67 -14.73
C ILE A 15 -20.44 62.55 -14.13
N GLN A 16 -20.67 63.25 -13.02
CA GLN A 16 -22.00 63.22 -12.42
C GLN A 16 -23.05 63.81 -13.36
N ASP A 17 -22.70 64.90 -14.06
CA ASP A 17 -23.66 65.55 -14.96
C ASP A 17 -24.09 64.61 -16.08
N GLN A 18 -23.18 63.76 -16.56
CA GLN A 18 -23.56 62.79 -17.58
C GLN A 18 -24.49 61.72 -17.00
N LYS A 19 -24.22 61.28 -15.77
CA LYS A 19 -25.07 60.27 -15.15
C LYS A 19 -26.49 60.77 -14.94
N ASP A 20 -26.65 62.07 -14.67
CA ASP A 20 -27.99 62.61 -14.47
C ASP A 20 -28.70 62.83 -15.80
N LYS A 21 -27.97 62.97 -16.89
CA LYS A 21 -28.56 63.12 -18.22
C LYS A 21 -28.85 61.78 -18.89
N GLY A 22 -28.48 60.66 -18.26
CA GLY A 22 -28.82 59.34 -18.75
C GLY A 22 -27.64 58.57 -19.32
N ILE A 23 -26.59 59.25 -19.75
CA ILE A 23 -25.43 58.56 -20.29
C ILE A 23 -24.65 57.88 -19.17
N ASN A 24 -24.05 56.73 -19.50
CA ASN A 24 -23.18 56.04 -18.56
C ASN A 24 -21.74 56.28 -18.97
N PRO A 25 -20.98 57.11 -18.25
CA PRO A 25 -19.58 57.32 -18.60
C PRO A 25 -18.67 56.13 -18.33
N TYR A 26 -19.19 55.07 -17.70
CA TYR A 26 -18.43 53.84 -17.44
C TYR A 26 -19.26 52.64 -17.88
N PRO A 27 -19.42 52.43 -19.19
CA PRO A 27 -20.18 51.27 -19.65
C PRO A 27 -19.48 49.95 -19.33
N HIS A 28 -20.30 48.92 -19.11
CA HIS A 28 -19.77 47.63 -18.66
C HIS A 28 -18.84 47.01 -19.71
N LYS A 29 -19.28 46.95 -20.96
CA LYS A 29 -18.59 46.18 -21.98
C LYS A 29 -18.71 46.85 -23.34
N PHE A 30 -17.59 46.91 -24.05
CA PHE A 30 -17.54 47.39 -25.43
C PHE A 30 -16.78 46.34 -26.23
N GLU A 31 -17.47 45.67 -27.15
CA GLU A 31 -16.85 44.60 -27.93
C GLU A 31 -16.03 45.21 -29.06
N ARG A 32 -14.72 45.08 -28.97
CA ARG A 32 -13.83 45.63 -30.00
C ARG A 32 -13.49 44.56 -31.04
N THR A 33 -13.27 45.03 -32.27
CA THR A 33 -13.04 44.15 -33.41
C THR A 33 -11.57 43.85 -33.63
N ILE A 34 -10.68 44.79 -33.31
CA ILE A 34 -9.28 44.69 -33.67
C ILE A 34 -8.49 45.57 -32.72
N SER A 35 -7.27 45.15 -32.40
CA SER A 35 -6.40 45.95 -31.57
C SER A 35 -5.73 47.04 -32.40
N ILE A 36 -5.07 47.97 -31.71
CA ILE A 36 -4.40 49.09 -32.38
C ILE A 36 -3.15 48.60 -33.10
N PRO A 37 -2.29 47.76 -32.49
CA PRO A 37 -1.19 47.18 -33.29
C PRO A 37 -1.69 46.35 -34.46
N GLU A 38 -2.75 45.56 -34.26
CA GLU A 38 -3.32 44.80 -35.37
C GLU A 38 -3.88 45.73 -36.43
N PHE A 39 -4.43 46.88 -36.01
CA PHE A 39 -4.91 47.88 -36.96
C PHE A 39 -3.76 48.42 -37.81
N ILE A 40 -2.65 48.77 -37.16
CA ILE A 40 -1.50 49.31 -37.88
C ILE A 40 -0.91 48.27 -38.83
N GLU A 41 -0.85 47.01 -38.37
CA GLU A 41 -0.24 45.97 -39.20
C GLU A 41 -1.09 45.63 -40.42
N LYS A 42 -2.42 45.73 -40.30
CA LYS A 42 -3.33 45.32 -41.37
C LYS A 42 -3.54 46.40 -42.42
N TYR A 43 -3.39 47.68 -42.05
CA TYR A 43 -3.75 48.78 -42.93
C TYR A 43 -2.59 49.76 -43.14
N LYS A 44 -1.36 49.39 -42.79
CA LYS A 44 -0.26 50.34 -42.91
C LYS A 44 0.07 50.67 -44.36
N ASP A 45 -0.15 49.72 -45.26
CA ASP A 45 0.27 49.92 -46.65
C ASP A 45 -0.91 50.20 -47.56
N LEU A 46 -1.67 51.24 -47.25
CA LEU A 46 -2.69 51.78 -48.15
C LEU A 46 -2.16 53.07 -48.78
N GLY A 47 -2.72 53.39 -49.95
CA GLY A 47 -2.38 54.66 -50.57
C GLY A 47 -2.80 55.84 -49.73
N ASN A 48 -2.22 57.00 -50.04
CA ASN A 48 -2.50 58.22 -49.29
C ASN A 48 -3.85 58.77 -49.75
N GLY A 49 -4.86 58.63 -48.89
CA GLY A 49 -6.22 59.01 -49.23
C GLY A 49 -7.20 57.87 -49.35
N GLU A 50 -6.78 56.63 -49.06
CA GLU A 50 -7.68 55.49 -49.13
C GLU A 50 -8.80 55.63 -48.10
N HIS A 51 -9.95 55.04 -48.42
CA HIS A 51 -11.11 55.07 -47.54
C HIS A 51 -11.83 53.73 -47.70
N LEU A 52 -11.66 52.84 -46.72
CA LEU A 52 -12.39 51.59 -46.67
C LEU A 52 -13.71 51.78 -45.92
N GLU A 53 -14.56 52.65 -46.50
CA GLU A 53 -15.79 53.09 -45.84
C GLU A 53 -16.71 51.92 -45.51
N ASP A 54 -16.75 50.89 -46.34
CA ASP A 54 -17.64 49.77 -46.08
C ASP A 54 -17.13 48.87 -44.95
N THR A 55 -15.84 48.93 -44.64
CA THR A 55 -15.23 48.06 -43.63
C THR A 55 -15.35 48.73 -42.27
N ILE A 56 -16.39 48.38 -41.53
CA ILE A 56 -16.67 49.00 -40.23
C ILE A 56 -16.04 48.16 -39.13
N LEU A 57 -15.31 48.82 -38.23
CA LEU A 57 -14.61 48.15 -37.14
C LEU A 57 -14.89 48.87 -35.83
N ASN A 58 -14.61 48.17 -34.74
CA ASN A 58 -14.72 48.71 -33.38
C ASN A 58 -13.33 48.71 -32.76
N ILE A 59 -12.76 49.90 -32.59
CA ILE A 59 -11.43 50.05 -32.02
C ILE A 59 -11.56 50.81 -30.71
N THR A 60 -10.56 50.62 -29.84
CA THR A 60 -10.53 51.33 -28.57
C THR A 60 -9.11 51.79 -28.30
N GLY A 61 -8.97 52.72 -27.37
CA GLY A 61 -7.68 53.24 -27.00
C GLY A 61 -7.82 54.46 -26.10
N ARG A 62 -6.68 55.09 -25.84
CA ARG A 62 -6.61 56.25 -24.97
C ARG A 62 -6.27 57.48 -25.80
N ILE A 63 -7.04 58.54 -25.61
CA ILE A 63 -6.79 59.80 -26.31
C ILE A 63 -5.60 60.49 -25.65
N MET A 64 -4.54 60.71 -26.43
CA MET A 64 -3.33 61.35 -25.92
C MET A 64 -3.04 62.70 -26.53
N ARG A 65 -3.75 63.10 -27.57
CA ARG A 65 -3.61 64.43 -28.13
C ARG A 65 -4.96 64.87 -28.70
N VAL A 66 -5.36 66.09 -28.37
CA VAL A 66 -6.60 66.68 -28.88
C VAL A 66 -6.21 67.92 -29.69
N SER A 67 -6.44 67.86 -30.99
CA SER A 67 -6.03 68.94 -31.87
C SER A 67 -7.11 70.03 -31.94
N ALA A 68 -6.71 71.18 -32.45
CA ALA A 68 -7.60 72.33 -32.53
C ALA A 68 -8.83 71.99 -33.34
N SER A 69 -10.00 72.24 -32.74
CA SER A 69 -11.30 71.93 -33.36
C SER A 69 -11.46 72.74 -34.66
N GLY A 70 -11.61 72.05 -35.78
CA GLY A 70 -11.75 72.75 -37.06
C GLY A 70 -13.19 73.00 -37.40
N GLN A 71 -14.11 72.62 -36.52
CA GLN A 71 -15.60 72.75 -36.61
C GLN A 71 -16.30 71.85 -37.63
N LYS A 72 -15.56 71.09 -38.43
CA LYS A 72 -16.12 70.01 -39.28
C LYS A 72 -15.17 68.81 -39.20
N LEU A 73 -13.92 69.04 -38.81
CA LEU A 73 -12.99 67.94 -38.66
C LEU A 73 -12.37 68.02 -37.28
N ARG A 74 -12.31 66.87 -36.59
CA ARG A 74 -11.69 66.78 -35.26
C ARG A 74 -10.59 65.72 -35.31
N PHE A 75 -9.39 66.09 -34.87
CA PHE A 75 -8.23 65.21 -34.90
C PHE A 75 -7.83 64.81 -33.48
N PHE A 76 -7.43 63.55 -33.33
CA PHE A 76 -7.03 63.01 -32.05
C PHE A 76 -5.85 62.07 -32.24
N ASP A 77 -5.17 61.77 -31.14
CA ASP A 77 -4.16 60.72 -31.09
C ASP A 77 -4.70 59.60 -30.20
N LEU A 78 -4.81 58.40 -30.77
CA LEU A 78 -5.26 57.22 -30.05
C LEU A 78 -4.09 56.27 -29.84
N VAL A 79 -3.88 55.84 -28.59
CA VAL A 79 -2.79 54.93 -28.27
C VAL A 79 -3.33 53.69 -27.58
N GLY A 80 -2.63 52.58 -27.79
CA GLY A 80 -2.91 51.31 -27.17
C GLY A 80 -1.75 50.36 -27.41
N ASP A 81 -1.32 49.65 -26.36
CA ASP A 81 -0.22 48.69 -26.46
C ASP A 81 1.07 49.36 -26.94
N GLY A 82 1.25 50.64 -26.62
CA GLY A 82 2.45 51.34 -27.01
C GLY A 82 2.54 51.72 -28.47
N GLU A 83 1.41 51.75 -29.17
CA GLU A 83 1.38 52.14 -30.59
C GLU A 83 0.27 53.15 -30.81
N LYS A 84 0.40 53.93 -31.88
CA LYS A 84 -0.42 55.13 -32.09
C LYS A 84 -1.08 55.12 -33.46
N ILE A 85 -2.33 55.59 -33.51
CA ILE A 85 -3.02 55.92 -34.75
C ILE A 85 -3.75 57.25 -34.57
N GLN A 86 -4.15 57.84 -35.69
CA GLN A 86 -4.86 59.11 -35.70
C GLN A 86 -6.36 58.86 -35.75
N VAL A 87 -7.12 59.70 -35.06
CA VAL A 87 -8.58 59.69 -35.12
C VAL A 87 -8.99 60.91 -35.94
N LEU A 88 -9.59 60.66 -37.10
CA LEU A 88 -10.07 61.73 -37.97
C LEU A 88 -11.60 61.67 -37.96
N ALA A 89 -12.21 62.49 -37.10
CA ALA A 89 -13.66 62.60 -37.00
C ALA A 89 -14.14 63.61 -38.04
N ASN A 90 -14.84 63.13 -39.06
CA ASN A 90 -15.38 63.97 -40.11
C ASN A 90 -16.88 64.15 -39.90
N TYR A 91 -17.35 65.39 -40.09
CA TYR A 91 -18.77 65.68 -39.86
C TYR A 91 -19.66 64.89 -40.81
N SER A 92 -19.21 64.70 -42.05
CA SER A 92 -20.04 64.00 -43.04
C SER A 92 -20.11 62.49 -42.78
N PHE A 93 -19.21 61.94 -41.98
CA PHE A 93 -19.24 60.53 -41.62
C PHE A 93 -19.90 60.27 -40.28
N HIS A 94 -20.34 61.32 -39.59
CA HIS A 94 -20.88 61.18 -38.25
C HIS A 94 -22.31 60.64 -38.29
N ASN A 95 -22.59 59.68 -37.42
CA ASN A 95 -23.94 59.12 -37.31
C ASN A 95 -24.77 60.05 -36.42
N HIS A 96 -25.52 60.96 -37.05
CA HIS A 96 -26.25 61.98 -36.32
C HIS A 96 -27.44 61.44 -35.54
N GLU A 97 -27.78 60.16 -35.71
CA GLU A 97 -28.89 59.57 -34.97
C GLU A 97 -28.58 59.37 -33.49
N LYS A 98 -27.34 59.59 -33.07
CA LYS A 98 -26.91 59.30 -31.70
C LYS A 98 -26.30 60.52 -31.02
N GLY A 99 -26.68 61.72 -31.44
CA GLY A 99 -26.22 62.93 -30.77
C GLY A 99 -25.59 63.96 -31.68
N ASN A 100 -25.54 65.21 -31.20
CA ASN A 100 -24.96 66.29 -31.97
C ASN A 100 -23.45 66.10 -32.13
N PHE A 101 -22.94 66.43 -33.32
CA PHE A 101 -21.54 66.19 -33.60
C PHE A 101 -20.63 66.96 -32.66
N ALA A 102 -20.83 68.28 -32.55
CA ALA A 102 -19.95 69.10 -31.72
C ALA A 102 -20.06 68.73 -30.25
N GLU A 103 -21.28 68.52 -29.75
CA GLU A 103 -21.46 68.21 -28.34
C GLU A 103 -20.81 66.89 -27.95
N CYS A 104 -20.79 65.92 -28.87
CA CYS A 104 -20.16 64.64 -28.58
C CYS A 104 -18.67 64.78 -28.39
N TYR A 105 -17.99 65.46 -29.33
CA TYR A 105 -16.54 65.53 -29.31
C TYR A 105 -16.00 66.64 -28.42
N ASP A 106 -16.82 67.63 -28.07
CA ASP A 106 -16.37 68.66 -27.14
C ASP A 106 -16.09 68.10 -25.75
N LYS A 107 -16.77 67.02 -25.38
CA LYS A 107 -16.57 66.41 -24.07
C LYS A 107 -15.25 65.66 -23.97
N ILE A 108 -14.69 65.22 -25.09
CA ILE A 108 -13.50 64.37 -25.06
C ILE A 108 -12.33 65.18 -24.54
N ARG A 109 -11.68 64.66 -23.50
CA ARG A 109 -10.48 65.24 -22.93
C ARG A 109 -9.29 64.33 -23.17
N ARG A 110 -8.10 64.92 -23.09
CA ARG A 110 -6.87 64.13 -23.21
C ARG A 110 -6.77 63.18 -22.02
N GLY A 111 -6.46 61.92 -22.32
CA GLY A 111 -6.41 60.86 -21.34
C GLY A 111 -7.63 59.95 -21.33
N ASP A 112 -8.74 60.41 -21.91
CA ASP A 112 -9.97 59.64 -21.91
C ASP A 112 -9.79 58.35 -22.72
N ILE A 113 -10.38 57.27 -22.21
CA ILE A 113 -10.43 56.00 -22.93
C ILE A 113 -11.77 55.91 -23.64
N VAL A 114 -11.73 55.66 -24.95
CA VAL A 114 -12.91 55.75 -25.80
C VAL A 114 -13.08 54.47 -26.60
N GLY A 115 -14.31 54.27 -27.07
CA GLY A 115 -14.63 53.21 -28.00
C GLY A 115 -15.18 53.78 -29.30
N ILE A 116 -14.61 53.37 -30.43
CA ILE A 116 -14.87 54.01 -31.71
C ILE A 116 -15.47 52.99 -32.67
N VAL A 117 -16.56 53.37 -33.32
CA VAL A 117 -17.13 52.61 -34.43
C VAL A 117 -16.81 53.39 -35.71
N GLY A 118 -15.93 52.86 -36.54
CA GLY A 118 -15.52 53.58 -37.72
C GLY A 118 -14.85 52.68 -38.74
N PHE A 119 -14.34 53.32 -39.80
CA PHE A 119 -13.69 52.62 -40.90
C PHE A 119 -12.25 53.09 -41.04
N PRO A 120 -11.36 52.24 -41.55
CA PRO A 120 -9.95 52.62 -41.65
C PRO A 120 -9.67 53.42 -42.91
N GLY A 121 -8.69 54.31 -42.80
CA GLY A 121 -8.32 55.13 -43.93
C GLY A 121 -6.99 55.82 -43.67
N LYS A 122 -6.52 56.51 -44.70
CA LYS A 122 -5.29 57.27 -44.64
C LYS A 122 -5.58 58.71 -45.02
N SER A 123 -5.01 59.64 -44.26
CA SER A 123 -5.03 61.03 -44.70
C SER A 123 -4.19 61.17 -45.97
N LYS A 124 -4.52 62.19 -46.75
CA LYS A 124 -3.77 62.36 -48.01
C LYS A 124 -2.34 62.87 -47.78
N LYS A 125 -1.87 62.83 -46.53
CA LYS A 125 -0.51 63.19 -46.17
C LYS A 125 0.34 61.99 -45.81
N GLY A 126 -0.27 60.81 -45.68
CA GLY A 126 0.44 59.60 -45.31
C GLY A 126 0.16 59.08 -43.91
N GLU A 127 -0.82 59.63 -43.20
CA GLU A 127 -1.07 59.29 -41.81
C GLU A 127 -2.23 58.31 -41.72
N LEU A 128 -1.94 57.10 -41.23
CA LEU A 128 -2.99 56.12 -40.98
C LEU A 128 -3.93 56.64 -39.91
N SER A 129 -5.23 56.61 -40.21
CA SER A 129 -6.25 57.17 -39.33
C SER A 129 -7.40 56.20 -39.20
N ILE A 130 -8.19 56.39 -38.14
CA ILE A 130 -9.50 55.76 -37.99
C ILE A 130 -10.56 56.84 -38.17
N PHE A 131 -11.59 56.54 -38.93
CA PHE A 131 -12.63 57.51 -39.24
C PHE A 131 -13.92 57.16 -38.51
N PRO A 132 -14.18 57.74 -37.34
CA PRO A 132 -15.34 57.34 -36.56
C PRO A 132 -16.66 57.83 -37.15
N LYS A 133 -17.69 57.01 -36.95
CA LYS A 133 -19.08 57.45 -37.06
C LYS A 133 -19.76 57.56 -35.71
N GLU A 134 -19.10 57.12 -34.64
CA GLU A 134 -19.61 57.22 -33.28
C GLU A 134 -18.46 56.99 -32.32
N THR A 135 -18.33 57.86 -31.32
CA THR A 135 -17.32 57.71 -30.29
C THR A 135 -18.00 57.73 -28.93
N ILE A 136 -17.71 56.72 -28.12
CA ILE A 136 -18.29 56.58 -26.79
C ILE A 136 -17.18 56.70 -25.76
N LEU A 137 -17.47 57.38 -24.65
CA LEU A 137 -16.55 57.42 -23.54
C LEU A 137 -16.61 56.09 -22.79
N LEU A 138 -15.47 55.43 -22.66
CA LEU A 138 -15.38 54.16 -21.93
C LEU A 138 -15.00 54.37 -20.47
N SER A 139 -14.02 55.23 -20.21
CA SER A 139 -13.71 55.66 -18.85
C SER A 139 -12.85 56.91 -18.94
N ALA A 140 -13.14 57.89 -18.11
CA ALA A 140 -12.53 59.21 -18.22
C ALA A 140 -11.27 59.32 -17.35
N CYS A 141 -10.34 60.15 -17.82
CA CYS A 141 -9.18 60.58 -17.06
C CYS A 141 -9.53 61.89 -16.36
N LEU A 142 -9.63 61.86 -15.04
CA LEU A 142 -10.10 63.00 -14.26
C LEU A 142 -8.98 63.97 -13.88
N HIS A 143 -7.72 63.57 -14.06
CA HIS A 143 -6.58 64.45 -13.83
C HIS A 143 -5.96 64.85 -15.16
N MET A 144 -5.09 65.85 -15.11
CA MET A 144 -4.37 66.30 -16.29
C MET A 144 -3.04 65.55 -16.37
N LEU A 145 -2.81 64.85 -17.47
CA LEU A 145 -1.58 64.07 -17.62
C LEU A 145 -0.40 65.00 -17.88
N PRO A 146 0.80 64.59 -17.49
CA PRO A 146 2.00 65.30 -17.94
C PRO A 146 2.19 65.11 -19.44
N MET A 147 3.13 65.84 -20.00
CA MET A 147 3.34 65.84 -21.44
C MET A 147 4.60 65.06 -21.81
N LYS A 148 4.88 64.99 -23.11
CA LYS A 148 5.79 64.00 -23.67
C LYS A 148 7.18 64.01 -23.03
N TYR A 149 7.60 65.14 -22.44
CA TYR A 149 8.93 65.22 -21.85
C TYR A 149 8.89 65.88 -20.48
N GLY A 150 7.75 65.81 -19.80
CA GLY A 150 7.59 66.44 -18.51
C GLY A 150 7.34 65.48 -17.38
N LEU A 151 8.03 64.34 -17.39
CA LEU A 151 7.92 63.33 -16.34
C LEU A 151 9.32 62.82 -16.00
N LYS A 152 10.18 63.72 -15.53
CA LYS A 152 11.55 63.37 -15.15
C LYS A 152 11.79 63.42 -13.65
N ASP A 153 10.91 64.05 -12.87
CA ASP A 153 10.82 63.77 -11.44
C ASP A 153 10.41 62.32 -11.32
N THR A 154 11.35 61.46 -10.90
CA THR A 154 11.11 60.03 -10.94
C THR A 154 10.57 59.44 -9.65
N GLU A 155 10.54 60.22 -8.57
CA GLU A 155 9.69 59.81 -7.48
C GLU A 155 8.22 59.84 -7.87
N ILE A 156 7.91 60.42 -9.05
CA ILE A 156 6.62 60.21 -9.68
C ILE A 156 6.61 58.90 -10.46
N ARG A 157 7.66 58.67 -11.27
CA ARG A 157 7.73 57.45 -12.06
C ARG A 157 7.74 56.20 -11.18
N TYR A 158 8.32 56.30 -9.98
CA TYR A 158 8.39 55.14 -9.11
C TYR A 158 7.12 54.97 -8.29
N ARG A 159 6.54 56.07 -7.80
CA ARG A 159 5.32 55.99 -7.01
C ARG A 159 4.07 55.85 -7.89
N GLN A 160 4.10 56.39 -9.11
CA GLN A 160 2.97 56.30 -10.04
C GLN A 160 3.47 55.69 -11.36
N ARG A 161 3.77 54.40 -11.34
CA ARG A 161 4.35 53.74 -12.50
C ARG A 161 3.41 53.72 -13.69
N TYR A 162 2.10 53.89 -13.46
CA TYR A 162 1.17 53.92 -14.59
C TYR A 162 1.37 55.18 -15.43
N LEU A 163 1.67 56.31 -14.79
CA LEU A 163 1.97 57.53 -15.55
C LEU A 163 3.26 57.38 -16.33
N ASP A 164 4.26 56.72 -15.74
CA ASP A 164 5.50 56.46 -16.45
C ASP A 164 5.24 55.61 -17.69
N LEU A 165 4.47 54.53 -17.53
CA LEU A 165 4.21 53.62 -18.63
C LEU A 165 3.37 54.26 -19.73
N LEU A 166 2.59 55.29 -19.41
CA LEU A 166 1.80 55.97 -20.42
C LEU A 166 2.60 57.03 -21.18
N ILE A 167 3.47 57.77 -20.49
CA ILE A 167 4.07 58.97 -21.07
C ILE A 167 5.43 58.68 -21.70
N ASN A 168 6.23 57.84 -21.06
CA ASN A 168 7.61 57.60 -21.47
C ASN A 168 7.71 56.32 -22.28
N GLU A 169 8.04 56.44 -23.56
CA GLU A 169 8.09 55.28 -24.43
C GLU A 169 9.13 54.27 -23.98
N SER A 170 10.23 54.75 -23.37
CA SER A 170 11.31 53.86 -22.98
C SER A 170 10.94 52.98 -21.79
N SER A 171 9.95 53.39 -21.01
CA SER A 171 9.62 52.66 -19.80
C SER A 171 9.00 51.30 -20.12
N ARG A 172 8.01 51.28 -21.01
CA ARG A 172 7.42 50.02 -21.44
C ARG A 172 8.47 49.11 -22.08
N HIS A 173 9.36 49.68 -22.90
N HIS A 173 9.37 49.68 -22.89
CA HIS A 173 10.42 48.88 -23.50
CA HIS A 173 10.42 48.89 -23.49
C HIS A 173 11.35 48.30 -22.45
C HIS A 173 11.32 48.28 -22.43
N THR A 174 11.56 49.01 -21.35
CA THR A 174 12.45 48.50 -20.29
C THR A 174 11.86 47.28 -19.62
N PHE A 175 10.56 47.31 -19.30
CA PHE A 175 9.95 46.20 -18.59
C PHE A 175 9.60 45.04 -19.51
N VAL A 176 9.32 45.31 -20.79
CA VAL A 176 9.19 44.22 -21.76
C VAL A 176 10.51 43.46 -21.89
N THR A 177 11.63 44.19 -21.89
CA THR A 177 12.94 43.55 -21.96
C THR A 177 13.19 42.68 -20.73
N ARG A 178 12.73 43.14 -19.56
CA ARG A 178 12.88 42.35 -18.35
C ARG A 178 12.14 41.03 -18.45
N THR A 179 10.93 41.04 -19.00
CA THR A 179 10.19 39.80 -19.18
C THR A 179 10.85 38.94 -20.26
N LYS A 180 11.34 39.56 -21.33
CA LYS A 180 12.08 38.82 -22.34
C LYS A 180 13.30 38.14 -21.73
N ILE A 181 13.97 38.82 -20.80
CA ILE A 181 15.12 38.24 -20.12
C ILE A 181 14.70 37.01 -19.31
N ILE A 182 13.66 37.15 -18.49
CA ILE A 182 13.26 36.05 -17.62
C ILE A 182 12.72 34.89 -18.44
N ASN A 183 11.92 35.18 -19.46
CA ASN A 183 11.47 34.14 -20.37
C ASN A 183 12.64 33.40 -20.99
N PHE A 184 13.64 34.14 -21.49
CA PHE A 184 14.81 33.50 -22.08
C PHE A 184 15.53 32.62 -21.07
N LEU A 185 15.63 33.09 -19.82
CA LEU A 185 16.30 32.30 -18.79
C LEU A 185 15.53 31.01 -18.51
N ARG A 186 14.20 31.11 -18.42
CA ARG A 186 13.40 29.92 -18.14
C ARG A 186 13.51 28.89 -19.25
N ASN A 187 13.44 29.33 -20.51
CA ASN A 187 13.54 28.39 -21.61
C ASN A 187 14.97 27.84 -21.76
N PHE A 188 15.97 28.65 -21.41
CA PHE A 188 17.35 28.17 -21.41
C PHE A 188 17.51 26.98 -20.47
N LEU A 189 17.01 27.11 -19.24
CA LEU A 189 17.13 26.02 -18.28
C LEU A 189 16.22 24.85 -18.66
N ASN A 190 15.01 25.14 -19.14
CA ASN A 190 14.10 24.06 -19.51
C ASN A 190 14.61 23.27 -20.71
N GLU A 191 15.30 23.93 -21.64
CA GLU A 191 15.82 23.23 -22.81
C GLU A 191 16.90 22.23 -22.44
N ARG A 192 17.58 22.42 -21.30
CA ARG A 192 18.65 21.55 -20.87
C ARG A 192 18.24 20.58 -19.77
N GLY A 193 16.93 20.32 -19.64
CA GLY A 193 16.43 19.33 -18.71
C GLY A 193 16.16 19.81 -17.30
N PHE A 194 16.19 21.11 -17.05
CA PHE A 194 16.00 21.58 -15.69
C PHE A 194 14.51 21.63 -15.34
N PHE A 195 14.24 21.61 -14.05
CA PHE A 195 12.89 21.42 -13.51
C PHE A 195 12.57 22.54 -12.53
N GLU A 196 11.56 23.34 -12.85
CA GLU A 196 11.22 24.48 -12.01
C GLU A 196 10.37 24.04 -10.82
N VAL A 197 10.63 24.63 -9.66
CA VAL A 197 9.96 24.26 -8.41
C VAL A 197 9.70 25.53 -7.60
N GLU A 198 9.03 25.34 -6.47
CA GLU A 198 8.79 26.44 -5.52
C GLU A 198 9.14 25.96 -4.12
N THR A 199 10.01 26.69 -3.45
CA THR A 199 10.38 26.45 -2.06
C THR A 199 9.69 27.48 -1.17
N PRO A 200 9.71 27.28 0.16
CA PRO A 200 9.00 28.23 1.03
C PRO A 200 9.67 29.58 1.07
N MET A 201 8.84 30.61 1.16
CA MET A 201 9.32 31.95 1.42
C MET A 201 9.45 32.23 2.91
N MET A 202 8.83 31.42 3.76
CA MET A 202 8.87 31.58 5.21
C MET A 202 9.47 30.30 5.82
N ASN A 203 10.51 30.47 6.62
CA ASN A 203 11.16 29.37 7.32
C ASN A 203 11.45 29.82 8.75
N LEU A 204 11.97 28.89 9.56
CA LEU A 204 12.42 29.23 10.91
C LEU A 204 13.88 29.65 10.95
N ILE A 205 14.64 29.38 9.90
CA ILE A 205 16.01 29.86 9.77
C ILE A 205 16.15 30.52 8.41
N ALA A 206 17.09 31.47 8.32
CA ALA A 206 17.39 32.18 7.08
C ALA A 206 18.83 31.87 6.71
N GLY A 207 19.02 30.88 5.84
CA GLY A 207 20.33 30.46 5.41
C GLY A 207 20.48 30.55 3.90
N GLY A 208 21.69 30.27 3.44
CA GLY A 208 22.02 30.33 2.03
C GLY A 208 22.75 31.59 1.61
N ALA A 209 23.00 32.51 2.54
CA ALA A 209 23.71 33.76 2.28
C ALA A 209 24.09 34.35 3.62
N ASN A 210 24.49 35.63 3.62
CA ASN A 210 24.94 36.34 4.82
C ASN A 210 24.25 37.71 4.84
N ALA A 211 23.01 37.74 5.35
CA ALA A 211 22.24 38.98 5.35
C ALA A 211 21.21 38.94 6.47
N ARG A 212 20.89 40.12 7.00
CA ARG A 212 19.84 40.22 8.00
C ARG A 212 18.49 39.89 7.38
N PRO A 213 17.64 39.15 8.09
CA PRO A 213 16.37 38.71 7.48
C PRO A 213 15.15 39.47 7.99
N PHE A 214 14.09 39.46 7.20
CA PHE A 214 12.79 39.93 7.63
C PHE A 214 12.15 38.87 8.54
N ILE A 215 11.65 39.30 9.69
CA ILE A 215 10.98 38.40 10.62
C ILE A 215 9.51 38.78 10.69
N THR A 216 8.66 37.77 10.79
CA THR A 216 7.22 37.98 10.91
C THR A 216 6.61 36.79 11.65
N HIS A 217 5.36 36.97 12.09
CA HIS A 217 4.69 36.05 13.00
C HIS A 217 3.50 35.41 12.32
N HIS A 218 3.31 34.11 12.56
CA HIS A 218 2.12 33.40 12.11
C HIS A 218 1.15 33.35 13.28
N ASN A 219 0.03 34.04 13.14
CA ASN A 219 -0.88 34.31 14.26
C ASN A 219 -1.42 33.03 14.88
N ASP A 220 -2.23 32.28 14.12
CA ASP A 220 -2.89 31.10 14.68
C ASP A 220 -1.91 29.99 15.01
N LEU A 221 -0.78 29.93 14.30
CA LEU A 221 0.25 28.95 14.61
C LEU A 221 1.15 29.38 15.77
N ASP A 222 1.15 30.67 16.12
CA ASP A 222 1.99 31.23 17.18
C ASP A 222 3.45 30.84 16.98
N LEU A 223 4.04 31.39 15.92
CA LEU A 223 5.41 31.09 15.56
C LEU A 223 6.02 32.29 14.85
N ASP A 224 7.32 32.51 15.09
CA ASP A 224 8.06 33.60 14.48
C ASP A 224 8.89 33.03 13.32
N LEU A 225 8.56 33.44 12.11
CA LEU A 225 9.18 32.94 10.90
C LEU A 225 10.07 34.00 10.26
N TYR A 226 11.00 33.54 9.42
CA TYR A 226 11.97 34.39 8.74
C TYR A 226 11.74 34.29 7.24
N LEU A 227 11.68 35.44 6.58
CA LEU A 227 11.61 35.44 5.12
C LEU A 227 12.93 34.95 4.55
N ARG A 228 12.85 34.20 3.45
CA ARG A 228 14.05 33.60 2.88
C ARG A 228 14.97 34.68 2.33
N ILE A 229 16.27 34.55 2.63
CA ILE A 229 17.30 35.38 2.02
C ILE A 229 17.88 34.73 0.76
N ALA A 230 17.59 33.46 0.52
CA ALA A 230 18.12 32.71 -0.60
C ALA A 230 17.34 31.41 -0.73
N THR A 231 17.40 30.81 -1.91
CA THR A 231 16.75 29.53 -2.18
C THR A 231 17.74 28.36 -2.09
N GLU A 232 18.94 28.60 -1.57
CA GLU A 232 20.04 27.64 -1.68
C GLU A 232 19.74 26.33 -0.95
N LEU A 233 19.33 26.40 0.32
CA LEU A 233 19.24 25.18 1.11
C LEU A 233 18.15 24.24 0.64
N PRO A 234 16.88 24.66 0.53
CA PRO A 234 15.84 23.69 0.10
C PRO A 234 16.05 23.14 -1.30
N LEU A 235 16.62 23.94 -2.21
CA LEU A 235 16.92 23.41 -3.54
C LEU A 235 17.93 22.27 -3.47
N LYS A 236 18.95 22.41 -2.61
CA LYS A 236 19.92 21.34 -2.45
C LYS A 236 19.28 20.09 -1.88
N MET A 237 18.31 20.25 -0.98
CA MET A 237 17.58 19.10 -0.47
C MET A 237 16.81 18.39 -1.57
N LEU A 238 16.43 19.11 -2.63
CA LEU A 238 15.73 18.47 -3.73
C LEU A 238 16.67 17.62 -4.58
N ILE A 239 17.93 18.04 -4.71
CA ILE A 239 18.94 17.18 -5.33
C ILE A 239 19.07 15.87 -4.55
N VAL A 240 19.09 15.95 -3.23
CA VAL A 240 19.09 14.74 -2.41
C VAL A 240 17.88 13.87 -2.74
N GLY A 241 16.74 14.52 -2.98
CA GLY A 241 15.53 13.80 -3.39
C GLY A 241 15.59 13.23 -4.79
N GLY A 242 16.64 13.52 -5.55
CA GLY A 242 16.80 12.95 -6.87
C GLY A 242 16.33 13.81 -8.02
N ILE A 243 16.01 15.08 -7.78
CA ILE A 243 15.72 16.02 -8.86
C ILE A 243 17.08 16.62 -9.26
N ASP A 244 17.72 15.99 -10.25
CA ASP A 244 19.12 16.26 -10.52
C ASP A 244 19.37 17.61 -11.20
N LYS A 245 18.36 18.19 -11.86
CA LYS A 245 18.44 19.52 -12.41
C LYS A 245 17.21 20.30 -11.94
N VAL A 246 17.41 21.22 -11.00
CA VAL A 246 16.29 21.92 -10.37
C VAL A 246 16.62 23.41 -10.27
N TYR A 247 15.57 24.24 -10.32
CA TYR A 247 15.78 25.68 -10.23
C TYR A 247 14.51 26.38 -9.78
N GLU A 248 14.66 27.65 -9.43
CA GLU A 248 13.56 28.49 -8.98
C GLU A 248 13.86 29.94 -9.36
N ILE A 249 12.86 30.62 -9.92
CA ILE A 249 12.93 32.04 -10.22
C ILE A 249 11.88 32.75 -9.37
N GLY A 250 12.33 33.48 -8.36
CA GLY A 250 11.38 34.17 -7.51
C GLY A 250 12.05 35.19 -6.63
N LYS A 251 11.26 35.76 -5.73
CA LYS A 251 11.75 36.81 -4.85
C LYS A 251 12.50 36.25 -3.66
N VAL A 252 13.53 36.96 -3.22
CA VAL A 252 14.18 36.73 -1.93
C VAL A 252 14.24 38.07 -1.20
N PHE A 253 14.45 38.00 0.10
CA PHE A 253 14.28 39.17 0.96
C PHE A 253 15.49 39.33 1.86
N ARG A 254 16.09 40.51 1.85
CA ARG A 254 17.29 40.78 2.63
C ARG A 254 17.15 42.14 3.29
N ASN A 255 17.17 42.14 4.62
CA ASN A 255 16.80 43.32 5.40
C ASN A 255 18.03 44.19 5.64
N GLU A 256 18.44 44.89 4.59
CA GLU A 256 19.62 45.74 4.64
C GLU A 256 19.29 47.08 3.98
N GLY A 257 20.33 47.82 3.59
CA GLY A 257 20.15 49.17 3.11
C GLY A 257 19.80 49.23 1.63
N ILE A 258 19.11 50.29 1.25
CA ILE A 258 18.69 50.52 -0.13
C ILE A 258 19.69 51.46 -0.79
N ASP A 259 20.11 51.11 -2.00
CA ASP A 259 20.84 52.04 -2.87
C ASP A 259 20.48 51.71 -4.32
N ASN A 260 21.35 52.09 -5.25
CA ASN A 260 21.04 51.96 -6.68
C ASN A 260 21.14 50.52 -7.15
N THR A 261 21.77 49.64 -6.38
CA THR A 261 21.93 48.24 -6.76
C THR A 261 21.37 47.29 -5.71
N HIS A 262 20.70 47.81 -4.67
CA HIS A 262 20.13 46.99 -3.61
C HIS A 262 18.68 47.39 -3.39
N ASN A 263 17.78 46.41 -3.48
CA ASN A 263 16.39 46.58 -3.08
C ASN A 263 16.05 45.48 -2.08
N PRO A 264 15.38 45.81 -0.97
CA PRO A 264 15.15 44.81 0.10
C PRO A 264 14.50 43.53 -0.37
N GLU A 265 13.61 43.58 -1.37
CA GLU A 265 13.14 42.39 -2.05
C GLU A 265 13.58 42.47 -3.51
N PHE A 266 14.18 41.39 -4.00
CA PHE A 266 14.66 41.35 -5.37
C PHE A 266 14.52 39.93 -5.91
N THR A 267 14.50 39.84 -7.23
CA THR A 267 14.27 38.57 -7.91
C THR A 267 15.60 37.88 -8.19
N SER A 268 15.74 36.67 -7.67
CA SER A 268 16.90 35.83 -7.94
C SER A 268 16.44 34.55 -8.63
N CYS A 269 17.41 33.88 -9.25
CA CYS A 269 17.20 32.57 -9.82
C CYS A 269 18.38 31.72 -9.41
N GLU A 270 18.11 30.60 -8.74
CA GLU A 270 19.15 29.65 -8.38
C GLU A 270 18.83 28.32 -9.03
N PHE A 271 19.83 27.70 -9.64
CA PHE A 271 19.69 26.35 -10.15
C PHE A 271 20.76 25.46 -9.56
N TYR A 272 20.49 24.16 -9.52
CA TYR A 272 21.42 23.17 -9.01
C TYR A 272 21.50 22.02 -10.00
N TRP A 273 22.73 21.53 -10.17
CA TRP A 273 23.07 20.69 -11.32
C TRP A 273 23.91 19.53 -10.80
N ALA A 274 23.26 18.38 -10.62
CA ALA A 274 23.93 17.21 -10.08
C ALA A 274 25.00 16.72 -11.06
N TYR A 275 26.14 16.28 -10.50
CA TYR A 275 27.26 15.73 -11.26
C TYR A 275 27.97 16.78 -12.12
N ALA A 276 27.89 18.04 -11.69
CA ALA A 276 28.50 19.16 -12.39
C ALA A 276 29.31 19.97 -11.39
N ASP A 277 30.39 20.59 -11.88
CA ASP A 277 31.28 21.31 -10.96
C ASP A 277 31.58 22.73 -11.43
N TYR A 278 32.59 23.33 -10.79
CA TYR A 278 32.99 24.70 -11.08
C TYR A 278 33.22 24.93 -12.57
N ASN A 279 33.90 23.99 -13.23
CA ASN A 279 34.18 24.15 -14.65
C ASN A 279 32.90 24.12 -15.48
N ASP A 280 31.94 23.28 -15.11
CA ASP A 280 30.66 23.26 -15.81
C ASP A 280 29.93 24.58 -15.63
N LEU A 281 30.03 25.17 -14.44
CA LEU A 281 29.31 26.41 -14.14
C LEU A 281 29.94 27.60 -14.87
N ILE A 282 31.26 27.59 -15.05
CA ILE A 282 31.93 28.66 -15.78
C ILE A 282 31.41 28.72 -17.21
N LYS A 283 31.33 27.57 -17.88
CA LYS A 283 30.91 27.55 -19.27
C LYS A 283 29.42 27.87 -19.40
N TRP A 284 28.62 27.46 -18.42
CA TRP A 284 27.21 27.81 -18.45
C TRP A 284 27.03 29.33 -18.42
N SER A 285 27.77 29.99 -17.52
CA SER A 285 27.70 31.45 -17.42
C SER A 285 28.07 32.11 -18.74
N GLU A 286 29.15 31.65 -19.37
CA GLU A 286 29.58 32.22 -20.64
C GLU A 286 28.57 31.92 -21.74
N ASP A 287 28.06 30.69 -21.80
CA ASP A 287 27.05 30.36 -22.81
C ASP A 287 25.80 31.22 -22.63
N PHE A 288 25.33 31.35 -21.39
CA PHE A 288 24.05 32.02 -21.15
C PHE A 288 24.13 33.52 -21.43
N PHE A 289 25.11 34.21 -20.85
CA PHE A 289 25.20 35.64 -21.00
C PHE A 289 25.46 36.03 -22.44
N SER A 290 26.39 35.33 -23.12
CA SER A 290 26.65 35.63 -24.52
C SER A 290 25.42 35.37 -25.38
N GLN A 291 24.71 34.27 -25.13
CA GLN A 291 23.53 33.97 -25.92
C GLN A 291 22.37 34.92 -25.61
N LEU A 292 22.24 35.30 -24.34
CA LEU A 292 21.17 36.22 -23.95
C LEU A 292 21.37 37.58 -24.58
N VAL A 293 22.58 38.13 -24.47
CA VAL A 293 22.87 39.45 -25.04
C VAL A 293 22.67 39.42 -26.55
N TYR A 294 23.13 38.37 -27.22
CA TYR A 294 22.92 38.27 -28.66
C TYR A 294 21.43 38.17 -28.99
N HIS A 295 20.66 37.51 -28.12
CA HIS A 295 19.24 37.33 -28.39
C HIS A 295 18.47 38.65 -28.32
N LEU A 296 18.89 39.54 -27.42
CA LEU A 296 18.24 40.84 -27.28
C LEU A 296 18.74 41.87 -28.27
N PHE A 297 20.01 41.80 -28.68
CA PHE A 297 20.61 42.88 -29.45
C PHE A 297 21.13 42.48 -30.83
N GLY A 298 21.24 41.19 -31.13
CA GLY A 298 21.84 40.79 -32.39
C GLY A 298 23.32 41.00 -32.47
N THR A 299 23.98 41.11 -31.32
CA THR A 299 25.42 41.34 -31.24
C THR A 299 25.83 41.04 -29.81
N TYR A 300 27.15 40.95 -29.60
CA TYR A 300 27.67 40.67 -28.26
C TYR A 300 28.11 41.92 -27.52
N LYS A 301 28.25 43.05 -28.22
CA LYS A 301 28.65 44.30 -27.60
C LYS A 301 27.41 45.15 -27.31
N ILE A 302 27.37 45.73 -26.10
CA ILE A 302 26.32 46.67 -25.74
C ILE A 302 26.95 47.94 -25.20
N SER A 303 26.17 49.01 -25.20
CA SER A 303 26.58 50.30 -24.65
C SER A 303 25.88 50.51 -23.31
N TYR A 304 26.61 51.06 -22.33
CA TYR A 304 26.05 51.23 -21.00
C TYR A 304 26.60 52.50 -20.37
N ASN A 305 25.70 53.31 -19.80
CA ASN A 305 26.08 54.58 -19.20
C ASN A 305 26.46 54.38 -17.73
N LYS A 306 27.61 53.75 -17.52
CA LYS A 306 28.06 53.45 -16.17
C LYS A 306 28.27 54.71 -15.34
N ASP A 307 28.49 55.85 -15.97
CA ASP A 307 28.65 57.12 -15.27
C ASP A 307 27.43 58.03 -15.41
N GLY A 308 26.30 57.47 -15.84
CA GLY A 308 25.07 58.22 -15.94
C GLY A 308 24.75 58.63 -17.37
N PRO A 309 23.52 59.10 -17.59
CA PRO A 309 23.13 59.54 -18.95
C PRO A 309 23.78 60.84 -19.37
N GLU A 310 24.42 61.56 -18.47
CA GLU A 310 25.07 62.84 -18.80
C GLU A 310 26.53 62.65 -19.20
N ASN A 311 27.04 61.42 -19.17
CA ASN A 311 28.42 61.14 -19.49
C ASN A 311 28.50 60.14 -20.64
N GLN A 312 29.65 60.09 -21.30
CA GLN A 312 29.84 59.17 -22.40
C GLN A 312 29.71 57.73 -21.91
N PRO A 313 28.96 56.88 -22.60
CA PRO A 313 28.85 55.48 -22.18
C PRO A 313 30.08 54.69 -22.58
N ILE A 314 30.10 53.43 -22.14
CA ILE A 314 31.18 52.50 -22.48
C ILE A 314 30.60 51.28 -23.16
N GLU A 315 31.46 50.57 -23.88
CA GLU A 315 31.10 49.33 -24.54
C GLU A 315 31.40 48.16 -23.61
N ILE A 316 30.45 47.23 -23.50
CA ILE A 316 30.63 46.00 -22.74
C ILE A 316 30.54 44.85 -23.72
N ASP A 317 31.65 44.15 -23.92
CA ASP A 317 31.72 43.01 -24.83
C ASP A 317 31.41 41.72 -24.08
N PHE A 318 30.35 41.02 -24.50
CA PHE A 318 29.97 39.75 -23.91
C PHE A 318 30.49 38.56 -24.71
N THR A 319 31.47 38.78 -25.58
CA THR A 319 32.07 37.68 -26.35
C THR A 319 32.83 36.76 -25.41
N PRO A 320 32.50 35.47 -25.35
CA PRO A 320 33.25 34.55 -24.48
C PRO A 320 34.59 34.22 -25.09
N PRO A 321 35.58 33.81 -24.28
CA PRO A 321 35.49 33.55 -22.84
C PRO A 321 35.74 34.80 -21.99
N TYR A 322 35.31 34.76 -20.76
CA TYR A 322 35.58 35.92 -19.94
C TYR A 322 36.79 35.65 -19.03
N PRO A 323 37.52 36.69 -18.62
CA PRO A 323 38.70 36.46 -17.78
C PRO A 323 38.35 35.89 -16.41
N LYS A 324 39.32 35.17 -15.84
CA LYS A 324 39.21 34.59 -14.51
C LYS A 324 40.33 35.15 -13.63
N VAL A 325 39.96 35.66 -12.46
CA VAL A 325 40.90 36.27 -11.53
C VAL A 325 40.73 35.60 -10.18
N SER A 326 41.81 35.06 -9.63
CA SER A 326 41.73 34.42 -8.33
C SER A 326 42.04 35.47 -7.28
N ILE A 327 41.15 35.59 -6.29
CA ILE A 327 41.07 36.80 -5.49
C ILE A 327 42.31 36.98 -4.63
N VAL A 328 42.74 35.92 -3.93
CA VAL A 328 43.90 36.04 -3.06
C VAL A 328 45.16 36.35 -3.86
N GLU A 329 45.34 35.65 -4.99
CA GLU A 329 46.53 35.88 -5.80
C GLU A 329 46.60 37.31 -6.32
N GLU A 330 45.46 37.88 -6.74
CA GLU A 330 45.48 39.22 -7.28
C GLU A 330 45.67 40.27 -6.20
N ILE A 331 45.04 40.07 -5.04
CA ILE A 331 45.29 40.97 -3.91
C ILE A 331 46.77 40.98 -3.58
N GLU A 332 47.43 39.83 -3.69
CA GLU A 332 48.86 39.75 -3.41
C GLU A 332 49.68 40.47 -4.48
N LYS A 333 49.23 40.43 -5.73
CA LYS A 333 49.98 41.08 -6.81
C LYS A 333 49.79 42.59 -6.79
N VAL A 334 48.58 43.07 -6.49
CA VAL A 334 48.31 44.49 -6.53
C VAL A 334 48.91 45.20 -5.33
N THR A 335 48.87 44.57 -4.15
CA THR A 335 49.39 45.17 -2.93
C THR A 335 50.85 44.82 -2.66
N ASN A 336 51.45 44.02 -3.53
CA ASN A 336 52.86 43.58 -3.38
C ASN A 336 53.13 42.98 -2.01
N THR A 337 52.15 42.29 -1.45
CA THR A 337 52.26 41.57 -0.19
C THR A 337 51.84 40.12 -0.41
N ILE A 338 52.27 39.25 0.51
CA ILE A 338 51.89 37.84 0.51
C ILE A 338 51.15 37.56 1.81
N LEU A 339 49.92 37.06 1.71
CA LEU A 339 49.10 36.76 2.89
C LEU A 339 49.14 35.26 3.15
N GLU A 340 49.97 34.86 4.11
CA GLU A 340 50.14 33.45 4.46
C GLU A 340 48.87 32.88 5.08
N GLN A 341 48.78 31.53 5.05
CA GLN A 341 47.66 30.85 5.66
C GLN A 341 48.03 30.28 7.02
N PRO A 342 47.08 30.19 7.97
CA PRO A 342 45.66 30.50 7.85
C PRO A 342 45.38 31.99 7.69
N PHE A 343 44.19 32.33 7.21
CA PHE A 343 43.86 33.73 6.97
C PHE A 343 43.40 34.41 8.26
N ASP A 344 42.77 33.67 9.17
CA ASP A 344 42.48 34.19 10.50
C ASP A 344 43.69 34.19 11.41
N SER A 345 44.88 33.90 10.88
CA SER A 345 46.13 34.12 11.59
C SER A 345 46.19 35.55 12.11
N ASN A 346 46.90 35.75 13.21
CA ASN A 346 46.97 37.09 13.78
C ASN A 346 48.00 37.95 13.06
N GLU A 347 49.02 37.35 12.47
CA GLU A 347 49.93 38.14 11.65
C GLU A 347 49.35 38.43 10.28
N THR A 348 48.50 37.54 9.75
CA THR A 348 47.86 37.80 8.46
C THR A 348 46.73 38.81 8.61
N ILE A 349 46.00 38.76 9.74
CA ILE A 349 45.05 39.82 10.04
C ILE A 349 45.77 41.15 10.15
N GLU A 350 46.92 41.17 10.82
CA GLU A 350 47.66 42.41 11.03
C GLU A 350 48.06 43.05 9.70
N LYS A 351 48.67 42.26 8.79
CA LYS A 351 49.12 42.85 7.54
C LYS A 351 47.95 43.15 6.60
N MET A 352 46.85 42.40 6.71
CA MET A 352 45.66 42.77 5.97
C MET A 352 45.11 44.11 6.47
N ILE A 353 45.26 44.38 7.77
CA ILE A 353 44.80 45.66 8.32
C ILE A 353 45.73 46.78 7.89
N ASN A 354 47.04 46.53 7.89
CA ASN A 354 48.00 47.57 7.53
C ASN A 354 47.90 47.95 6.06
N ILE A 355 47.42 47.04 5.21
CA ILE A 355 47.20 47.37 3.80
C ILE A 355 45.98 48.26 3.66
N ILE A 356 44.88 47.86 4.29
CA ILE A 356 43.66 48.66 4.28
C ILE A 356 43.93 50.06 4.79
N LYS A 357 44.93 50.25 5.64
CA LYS A 357 45.18 51.60 6.13
C LYS A 357 46.32 52.32 5.40
N GLU A 358 47.18 51.59 4.68
CA GLU A 358 48.12 52.24 3.79
C GLU A 358 47.45 52.75 2.51
N HIS A 359 46.25 52.27 2.20
CA HIS A 359 45.53 52.66 1.01
C HIS A 359 44.27 53.48 1.30
N LYS A 360 44.10 53.93 2.55
CA LYS A 360 42.98 54.78 2.95
C LYS A 360 41.63 54.14 2.60
N ILE A 361 41.37 53.00 3.25
CA ILE A 361 40.17 52.22 2.99
C ILE A 361 39.38 52.08 4.29
N GLU A 362 38.06 52.02 4.14
CA GLU A 362 37.18 51.83 5.29
C GLU A 362 37.45 50.50 5.97
N LEU A 363 37.52 50.52 7.30
CA LEU A 363 37.71 49.33 8.11
C LEU A 363 36.37 48.70 8.44
N PRO A 364 36.20 47.39 8.28
CA PRO A 364 34.90 46.77 8.52
C PRO A 364 34.52 46.80 10.00
N ASN A 365 33.20 46.81 10.25
CA ASN A 365 32.70 46.91 11.61
C ASN A 365 33.17 45.74 12.48
N PRO A 366 32.95 44.48 12.12
CA PRO A 366 33.66 43.40 12.81
C PRO A 366 34.92 43.05 12.07
N PRO A 367 36.09 43.33 12.65
CA PRO A 367 37.35 43.11 11.92
C PRO A 367 37.68 41.64 11.71
N THR A 368 36.76 40.91 11.07
CA THR A 368 36.96 39.49 10.83
C THR A 368 37.99 39.28 9.73
N ALA A 369 38.45 38.03 9.60
CA ALA A 369 39.34 37.68 8.51
C ALA A 369 38.61 37.69 7.17
N ALA A 370 37.35 37.24 7.16
CA ALA A 370 36.59 37.22 5.91
C ALA A 370 36.22 38.62 5.45
N LYS A 371 35.78 39.47 6.38
CA LYS A 371 35.37 40.81 5.99
C LYS A 371 36.56 41.66 5.55
N LEU A 372 37.75 41.35 6.06
CA LEU A 372 38.95 42.02 5.55
C LEU A 372 39.22 41.61 4.10
N LEU A 373 39.14 40.32 3.81
CA LEU A 373 39.27 39.83 2.43
C LEU A 373 38.13 40.34 1.56
N ASP A 374 36.97 40.65 2.15
CA ASP A 374 35.89 41.25 1.37
C ASP A 374 36.25 42.63 0.87
N GLN A 375 36.74 43.48 1.77
CA GLN A 375 37.01 44.86 1.40
C GLN A 375 38.21 44.97 0.48
N LEU A 376 39.23 44.12 0.68
CA LEU A 376 40.38 44.12 -0.21
C LEU A 376 39.98 43.71 -1.62
N ALA A 377 39.01 42.80 -1.75
CA ALA A 377 38.55 42.40 -3.07
C ALA A 377 37.88 43.57 -3.79
N SER A 378 36.97 44.26 -3.11
CA SER A 378 36.18 45.29 -3.78
C SER A 378 37.04 46.48 -4.21
N HIS A 379 38.11 46.77 -3.49
CA HIS A 379 38.94 47.93 -3.84
C HIS A 379 40.03 47.59 -4.83
N PHE A 380 40.47 46.34 -4.90
CA PHE A 380 41.62 45.98 -5.73
C PHE A 380 41.28 45.09 -6.92
N ILE A 381 40.07 44.52 -6.98
CA ILE A 381 39.77 43.56 -8.03
C ILE A 381 38.47 43.93 -8.73
N GLU A 382 37.43 44.22 -7.94
CA GLU A 382 36.08 44.25 -8.49
C GLU A 382 35.88 45.31 -9.57
N ASN A 383 36.85 46.19 -9.80
CA ASN A 383 36.78 47.13 -10.90
C ASN A 383 37.96 46.98 -11.85
N LYS A 384 38.52 45.76 -11.91
CA LYS A 384 39.65 45.50 -12.78
C LYS A 384 39.28 45.67 -14.25
N TYR A 385 38.19 45.03 -14.67
CA TYR A 385 37.70 45.09 -16.04
C TYR A 385 36.37 45.83 -16.08
N ASN A 386 36.18 46.67 -17.09
CA ASN A 386 34.87 47.38 -17.20
C ASN A 386 34.35 47.19 -18.60
N ASP A 387 35.18 46.73 -19.52
CA ASP A 387 34.72 46.56 -20.90
C ASP A 387 34.18 45.16 -21.08
N LYS A 388 34.34 44.31 -20.07
CA LYS A 388 33.89 42.92 -20.25
C LYS A 388 33.39 42.34 -18.94
N PRO A 389 32.50 41.35 -18.94
CA PRO A 389 32.25 40.56 -17.73
C PRO A 389 33.52 39.78 -17.40
N PHE A 390 33.64 39.43 -16.11
CA PHE A 390 34.80 38.65 -15.69
C PHE A 390 34.47 38.01 -14.35
N PHE A 391 35.26 37.00 -14.00
CA PHE A 391 35.03 36.16 -12.82
C PHE A 391 36.12 36.38 -11.79
N ILE A 392 35.72 36.66 -10.55
CA ILE A 392 36.59 36.50 -9.39
C ILE A 392 36.38 35.08 -8.86
N VAL A 393 37.46 34.30 -8.78
CA VAL A 393 37.38 32.86 -8.60
C VAL A 393 38.21 32.43 -7.40
N GLU A 394 37.94 31.20 -6.94
CA GLU A 394 38.75 30.48 -5.95
C GLU A 394 38.78 31.21 -4.61
N HIS A 395 37.60 31.56 -4.12
CA HIS A 395 37.51 32.28 -2.86
C HIS A 395 38.00 31.41 -1.70
N PRO A 396 38.62 32.02 -0.68
CA PRO A 396 38.94 31.27 0.53
C PRO A 396 37.69 30.66 1.16
N GLN A 397 37.89 29.54 1.86
CA GLN A 397 36.77 28.83 2.48
C GLN A 397 36.18 29.60 3.65
N ILE A 398 36.95 30.51 4.26
CA ILE A 398 36.39 31.33 5.33
C ILE A 398 35.42 32.38 4.82
N MET A 399 35.33 32.58 3.50
CA MET A 399 34.30 33.43 2.90
C MET A 399 33.18 32.62 2.26
N SER A 400 33.34 31.31 2.14
CA SER A 400 32.41 30.45 1.40
C SER A 400 32.08 29.23 2.25
N PRO A 401 31.11 29.36 3.17
CA PRO A 401 30.84 28.25 4.10
C PRO A 401 30.06 27.10 3.50
N LEU A 402 29.56 27.22 2.27
CA LEU A 402 28.81 26.14 1.63
C LEU A 402 29.41 25.73 0.29
N ALA A 403 30.64 26.15 0.00
CA ALA A 403 31.32 25.77 -1.24
C ALA A 403 32.36 24.69 -0.96
N LYS A 404 32.43 23.70 -1.86
CA LYS A 404 33.39 22.61 -1.70
C LYS A 404 34.81 23.13 -1.76
N TYR A 405 35.66 22.56 -0.90
CA TYR A 405 37.07 22.94 -0.86
C TYR A 405 37.73 22.69 -2.21
N HIS A 406 38.61 23.62 -2.60
CA HIS A 406 39.34 23.48 -3.84
C HIS A 406 40.15 22.20 -3.83
N ARG A 407 40.07 21.45 -4.93
CA ARG A 407 40.64 20.11 -4.98
C ARG A 407 42.17 20.11 -5.08
N THR A 408 42.79 21.24 -5.40
CA THR A 408 44.25 21.32 -5.42
C THR A 408 44.82 22.49 -4.66
N LYS A 409 44.00 23.45 -4.24
CA LYS A 409 44.50 24.63 -3.54
C LYS A 409 43.94 24.63 -2.12
N PRO A 410 44.66 24.06 -1.16
CA PRO A 410 44.17 24.03 0.22
C PRO A 410 43.89 25.43 0.74
N GLY A 411 42.74 25.59 1.39
CA GLY A 411 42.28 26.86 1.91
C GLY A 411 41.28 27.57 1.02
N LEU A 412 41.19 27.18 -0.26
CA LEU A 412 40.30 27.84 -1.20
C LEU A 412 39.13 26.92 -1.57
N THR A 413 38.14 27.51 -2.23
CA THR A 413 36.95 26.83 -2.71
C THR A 413 36.90 26.88 -4.24
N GLU A 414 35.97 26.11 -4.80
CA GLU A 414 35.74 26.12 -6.24
C GLU A 414 34.57 27.05 -6.55
N ARG A 415 34.74 28.32 -6.17
CA ARG A 415 33.70 29.33 -6.23
C ARG A 415 33.99 30.35 -7.33
N LEU A 416 32.93 30.92 -7.89
CA LEU A 416 33.05 31.94 -8.92
C LEU A 416 31.97 32.99 -8.75
N GLU A 417 32.34 34.25 -8.97
CA GLU A 417 31.39 35.37 -9.04
C GLU A 417 31.68 36.16 -10.31
N MET A 418 30.62 36.50 -11.05
CA MET A 418 30.78 37.30 -12.26
C MET A 418 30.38 38.74 -11.97
N PHE A 419 31.22 39.68 -12.42
CA PHE A 419 31.00 41.10 -12.21
C PHE A 419 30.77 41.78 -13.55
N ILE A 420 29.82 42.71 -13.57
CA ILE A 420 29.63 43.62 -14.70
C ILE A 420 29.78 45.02 -14.16
N CYS A 421 30.74 45.77 -14.70
CA CYS A 421 30.98 47.15 -14.30
C CYS A 421 31.04 47.30 -12.79
N GLY A 422 31.73 46.37 -12.13
CA GLY A 422 31.90 46.44 -10.69
C GLY A 422 30.79 45.85 -9.85
N LYS A 423 29.68 45.43 -10.46
CA LYS A 423 28.54 44.92 -9.72
C LYS A 423 28.42 43.41 -9.93
N GLU A 424 28.22 42.68 -8.83
CA GLU A 424 28.08 41.23 -8.89
C GLU A 424 26.72 40.86 -9.44
N VAL A 425 26.69 39.96 -10.43
CA VAL A 425 25.43 39.48 -10.99
C VAL A 425 25.27 37.97 -10.88
N LEU A 426 26.33 37.25 -10.58
CA LEU A 426 26.33 35.80 -10.57
C LEU A 426 27.19 35.31 -9.42
N ASN A 427 26.74 34.24 -8.76
CA ASN A 427 27.45 33.59 -7.68
C ASN A 427 27.24 32.08 -7.81
N ALA A 428 28.33 31.31 -7.77
CA ALA A 428 28.23 29.89 -8.07
C ALA A 428 29.46 29.17 -7.54
N TYR A 429 29.27 27.90 -7.18
CA TYR A 429 30.40 27.09 -6.73
C TYR A 429 30.03 25.61 -6.78
N THR A 430 31.06 24.78 -6.77
CA THR A 430 30.88 23.36 -6.48
C THR A 430 30.32 23.20 -5.07
N GLU A 431 29.26 22.42 -4.95
CA GLU A 431 28.57 22.35 -3.67
C GLU A 431 29.36 21.51 -2.68
N LEU A 432 29.51 22.02 -1.47
CA LEU A 432 30.00 21.23 -0.34
C LEU A 432 28.97 20.15 -0.02
N ASN A 433 29.31 18.88 -0.26
CA ASN A 433 28.37 17.80 0.01
C ASN A 433 28.80 16.86 1.12
N ASP A 434 29.97 17.07 1.72
CA ASP A 434 30.38 16.23 2.83
C ASP A 434 29.78 16.78 4.12
N PRO A 435 28.79 16.10 4.70
CA PRO A 435 28.17 16.64 5.93
C PRO A 435 29.16 16.82 7.07
N PHE A 436 30.22 16.02 7.10
CA PHE A 436 31.23 16.16 8.16
C PHE A 436 32.05 17.44 8.00
N LYS A 437 32.23 17.92 6.76
CA LYS A 437 32.99 19.15 6.54
C LYS A 437 32.15 20.41 6.69
N GLN A 438 30.83 20.28 6.78
CA GLN A 438 29.95 21.40 7.09
C GLN A 438 30.06 21.65 8.58
N LYS A 439 30.98 22.54 8.96
CA LYS A 439 31.32 22.80 10.35
C LYS A 439 30.10 23.23 11.18
N GLU A 440 29.01 23.65 10.53
CA GLU A 440 27.84 24.16 11.24
C GLU A 440 26.85 23.06 11.63
N CYS A 441 27.10 21.81 11.25
CA CYS A 441 26.30 20.68 11.68
C CYS A 441 26.98 19.88 12.78
N PHE A 442 27.95 20.47 13.47
CA PHE A 442 28.76 19.80 14.48
C PHE A 442 29.45 18.57 13.88
N ASP A 448 28.04 30.86 14.68
CA ASP A 448 29.46 30.54 14.63
C ASP A 448 30.30 31.63 15.30
N ARG A 449 30.07 32.88 14.91
CA ARG A 449 30.77 34.03 15.47
C ARG A 449 29.78 34.91 16.20
N GLU A 450 29.96 35.04 17.51
CA GLU A 450 29.10 35.89 18.32
C GLU A 450 29.87 37.14 18.75
N THR A 454 27.10 38.43 13.00
CA THR A 454 25.68 38.77 13.04
C THR A 454 24.96 38.25 11.80
N GLU A 455 25.53 38.55 10.63
CA GLU A 455 24.99 38.09 9.35
C GLU A 455 25.81 36.90 8.84
N ALA A 456 25.62 35.76 9.52
CA ALA A 456 26.34 34.55 9.17
C ALA A 456 25.45 33.35 9.41
N ALA A 457 25.72 32.26 8.69
CA ALA A 457 24.97 31.00 8.79
C ALA A 457 23.47 31.22 8.60
N LEU A 459 23.23 27.05 11.48
CA LEU A 459 22.68 26.58 10.22
C LEU A 459 21.37 25.82 10.46
N ASP A 460 20.83 25.22 9.39
CA ASP A 460 19.57 24.49 9.47
C ASP A 460 19.83 23.01 9.71
N SER A 461 19.16 22.45 10.71
CA SER A 461 19.34 21.02 11.02
C SER A 461 18.67 20.15 9.97
N ALA A 462 17.51 20.57 9.45
CA ALA A 462 16.86 19.82 8.38
C ALA A 462 17.78 19.74 7.16
N PHE A 463 18.47 20.84 6.85
CA PHE A 463 19.41 20.83 5.73
C PHE A 463 20.61 19.94 6.02
N CYS A 464 21.15 20.02 7.24
CA CYS A 464 22.28 19.17 7.61
C CYS A 464 21.89 17.70 7.60
N THR A 465 20.67 17.39 8.04
CA THR A 465 20.22 16.00 8.06
C THR A 465 20.05 15.46 6.66
N SER A 466 19.52 16.27 5.73
CA SER A 466 19.39 15.85 4.35
C SER A 466 20.76 15.54 3.74
N LEU A 467 21.77 16.31 4.12
CA LEU A 467 23.12 16.04 3.64
C LEU A 467 23.59 14.65 4.03
N GLU A 468 23.17 14.16 5.19
CA GLU A 468 23.60 12.85 5.64
C GLU A 468 22.99 11.71 4.84
N TYR A 469 21.99 12.01 4.00
CA TYR A 469 21.43 11.00 3.11
C TYR A 469 22.12 10.96 1.76
N GLY A 470 23.15 11.78 1.57
CA GLY A 470 23.92 11.71 0.34
C GLY A 470 23.50 12.75 -0.67
N LEU A 471 24.15 13.91 -0.65
CA LEU A 471 24.03 14.87 -1.73
C LEU A 471 25.10 14.57 -2.77
N PRO A 472 24.74 14.24 -4.01
CA PRO A 472 25.74 13.93 -5.02
C PRO A 472 26.61 15.13 -5.32
N PRO A 473 27.76 14.95 -5.98
CA PRO A 473 28.55 16.10 -6.42
C PRO A 473 27.70 17.01 -7.30
N THR A 474 27.65 18.29 -6.92
CA THR A 474 26.69 19.20 -7.50
C THR A 474 27.35 20.57 -7.68
N GLY A 475 26.95 21.26 -8.73
CA GLY A 475 27.24 22.67 -8.90
C GLY A 475 25.94 23.46 -8.87
N GLY A 476 25.96 24.58 -8.15
CA GLY A 476 24.82 25.47 -8.08
C GLY A 476 25.22 26.88 -8.46
N LEU A 477 24.23 27.65 -8.89
CA LEU A 477 24.47 28.98 -9.42
C LEU A 477 23.28 29.88 -9.09
N GLY A 478 23.59 31.15 -8.80
CA GLY A 478 22.58 32.15 -8.51
C GLY A 478 22.75 33.41 -9.33
N LEU A 479 21.66 33.86 -9.95
CA LEU A 479 21.66 35.05 -10.79
C LEU A 479 20.85 36.16 -10.13
N GLY A 480 21.42 37.35 -10.04
CA GLY A 480 20.64 38.53 -9.69
C GLY A 480 19.89 39.08 -10.89
N ILE A 481 18.61 38.71 -11.02
CA ILE A 481 17.84 39.02 -12.22
C ILE A 481 17.75 40.53 -12.45
N ASP A 482 17.58 41.30 -11.36
CA ASP A 482 17.36 42.73 -11.51
C ASP A 482 18.60 43.44 -12.02
N ARG A 483 19.76 43.13 -11.43
CA ARG A 483 21.00 43.77 -11.87
C ARG A 483 21.31 43.44 -13.32
N ILE A 484 21.06 42.20 -13.74
CA ILE A 484 21.23 41.86 -15.15
C ILE A 484 20.28 42.68 -16.01
N THR A 485 19.06 42.90 -15.53
CA THR A 485 18.12 43.72 -16.29
C THR A 485 18.63 45.15 -16.42
N MET A 486 19.26 45.67 -15.36
CA MET A 486 19.77 47.03 -15.40
C MET A 486 20.78 47.21 -16.52
N PHE A 487 21.76 46.30 -16.61
CA PHE A 487 22.80 46.43 -17.62
C PHE A 487 22.26 46.27 -19.03
N LEU A 488 21.23 45.45 -19.20
CA LEU A 488 20.69 45.20 -20.53
C LEU A 488 19.62 46.21 -20.93
N THR A 489 19.20 47.08 -20.01
CA THR A 489 18.26 48.15 -20.31
C THR A 489 18.88 49.53 -20.08
N ASN A 490 20.18 49.61 -19.84
CA ASN A 490 20.90 50.87 -19.69
C ASN A 490 20.32 51.72 -18.55
N LYS A 491 20.11 51.09 -17.40
CA LYS A 491 19.64 51.76 -16.20
C LYS A 491 20.75 51.81 -15.17
N ASN A 492 20.76 52.90 -14.39
CA ASN A 492 21.77 53.09 -13.35
C ASN A 492 21.27 52.72 -11.96
N SER A 493 19.95 52.60 -11.78
CA SER A 493 19.37 52.28 -10.49
C SER A 493 18.44 51.08 -10.62
N ILE A 494 18.44 50.25 -9.57
CA ILE A 494 17.57 49.07 -9.58
C ILE A 494 16.10 49.49 -9.60
N LYS A 495 15.77 50.69 -9.13
CA LYS A 495 14.40 51.18 -9.15
C LYS A 495 13.86 51.40 -10.57
N ASP A 496 14.74 51.46 -11.57
CA ASP A 496 14.27 51.64 -12.93
C ASP A 496 13.80 50.35 -13.58
N VAL A 497 14.09 49.19 -12.99
CA VAL A 497 13.68 47.91 -13.55
C VAL A 497 12.71 47.17 -12.64
N ILE A 498 12.34 47.75 -11.51
CA ILE A 498 11.29 47.22 -10.64
C ILE A 498 10.05 48.09 -10.83
N LEU A 499 8.92 47.45 -11.16
CA LEU A 499 7.71 48.21 -11.48
C LEU A 499 7.24 49.07 -10.32
N PHE A 500 7.33 48.54 -9.10
CA PHE A 500 6.91 49.25 -7.90
C PHE A 500 7.99 49.05 -6.84
N PRO A 501 9.09 49.77 -6.94
CA PRO A 501 10.14 49.66 -5.92
C PRO A 501 9.61 50.09 -4.56
N THR A 502 10.15 49.46 -3.51
CA THR A 502 9.77 49.80 -2.15
C THR A 502 10.33 51.18 -1.80
N MET A 503 9.46 52.10 -1.38
CA MET A 503 9.88 53.46 -1.12
C MET A 503 9.29 54.00 0.18
N ARG A 504 9.88 55.08 0.64
CA ARG A 504 9.48 55.78 1.85
C ARG A 504 8.35 56.75 1.55
N PRO A 505 7.25 56.71 2.31
CA PRO A 505 6.12 57.62 2.11
C PRO A 505 6.45 59.06 2.46
N PRO B 4 18.92 0.58 14.17
CA PRO B 4 18.70 1.77 15.00
C PRO B 4 19.46 3.00 14.51
N ARG B 5 20.14 3.70 15.42
CA ARG B 5 21.03 4.79 15.08
C ARG B 5 22.49 4.36 15.05
N LEU B 6 22.81 3.16 15.54
CA LEU B 6 24.17 2.64 15.45
C LEU B 6 24.59 2.47 14.01
N TYR B 7 23.64 2.27 13.09
CA TYR B 7 23.95 2.24 11.67
C TYR B 7 24.59 3.54 11.21
N PHE B 8 24.02 4.68 11.66
CA PHE B 8 24.55 5.97 11.26
C PHE B 8 25.97 6.17 11.80
N GLU B 9 26.18 5.87 13.08
CA GLU B 9 27.49 6.08 13.68
C GLU B 9 28.55 5.18 13.08
N ASN B 10 28.18 3.95 12.71
CA ASN B 10 29.11 3.07 12.01
C ASN B 10 29.45 3.62 10.63
N ARG B 11 28.45 4.16 9.93
CA ARG B 11 28.70 4.70 8.59
C ARG B 11 29.58 5.94 8.65
N SER B 12 29.40 6.78 9.67
CA SER B 12 30.29 7.93 9.83
C SER B 12 31.71 7.49 10.14
N LYS B 13 31.86 6.47 10.99
CA LYS B 13 33.18 5.91 11.26
C LYS B 13 33.81 5.33 9.99
N PHE B 14 32.98 4.75 9.11
CA PHE B 14 33.49 4.26 7.84
C PHE B 14 34.04 5.41 6.99
N ILE B 15 33.34 6.54 6.96
CA ILE B 15 33.80 7.68 6.18
C ILE B 15 35.16 8.15 6.69
N GLN B 16 35.29 8.29 8.01
CA GLN B 16 36.57 8.67 8.59
C GLN B 16 37.65 7.62 8.30
N ASP B 17 37.28 6.34 8.28
CA ASP B 17 38.24 5.30 7.94
C ASP B 17 38.74 5.45 6.51
N GLN B 18 37.86 5.79 5.57
CA GLN B 18 38.28 5.99 4.19
C GLN B 18 39.14 7.23 4.06
N LYS B 19 38.79 8.29 4.79
CA LYS B 19 39.64 9.49 4.81
C LYS B 19 41.02 9.19 5.37
N ASP B 20 41.10 8.26 6.32
CA ASP B 20 42.40 7.93 6.92
C ASP B 20 43.24 7.08 5.97
N LYS B 21 42.59 6.20 5.21
CA LYS B 21 43.30 5.33 4.28
C LYS B 21 43.76 6.05 3.01
N GLY B 22 43.43 7.32 2.84
CA GLY B 22 43.81 8.06 1.65
C GLY B 22 42.80 8.04 0.53
N ILE B 23 41.53 7.76 0.83
CA ILE B 23 40.47 7.71 -0.17
C ILE B 23 39.53 8.88 0.06
N ASN B 24 39.19 9.60 -1.02
CA ASN B 24 38.26 10.70 -0.94
C ASN B 24 36.85 10.17 -1.11
N PRO B 25 36.05 10.05 -0.03
CA PRO B 25 34.71 9.49 -0.18
C PRO B 25 33.73 10.44 -0.86
N TYR B 26 34.15 11.67 -1.17
CA TYR B 26 33.33 12.64 -1.89
C TYR B 26 34.15 13.29 -2.99
N PRO B 27 34.44 12.56 -4.06
CA PRO B 27 35.23 13.15 -5.16
C PRO B 27 34.52 14.36 -5.77
N HIS B 28 35.33 15.28 -6.30
CA HIS B 28 34.80 16.56 -6.76
C HIS B 28 33.98 16.41 -8.03
N LYS B 29 34.45 15.61 -8.99
CA LYS B 29 33.81 15.53 -10.29
C LYS B 29 33.84 14.12 -10.83
N PHE B 30 32.73 13.70 -11.43
CA PHE B 30 32.65 12.46 -12.19
C PHE B 30 31.97 12.78 -13.52
N GLU B 31 32.71 12.63 -14.61
CA GLU B 31 32.21 12.97 -15.94
C GLU B 31 31.44 11.79 -16.50
N ARG B 32 30.11 11.90 -16.55
CA ARG B 32 29.28 10.81 -17.03
C ARG B 32 28.89 11.03 -18.49
N THR B 33 28.75 9.92 -19.22
CA THR B 33 28.51 9.96 -20.65
C THR B 33 27.04 9.96 -21.00
N ILE B 34 26.19 9.50 -20.09
CA ILE B 34 24.79 9.25 -20.40
C ILE B 34 24.04 9.22 -19.07
N SER B 35 22.74 9.47 -19.14
CA SER B 35 21.89 9.39 -17.96
C SER B 35 21.07 8.11 -18.01
N ILE B 36 20.48 7.76 -16.86
CA ILE B 36 19.73 6.51 -16.78
C ILE B 36 18.53 6.51 -17.71
N PRO B 37 17.72 7.57 -17.83
CA PRO B 37 16.64 7.54 -18.82
C PRO B 37 17.15 7.45 -20.25
N GLU B 38 18.23 8.17 -20.58
CA GLU B 38 18.84 8.03 -21.89
C GLU B 38 19.39 6.63 -22.09
N PHE B 39 19.96 6.04 -21.04
CA PHE B 39 20.45 4.67 -21.11
C PHE B 39 19.34 3.69 -21.46
N ILE B 40 18.16 3.88 -20.86
CA ILE B 40 17.06 2.96 -21.09
C ILE B 40 16.57 3.07 -22.53
N GLU B 41 16.32 4.29 -23.01
CA GLU B 41 15.79 4.45 -24.35
C GLU B 41 16.79 4.00 -25.40
N LYS B 42 18.09 4.11 -25.11
CA LYS B 42 19.12 3.74 -26.06
C LYS B 42 19.31 2.24 -26.19
N TYR B 43 19.06 1.48 -25.12
CA TYR B 43 19.42 0.06 -25.09
C TYR B 43 18.27 -0.86 -24.73
N LYS B 44 17.03 -0.35 -24.61
CA LYS B 44 15.93 -1.20 -24.18
C LYS B 44 15.63 -2.30 -25.18
N ASP B 45 15.93 -2.09 -26.45
CA ASP B 45 15.63 -3.07 -27.50
C ASP B 45 16.81 -3.97 -27.82
N LEU B 46 17.80 -4.05 -26.92
CA LEU B 46 18.85 -5.05 -27.04
C LEU B 46 18.25 -6.45 -26.92
N GLY B 47 18.98 -7.43 -27.41
CA GLY B 47 18.57 -8.81 -27.25
C GLY B 47 18.90 -9.35 -25.88
N ASN B 48 18.25 -10.45 -25.53
CA ASN B 48 18.48 -11.08 -24.24
C ASN B 48 19.84 -11.75 -24.22
N GLY B 49 20.64 -11.44 -23.19
CA GLY B 49 21.99 -11.95 -23.08
C GLY B 49 23.02 -11.17 -23.87
N GLU B 50 22.60 -10.17 -24.65
CA GLU B 50 23.54 -9.44 -25.50
C GLU B 50 24.38 -8.47 -24.69
N HIS B 51 25.65 -8.36 -25.05
CA HIS B 51 26.57 -7.42 -24.42
C HIS B 51 27.16 -6.51 -25.49
N LEU B 52 27.36 -5.24 -25.13
CA LEU B 52 28.13 -4.31 -25.94
C LEU B 52 29.42 -3.98 -25.19
N GLU B 53 30.31 -4.98 -25.11
CA GLU B 53 31.52 -4.86 -24.30
C GLU B 53 32.51 -3.85 -24.86
N ASP B 54 32.35 -3.45 -26.13
CA ASP B 54 33.21 -2.42 -26.70
C ASP B 54 32.72 -1.01 -26.40
N THR B 55 31.50 -0.86 -25.91
CA THR B 55 30.92 0.45 -25.58
C THR B 55 31.11 0.70 -24.09
N ILE B 56 32.08 1.54 -23.76
CA ILE B 56 32.36 1.88 -22.36
C ILE B 56 31.66 3.19 -22.04
N LEU B 57 30.79 3.16 -21.02
CA LEU B 57 30.01 4.31 -20.63
C LEU B 57 30.32 4.68 -19.19
N ASN B 58 30.00 5.92 -18.84
CA ASN B 58 30.03 6.41 -17.47
C ASN B 58 28.61 6.73 -17.07
N ILE B 59 28.13 6.07 -16.02
CA ILE B 59 26.78 6.27 -15.52
C ILE B 59 26.84 6.58 -14.03
N THR B 60 25.87 7.36 -13.55
CA THR B 60 25.74 7.67 -12.14
C THR B 60 24.31 7.41 -11.69
N GLY B 61 24.15 7.19 -10.39
CA GLY B 61 22.83 6.96 -9.84
C GLY B 61 22.90 6.67 -8.36
N ARG B 62 21.75 6.31 -7.80
CA ARG B 62 21.63 5.96 -6.39
C ARG B 62 21.32 4.48 -6.26
N ILE B 63 22.14 3.78 -5.47
CA ILE B 63 21.91 2.37 -5.20
C ILE B 63 20.69 2.25 -4.31
N MET B 64 19.64 1.57 -4.79
CA MET B 64 18.40 1.43 -4.05
C MET B 64 18.13 0.01 -3.55
N ARG B 65 18.96 -0.96 -3.92
CA ARG B 65 18.85 -2.29 -3.37
C ARG B 65 20.18 -3.02 -3.59
N VAL B 66 20.56 -3.84 -2.62
CA VAL B 66 21.80 -4.60 -2.66
C VAL B 66 21.47 -6.09 -2.53
N SER B 67 22.14 -6.92 -3.32
CA SER B 67 21.97 -8.37 -3.23
C SER B 67 23.25 -9.03 -3.71
N ALA B 68 23.86 -9.85 -2.88
CA ALA B 68 25.13 -10.51 -3.20
C ALA B 68 24.88 -12.00 -3.41
N SER B 69 24.69 -12.42 -4.65
CA SER B 69 24.52 -13.83 -4.97
C SER B 69 25.89 -14.46 -5.10
N GLY B 70 26.18 -15.44 -4.25
CA GLY B 70 27.50 -15.97 -4.11
C GLY B 70 28.48 -14.93 -3.61
N GLN B 71 29.67 -14.95 -4.21
CA GLN B 71 30.63 -13.91 -3.92
C GLN B 71 31.40 -13.47 -5.17
N LYS B 72 30.93 -13.83 -6.37
CA LYS B 72 31.53 -13.31 -7.60
C LYS B 72 30.55 -12.54 -8.47
N LEU B 73 29.26 -12.57 -8.16
CA LEU B 73 28.24 -11.80 -8.85
C LEU B 73 27.56 -10.87 -7.86
N ARG B 74 27.52 -9.58 -8.18
CA ARG B 74 26.89 -8.57 -7.33
C ARG B 74 25.80 -7.87 -8.11
N PHE B 75 24.60 -7.84 -7.54
CA PHE B 75 23.44 -7.19 -8.12
C PHE B 75 23.07 -5.97 -7.28
N PHE B 76 22.73 -4.86 -7.95
CA PHE B 76 22.14 -3.71 -7.26
C PHE B 76 21.12 -3.05 -8.18
N ASP B 77 20.30 -2.20 -7.58
CA ASP B 77 19.38 -1.33 -8.31
C ASP B 77 19.97 0.07 -8.37
N LEU B 78 20.04 0.63 -9.57
CA LEU B 78 20.55 1.98 -9.77
C LEU B 78 19.43 2.84 -10.32
N VAL B 79 19.09 3.91 -9.59
CA VAL B 79 18.02 4.80 -10.01
C VAL B 79 18.56 6.20 -10.27
N GLY B 80 17.90 6.91 -11.17
CA GLY B 80 18.19 8.30 -11.47
C GLY B 80 17.04 8.91 -12.25
N ASP B 81 16.61 10.11 -11.85
CA ASP B 81 15.56 10.84 -12.56
C ASP B 81 14.27 10.04 -12.64
N GLY B 82 14.02 9.19 -11.65
CA GLY B 82 12.80 8.42 -11.57
C GLY B 82 12.83 7.09 -12.29
N GLU B 83 13.86 6.80 -13.07
CA GLU B 83 13.98 5.55 -13.78
C GLU B 83 15.00 4.65 -13.10
N LYS B 84 15.00 3.38 -13.48
CA LYS B 84 15.80 2.37 -12.81
C LYS B 84 16.41 1.40 -13.81
N ILE B 85 17.65 1.01 -13.57
CA ILE B 85 18.29 -0.10 -14.27
C ILE B 85 19.00 -0.96 -13.24
N GLN B 86 19.39 -2.16 -13.67
CA GLN B 86 20.15 -3.08 -12.83
C GLN B 86 21.64 -2.93 -13.12
N VAL B 87 22.44 -3.22 -12.11
CA VAL B 87 23.90 -3.25 -12.26
C VAL B 87 24.36 -4.66 -11.95
N LEU B 88 25.19 -5.21 -12.85
CA LEU B 88 25.63 -6.61 -12.79
C LEU B 88 27.14 -6.60 -12.65
N ALA B 89 27.63 -6.62 -11.41
CA ALA B 89 29.07 -6.62 -11.14
C ALA B 89 29.58 -8.05 -11.20
N ASN B 90 30.28 -8.39 -12.29
CA ASN B 90 30.90 -9.69 -12.47
C ASN B 90 32.39 -9.57 -12.20
N TYR B 91 32.90 -10.39 -11.29
CA TYR B 91 34.35 -10.48 -11.06
C TYR B 91 35.10 -10.65 -12.38
N SER B 92 34.48 -11.32 -13.36
CA SER B 92 35.13 -11.55 -14.63
C SER B 92 35.41 -10.26 -15.39
N PHE B 93 34.64 -9.21 -15.12
CA PHE B 93 34.79 -7.94 -15.84
C PHE B 93 35.33 -6.83 -14.93
N HIS B 94 35.96 -7.17 -13.82
CA HIS B 94 36.42 -6.17 -12.87
C HIS B 94 37.88 -5.84 -13.12
N ASN B 95 38.23 -4.55 -13.02
CA ASN B 95 39.60 -4.10 -13.17
C ASN B 95 40.30 -4.27 -11.83
N HIS B 96 41.10 -5.34 -11.72
CA HIS B 96 41.70 -5.73 -10.44
C HIS B 96 42.91 -4.90 -10.06
N GLU B 97 43.45 -4.08 -10.97
CA GLU B 97 44.53 -3.18 -10.60
C GLU B 97 44.02 -1.99 -9.78
N LYS B 98 42.75 -1.65 -9.90
CA LYS B 98 42.19 -0.50 -9.19
C LYS B 98 41.51 -0.89 -7.88
N GLY B 99 41.57 -2.14 -7.48
CA GLY B 99 41.07 -2.53 -6.17
C GLY B 99 40.61 -3.97 -6.15
N ASN B 100 40.53 -4.52 -4.94
CA ASN B 100 39.96 -5.84 -4.72
C ASN B 100 38.48 -5.82 -5.05
N PHE B 101 38.01 -6.85 -5.74
CA PHE B 101 36.61 -6.91 -6.15
C PHE B 101 35.69 -6.98 -4.94
N ALA B 102 35.89 -7.97 -4.08
CA ALA B 102 34.98 -8.18 -2.96
C ALA B 102 35.01 -7.01 -1.98
N GLU B 103 36.20 -6.47 -1.69
CA GLU B 103 36.31 -5.40 -0.71
C GLU B 103 35.72 -4.10 -1.24
N CYS B 104 35.75 -3.90 -2.56
CA CYS B 104 35.22 -2.67 -3.13
C CYS B 104 33.71 -2.72 -3.36
N TYR B 105 33.11 -3.91 -3.35
CA TYR B 105 31.66 -3.99 -3.47
C TYR B 105 30.97 -4.32 -2.15
N ASP B 106 31.71 -4.82 -1.16
CA ASP B 106 31.15 -5.02 0.16
C ASP B 106 30.89 -3.71 0.89
N LYS B 107 31.52 -2.62 0.44
CA LYS B 107 31.36 -1.35 1.11
C LYS B 107 30.06 -0.64 0.72
N ILE B 108 29.49 -0.98 -0.44
CA ILE B 108 28.35 -0.23 -0.98
C ILE B 108 27.10 -0.58 -0.18
N ARG B 109 26.41 0.44 0.31
CA ARG B 109 25.18 0.27 1.05
C ARG B 109 24.02 0.86 0.26
N ARG B 110 22.80 0.51 0.68
CA ARG B 110 21.61 1.08 0.08
C ARG B 110 21.57 2.58 0.29
N GLY B 111 21.34 3.33 -0.79
CA GLY B 111 21.28 4.77 -0.76
C GLY B 111 22.54 5.47 -1.23
N ASP B 112 23.61 4.73 -1.47
CA ASP B 112 24.86 5.32 -1.90
C ASP B 112 24.74 5.87 -3.32
N ILE B 113 25.29 7.06 -3.54
CA ILE B 113 25.47 7.62 -4.87
C ILE B 113 26.81 7.12 -5.39
N VAL B 114 26.81 6.51 -6.58
CA VAL B 114 28.02 5.91 -7.13
C VAL B 114 28.20 6.34 -8.58
N GLY B 115 29.45 6.26 -9.04
CA GLY B 115 29.77 6.40 -10.45
C GLY B 115 30.32 5.09 -10.99
N ILE B 116 29.86 4.71 -12.17
CA ILE B 116 30.11 3.38 -12.72
C ILE B 116 30.70 3.52 -14.11
N VAL B 117 31.81 2.83 -14.35
CA VAL B 117 32.42 2.74 -15.67
C VAL B 117 32.25 1.31 -16.15
N GLY B 118 31.48 1.13 -17.21
CA GLY B 118 31.26 -0.21 -17.72
C GLY B 118 30.43 -0.19 -19.00
N PHE B 119 30.04 -1.37 -19.43
CA PHE B 119 29.35 -1.54 -20.70
C PHE B 119 27.89 -1.92 -20.51
N PRO B 120 27.04 -1.65 -21.50
CA PRO B 120 25.63 -2.02 -21.40
C PRO B 120 25.36 -3.43 -21.90
N GLY B 121 24.22 -3.96 -21.46
CA GLY B 121 23.82 -5.27 -21.90
C GLY B 121 22.55 -5.69 -21.20
N LYS B 122 22.17 -6.94 -21.46
CA LYS B 122 20.98 -7.53 -20.87
C LYS B 122 21.35 -8.87 -20.25
N SER B 123 20.85 -9.12 -19.05
CA SER B 123 20.99 -10.43 -18.45
C SER B 123 20.28 -11.48 -19.30
N LYS B 124 20.61 -12.75 -19.07
CA LYS B 124 20.03 -13.80 -19.90
C LYS B 124 18.52 -13.88 -19.74
N LYS B 125 17.97 -13.41 -18.62
CA LYS B 125 16.52 -13.33 -18.46
C LYS B 125 15.93 -12.11 -19.16
N GLY B 126 16.75 -11.11 -19.49
CA GLY B 126 16.30 -9.98 -20.26
C GLY B 126 16.25 -8.64 -19.54
N GLU B 127 16.87 -8.52 -18.36
CA GLU B 127 16.84 -7.29 -17.59
C GLU B 127 17.96 -6.36 -18.07
N LEU B 128 17.59 -5.19 -18.58
CA LEU B 128 18.57 -4.22 -19.04
C LEU B 128 19.48 -3.82 -17.88
N SER B 129 20.78 -3.97 -18.08
CA SER B 129 21.74 -3.80 -16.99
C SER B 129 22.94 -2.98 -17.45
N ILE B 130 23.65 -2.42 -16.47
CA ILE B 130 24.98 -1.86 -16.64
C ILE B 130 25.97 -2.87 -16.08
N PHE B 131 27.08 -3.08 -16.80
CA PHE B 131 28.10 -4.05 -16.39
C PHE B 131 29.37 -3.30 -16.00
N PRO B 132 29.68 -3.15 -14.72
CA PRO B 132 30.83 -2.32 -14.33
C PRO B 132 32.17 -3.04 -14.43
N LYS B 133 33.15 -2.32 -14.96
CA LYS B 133 34.54 -2.65 -14.73
C LYS B 133 35.10 -1.97 -13.49
N GLU B 134 34.44 -0.89 -13.03
CA GLU B 134 34.93 -0.08 -11.93
C GLU B 134 33.77 0.72 -11.36
N THR B 135 33.65 0.73 -10.03
CA THR B 135 32.59 1.46 -9.34
C THR B 135 33.21 2.31 -8.24
N ILE B 136 32.86 3.59 -8.22
CA ILE B 136 33.42 4.57 -7.28
C ILE B 136 32.29 5.11 -6.43
N LEU B 137 32.52 5.19 -5.12
CA LEU B 137 31.57 5.87 -4.25
C LEU B 137 31.67 7.38 -4.46
N LEU B 138 30.52 8.02 -4.72
CA LEU B 138 30.47 9.46 -4.94
C LEU B 138 29.97 10.22 -3.71
N SER B 139 28.91 9.71 -3.08
CA SER B 139 28.38 10.30 -1.86
C SER B 139 27.65 9.21 -1.09
N ALA B 140 28.00 9.04 0.18
CA ALA B 140 27.41 7.98 0.99
C ALA B 140 26.11 8.43 1.64
N CYS B 141 25.17 7.50 1.73
CA CYS B 141 23.96 7.69 2.54
C CYS B 141 24.27 7.16 3.92
N LEU B 142 24.48 8.07 4.88
CA LEU B 142 24.91 7.64 6.21
C LEU B 142 23.77 7.05 7.01
N HIS B 143 22.53 7.46 6.72
CA HIS B 143 21.39 6.94 7.45
C HIS B 143 20.85 5.67 6.80
N MET B 144 20.01 4.96 7.55
CA MET B 144 19.28 3.82 7.02
C MET B 144 18.14 4.35 6.16
N LEU B 145 18.25 4.18 4.86
CA LEU B 145 17.21 4.63 3.95
C LEU B 145 15.98 3.75 4.11
N PRO B 146 14.83 4.30 4.48
CA PRO B 146 13.64 3.46 4.68
C PRO B 146 13.04 3.04 3.35
N MET B 147 12.36 1.89 3.37
CA MET B 147 11.63 1.42 2.21
C MET B 147 10.20 1.96 2.28
N LYS B 148 9.32 1.46 1.41
CA LYS B 148 8.01 2.09 1.25
C LYS B 148 7.21 2.11 2.55
N TYR B 149 7.45 1.16 3.45
CA TYR B 149 6.89 1.23 4.78
C TYR B 149 7.66 2.24 5.62
N GLY B 150 6.93 3.08 6.34
CA GLY B 150 7.54 4.10 7.17
C GLY B 150 7.18 5.46 6.63
N LEU B 151 7.19 5.57 5.30
CA LEU B 151 6.79 6.78 4.60
C LEU B 151 5.37 6.68 4.05
N LYS B 152 4.56 5.75 4.56
CA LYS B 152 3.20 5.59 4.05
C LYS B 152 2.30 6.75 4.47
N ASP B 153 2.34 7.14 5.76
CA ASP B 153 1.54 8.27 6.20
C ASP B 153 2.08 8.92 7.48
N THR B 154 3.24 9.58 7.38
CA THR B 154 3.82 10.28 8.51
C THR B 154 4.20 11.70 8.09
N GLU B 155 4.66 12.49 9.06
CA GLU B 155 5.18 13.81 8.75
C GLU B 155 6.53 13.77 8.05
N ILE B 156 7.12 12.59 7.90
CA ILE B 156 8.40 12.47 7.22
C ILE B 156 8.29 12.94 5.77
N ARG B 157 7.16 12.65 5.13
CA ARG B 157 6.94 13.09 3.76
C ARG B 157 6.95 14.62 3.66
N TYR B 158 6.43 15.30 4.68
CA TYR B 158 6.34 16.75 4.66
C TYR B 158 7.55 17.43 5.26
N ARG B 159 8.21 16.79 6.23
CA ARG B 159 9.40 17.35 6.85
C ARG B 159 10.67 16.99 6.07
N GLN B 160 10.77 15.77 5.59
CA GLN B 160 11.91 15.31 4.78
C GLN B 160 11.40 14.92 3.39
N ARG B 161 10.98 15.93 2.62
CA ARG B 161 10.38 15.67 1.31
C ARG B 161 11.32 14.88 0.41
N TYR B 162 12.63 15.04 0.61
CA TYR B 162 13.59 14.32 -0.22
C TYR B 162 13.44 12.80 -0.08
N LEU B 163 13.15 12.33 1.14
CA LEU B 163 12.91 10.89 1.32
C LEU B 163 11.68 10.46 0.54
N ASP B 164 10.60 11.24 0.61
CA ASP B 164 9.37 10.89 -0.10
C ASP B 164 9.61 10.86 -1.61
N LEU B 165 10.39 11.80 -2.14
CA LEU B 165 10.70 11.79 -3.56
C LEU B 165 11.52 10.58 -3.97
N LEU B 166 12.45 10.14 -3.11
CA LEU B 166 13.29 8.99 -3.45
C LEU B 166 12.50 7.69 -3.37
N ILE B 167 11.64 7.55 -2.37
CA ILE B 167 11.00 6.28 -2.07
C ILE B 167 9.66 6.13 -2.77
N ASN B 168 8.84 7.17 -2.81
CA ASN B 168 7.50 7.08 -3.36
C ASN B 168 7.53 7.57 -4.81
N GLU B 169 7.28 6.65 -5.74
CA GLU B 169 7.19 7.00 -7.16
C GLU B 169 6.07 7.99 -7.41
N SER B 170 5.00 7.95 -6.60
CA SER B 170 3.85 8.81 -6.82
C SER B 170 4.22 10.28 -6.70
N SER B 171 5.07 10.65 -5.74
CA SER B 171 5.21 12.06 -5.40
C SER B 171 5.98 12.81 -6.47
N ARG B 172 6.98 12.18 -7.09
CA ARG B 172 7.70 12.83 -8.18
C ARG B 172 6.77 13.12 -9.35
N HIS B 173 5.91 12.15 -9.69
CA HIS B 173 4.89 12.40 -10.71
C HIS B 173 3.97 13.54 -10.30
N THR B 174 3.70 13.65 -8.98
CA THR B 174 2.82 14.71 -8.49
C THR B 174 3.43 16.09 -8.73
N PHE B 175 4.69 16.27 -8.34
CA PHE B 175 5.31 17.58 -8.49
C PHE B 175 5.74 17.85 -9.93
N VAL B 176 5.95 16.80 -10.73
CA VAL B 176 6.09 17.01 -12.16
C VAL B 176 4.80 17.57 -12.73
N THR B 177 3.66 17.04 -12.29
CA THR B 177 2.37 17.51 -12.79
C THR B 177 2.13 18.96 -12.41
N ARG B 178 2.52 19.35 -11.20
CA ARG B 178 2.36 20.74 -10.77
C ARG B 178 3.14 21.68 -11.68
N THR B 179 4.38 21.33 -11.99
CA THR B 179 5.18 22.14 -12.91
C THR B 179 4.55 22.18 -14.31
N LYS B 180 3.97 21.06 -14.75
CA LYS B 180 3.31 21.04 -16.05
C LYS B 180 2.09 21.95 -16.08
N ILE B 181 1.37 22.02 -14.95
CA ILE B 181 0.17 22.85 -14.87
C ILE B 181 0.55 24.32 -14.96
N ILE B 182 1.57 24.74 -14.19
CA ILE B 182 1.99 26.13 -14.25
C ILE B 182 2.56 26.45 -15.63
N ASN B 183 3.25 25.48 -16.25
CA ASN B 183 3.77 25.68 -17.60
C ASN B 183 2.63 25.92 -18.59
N PHE B 184 1.61 25.07 -18.55
CA PHE B 184 0.49 25.19 -19.47
C PHE B 184 -0.23 26.51 -19.28
N LEU B 185 -0.34 26.98 -18.03
CA LEU B 185 -1.03 28.24 -17.78
C LEU B 185 -0.22 29.41 -18.32
N ARG B 186 1.09 29.44 -18.02
CA ARG B 186 1.94 30.51 -18.51
C ARG B 186 1.87 30.60 -20.04
N ASN B 187 1.97 29.47 -20.73
CA ASN B 187 1.88 29.47 -22.19
C ASN B 187 0.47 29.82 -22.64
N PHE B 188 -0.55 29.30 -21.94
CA PHE B 188 -1.94 29.63 -22.27
C PHE B 188 -2.14 31.14 -22.33
N LEU B 189 -1.67 31.85 -21.31
CA LEU B 189 -1.81 33.31 -21.29
C LEU B 189 -0.88 33.97 -22.29
N ASN B 190 0.38 33.51 -22.37
CA ASN B 190 1.33 34.10 -23.31
C ASN B 190 0.83 33.93 -24.75
N GLU B 191 0.27 32.78 -25.08
CA GLU B 191 -0.27 32.56 -26.42
C GLU B 191 -1.38 33.56 -26.74
N ARG B 192 -2.04 34.08 -25.71
CA ARG B 192 -3.15 35.01 -25.88
C ARG B 192 -2.73 36.46 -25.72
N GLY B 193 -1.44 36.74 -25.74
CA GLY B 193 -0.92 38.10 -25.71
C GLY B 193 -0.76 38.71 -24.34
N PHE B 194 -0.79 37.90 -23.28
CA PHE B 194 -0.66 38.46 -21.94
C PHE B 194 0.81 38.64 -21.57
N PHE B 195 1.05 39.61 -20.68
CA PHE B 195 2.40 40.04 -20.32
C PHE B 195 2.64 39.79 -18.83
N GLU B 196 3.67 39.00 -18.51
CA GLU B 196 3.96 38.64 -17.13
C GLU B 196 4.79 39.72 -16.44
N VAL B 197 4.47 40.03 -15.19
CA VAL B 197 5.12 41.09 -14.44
C VAL B 197 5.38 40.61 -13.01
N GLU B 198 6.11 41.43 -12.27
CA GLU B 198 6.38 41.18 -10.86
C GLU B 198 5.93 42.39 -10.06
N THR B 199 4.92 42.20 -9.23
CA THR B 199 4.46 43.22 -8.31
C THR B 199 5.01 42.94 -6.91
N PRO B 200 5.08 43.94 -6.03
CA PRO B 200 5.77 43.74 -4.77
C PRO B 200 5.04 42.77 -3.86
N MET B 201 5.81 42.09 -3.03
CA MET B 201 5.26 41.24 -1.99
C MET B 201 5.16 41.93 -0.65
N MET B 202 5.99 42.94 -0.41
CA MET B 202 5.90 43.77 0.78
C MET B 202 5.26 45.09 0.39
N ASN B 203 4.17 45.45 1.05
CA ASN B 203 3.48 46.71 0.79
C ASN B 203 3.09 47.34 2.12
N LEU B 204 2.68 48.60 2.05
CA LEU B 204 2.30 49.34 3.24
C LEU B 204 0.84 49.15 3.61
N ILE B 205 0.02 48.64 2.69
CA ILE B 205 -1.31 48.14 2.97
C ILE B 205 -1.45 46.80 2.27
N ALA B 206 -2.40 46.00 2.74
CA ALA B 206 -2.65 44.67 2.19
C ALA B 206 -4.10 44.64 1.67
N GLY B 207 -4.25 44.81 0.35
CA GLY B 207 -5.56 44.79 -0.27
C GLY B 207 -5.69 43.72 -1.34
N GLY B 208 -6.85 43.69 -1.99
CA GLY B 208 -7.11 42.73 -3.07
C GLY B 208 -8.06 41.65 -2.63
N ALA B 209 -8.17 41.49 -1.33
CA ALA B 209 -9.08 40.54 -0.68
C ALA B 209 -9.03 40.83 0.83
N ASN B 210 -9.81 40.13 1.65
CA ASN B 210 -9.79 40.56 3.06
C ASN B 210 -9.45 39.40 3.98
N ALA B 211 -8.18 39.37 4.41
CA ALA B 211 -7.75 38.36 5.38
C ALA B 211 -6.61 38.95 6.20
N ARG B 212 -6.36 38.33 7.35
CA ARG B 212 -5.29 38.80 8.23
C ARG B 212 -3.95 38.73 7.49
N PRO B 213 -3.17 39.81 7.47
CA PRO B 213 -1.90 39.78 6.75
C PRO B 213 -0.71 39.52 7.67
N PHE B 214 0.47 39.35 7.09
CA PHE B 214 1.69 39.16 7.86
C PHE B 214 2.38 40.51 8.07
N ILE B 215 2.87 40.72 9.28
CA ILE B 215 3.52 41.98 9.67
C ILE B 215 5.03 41.75 9.71
N THR B 216 5.76 42.48 8.89
CA THR B 216 7.21 42.49 8.96
C THR B 216 7.70 43.93 9.07
N HIS B 217 8.96 44.08 9.46
CA HIS B 217 9.55 45.39 9.68
C HIS B 217 10.76 45.56 8.78
N HIS B 218 10.83 46.68 8.07
CA HIS B 218 12.01 47.06 7.31
C HIS B 218 12.92 47.87 8.21
N ASN B 219 14.19 47.48 8.29
CA ASN B 219 15.10 48.07 9.27
C ASN B 219 15.55 49.47 8.85
N ASP B 220 16.04 49.63 7.62
CA ASP B 220 16.60 50.92 7.25
C ASP B 220 15.52 51.92 6.87
N LEU B 221 14.38 51.46 6.37
CA LEU B 221 13.23 52.34 6.19
C LEU B 221 12.50 52.64 7.49
N ASP B 222 12.79 51.88 8.56
CA ASP B 222 12.12 52.03 9.85
C ASP B 222 10.61 51.98 9.70
N LEU B 223 10.14 50.98 8.97
CA LEU B 223 8.74 50.90 8.57
C LEU B 223 8.22 49.49 8.77
N ASP B 224 6.97 49.39 9.17
CA ASP B 224 6.26 48.11 9.21
C ASP B 224 5.55 47.90 7.88
N LEU B 225 5.81 46.76 7.25
CA LEU B 225 5.22 46.44 5.95
C LEU B 225 4.39 45.18 6.06
N TYR B 226 3.50 44.99 5.07
CA TYR B 226 2.57 43.88 5.05
C TYR B 226 2.86 42.99 3.83
N LEU B 227 3.00 41.69 4.07
CA LEU B 227 3.07 40.75 2.96
C LEU B 227 1.76 40.77 2.20
N ARG B 228 1.85 40.67 0.88
CA ARG B 228 0.66 40.82 0.05
C ARG B 228 -0.30 39.65 0.27
N ILE B 229 -1.59 39.98 0.37
CA ILE B 229 -2.63 38.94 0.40
C ILE B 229 -3.17 38.64 -0.99
N ALA B 230 -2.89 39.50 -1.98
CA ALA B 230 -3.32 39.30 -3.35
C ALA B 230 -2.51 40.23 -4.23
N THR B 231 -2.66 40.04 -5.55
CA THR B 231 -1.99 40.88 -6.53
C THR B 231 -2.96 41.81 -7.24
N GLU B 232 -4.17 41.97 -6.70
CA GLU B 232 -5.25 42.62 -7.41
C GLU B 232 -4.94 44.10 -7.71
N LEU B 233 -4.55 44.86 -6.68
CA LEU B 233 -4.48 46.31 -6.86
C LEU B 233 -3.33 46.74 -7.77
N PRO B 234 -2.07 46.37 -7.52
CA PRO B 234 -1.00 46.81 -8.44
C PRO B 234 -1.17 46.33 -9.87
N LEU B 235 -1.75 45.15 -10.08
CA LEU B 235 -2.02 44.70 -11.45
C LEU B 235 -3.01 45.63 -12.14
N LYS B 236 -4.04 46.08 -11.42
CA LYS B 236 -5.01 47.00 -11.99
C LYS B 236 -4.34 48.30 -12.42
N MET B 237 -3.44 48.82 -11.58
CA MET B 237 -2.73 50.05 -11.91
C MET B 237 -1.92 49.89 -13.20
N LEU B 238 -1.39 48.70 -13.44
CA LEU B 238 -0.71 48.43 -14.70
C LEU B 238 -1.66 48.51 -15.88
N ILE B 239 -2.92 48.09 -15.69
CA ILE B 239 -3.91 48.26 -16.75
C ILE B 239 -4.09 49.75 -17.05
N VAL B 240 -4.20 50.57 -16.01
CA VAL B 240 -4.18 52.02 -16.22
C VAL B 240 -2.92 52.43 -16.96
N GLY B 241 -1.79 51.84 -16.62
CA GLY B 241 -0.55 52.13 -17.33
C GLY B 241 -0.52 51.68 -18.78
N GLY B 242 -1.63 51.18 -19.32
CA GLY B 242 -1.69 50.76 -20.70
C GLY B 242 -1.23 49.35 -20.99
N ILE B 243 -0.87 48.56 -19.98
CA ILE B 243 -0.51 47.16 -20.19
C ILE B 243 -1.82 46.37 -20.16
N ASP B 244 -2.46 46.28 -21.33
CA ASP B 244 -3.86 45.89 -21.42
C ASP B 244 -4.10 44.40 -21.19
N LYS B 245 -3.05 43.58 -21.16
CA LYS B 245 -3.18 42.16 -20.81
C LYS B 245 -1.99 41.78 -19.95
N VAL B 246 -2.20 41.73 -18.63
CA VAL B 246 -1.12 41.55 -17.67
C VAL B 246 -1.49 40.42 -16.72
N TYR B 247 -0.49 39.68 -16.26
CA TYR B 247 -0.72 38.60 -15.31
C TYR B 247 0.51 38.38 -14.45
N GLU B 248 0.33 37.61 -13.39
CA GLU B 248 1.40 37.27 -12.46
C GLU B 248 1.10 35.91 -11.81
N ILE B 249 2.13 35.07 -11.75
CA ILE B 249 2.07 33.80 -11.03
C ILE B 249 3.08 33.87 -9.90
N GLY B 250 2.61 33.82 -8.66
CA GLY B 250 3.52 33.88 -7.54
C GLY B 250 2.81 33.64 -6.24
N LYS B 251 3.60 33.65 -5.16
CA LYS B 251 3.09 33.36 -3.83
C LYS B 251 2.39 34.58 -3.22
N VAL B 252 1.28 34.33 -2.55
CA VAL B 252 0.61 35.32 -1.71
C VAL B 252 0.54 34.74 -0.30
N PHE B 253 0.28 35.62 0.66
CA PHE B 253 0.42 35.29 2.09
C PHE B 253 -0.81 35.74 2.84
N ARG B 254 -1.50 34.79 3.46
CA ARG B 254 -2.71 35.09 4.23
C ARG B 254 -2.58 34.45 5.60
N ASN B 255 -2.65 35.28 6.65
CA ASN B 255 -2.39 34.84 8.02
C ASN B 255 -3.68 34.31 8.65
N GLU B 256 -4.07 33.12 8.20
CA GLU B 256 -5.30 32.49 8.69
C GLU B 256 -5.00 31.10 9.24
N GLY B 257 -5.98 30.21 9.18
CA GLY B 257 -5.83 28.88 9.74
C GLY B 257 -5.37 27.84 8.73
N ILE B 258 -4.63 26.85 9.22
CA ILE B 258 -4.10 25.78 8.38
C ILE B 258 -5.08 24.61 8.39
N ASP B 259 -5.46 24.14 7.21
CA ASP B 259 -6.28 22.93 7.09
C ASP B 259 -5.96 22.27 5.75
N ASN B 260 -6.83 21.35 5.32
CA ASN B 260 -6.57 20.53 4.15
C ASN B 260 -6.52 21.34 2.87
N THR B 261 -7.12 22.54 2.85
CA THR B 261 -7.15 23.37 1.65
C THR B 261 -6.60 24.78 1.92
N HIS B 262 -5.85 24.97 3.00
CA HIS B 262 -5.34 26.29 3.34
C HIS B 262 -3.92 26.16 3.85
N ASN B 263 -2.98 26.79 3.15
CA ASN B 263 -1.60 26.98 3.60
C ASN B 263 -1.32 28.47 3.68
N PRO B 264 -0.64 28.93 4.74
CA PRO B 264 -0.44 30.39 4.92
C PRO B 264 0.15 31.09 3.71
N GLU B 265 1.12 30.49 3.04
CA GLU B 265 1.59 30.95 1.75
C GLU B 265 1.17 29.94 0.68
N PHE B 266 0.59 30.43 -0.41
CA PHE B 266 0.15 29.58 -1.50
C PHE B 266 0.39 30.31 -2.81
N THR B 267 0.41 29.55 -3.89
CA THR B 267 0.71 30.10 -5.21
C THR B 267 -0.58 30.58 -5.87
N SER B 268 -0.60 31.84 -6.25
CA SER B 268 -1.75 32.48 -6.88
C SER B 268 -1.40 32.84 -8.32
N CYS B 269 -2.44 32.91 -9.16
CA CYS B 269 -2.32 33.51 -10.48
C CYS B 269 -3.48 34.47 -10.69
N GLU B 270 -3.16 35.74 -10.93
CA GLU B 270 -4.18 36.73 -11.27
C GLU B 270 -3.81 37.36 -12.60
N PHE B 271 -4.75 37.37 -13.54
CA PHE B 271 -4.59 38.12 -14.78
C PHE B 271 -5.70 39.15 -14.88
N TYR B 272 -5.41 40.23 -15.59
CA TYR B 272 -6.39 41.27 -15.84
C TYR B 272 -6.40 41.57 -17.33
N TRP B 273 -7.61 41.71 -17.88
CA TRP B 273 -7.87 41.63 -19.31
C TRP B 273 -8.71 42.83 -19.71
N ALA B 274 -8.07 43.86 -20.26
CA ALA B 274 -8.80 45.07 -20.62
C ALA B 274 -9.84 44.78 -21.69
N TYR B 275 -10.99 45.47 -21.59
CA TYR B 275 -12.11 45.38 -22.52
C TYR B 275 -12.79 44.02 -22.52
N ALA B 276 -12.66 43.28 -21.42
CA ALA B 276 -13.37 42.03 -21.23
C ALA B 276 -14.30 42.15 -20.02
N ASP B 277 -15.36 41.36 -20.02
CA ASP B 277 -16.31 41.30 -18.92
C ASP B 277 -16.43 39.87 -18.41
N TYR B 278 -17.33 39.66 -17.45
CA TYR B 278 -17.42 38.33 -16.84
C TYR B 278 -17.96 37.28 -17.81
N ASN B 279 -18.62 37.69 -18.88
CA ASN B 279 -18.97 36.73 -19.93
C ASN B 279 -17.73 36.17 -20.60
N ASP B 280 -16.74 37.02 -20.86
CA ASP B 280 -15.46 36.54 -21.38
C ASP B 280 -14.70 35.74 -20.33
N LEU B 281 -14.88 36.08 -19.05
CA LEU B 281 -14.17 35.35 -18.01
C LEU B 281 -14.71 33.93 -17.86
N ILE B 282 -16.02 33.75 -18.01
CA ILE B 282 -16.58 32.41 -17.96
C ILE B 282 -16.09 31.58 -19.14
N LYS B 283 -16.08 32.18 -20.34
CA LYS B 283 -15.59 31.46 -21.51
C LYS B 283 -14.12 31.07 -21.33
N TRP B 284 -13.31 31.97 -20.76
CA TRP B 284 -11.91 31.66 -20.53
C TRP B 284 -11.75 30.52 -19.54
N SER B 285 -12.53 30.54 -18.46
CA SER B 285 -12.46 29.47 -17.47
C SER B 285 -12.78 28.12 -18.09
N GLU B 286 -13.88 28.07 -18.85
CA GLU B 286 -14.27 26.81 -19.49
C GLU B 286 -13.21 26.35 -20.48
N ASP B 287 -12.65 27.27 -21.26
CA ASP B 287 -11.63 26.91 -22.24
C ASP B 287 -10.37 26.40 -21.55
N PHE B 288 -9.92 27.09 -20.51
CA PHE B 288 -8.65 26.75 -19.87
C PHE B 288 -8.73 25.39 -19.18
N PHE B 289 -9.74 25.19 -18.33
CA PHE B 289 -9.79 23.97 -17.54
C PHE B 289 -10.00 22.75 -18.43
N SER B 290 -10.86 22.87 -19.44
CA SER B 290 -11.05 21.74 -20.35
C SER B 290 -9.78 21.47 -21.16
N GLN B 291 -9.14 22.52 -21.65
CA GLN B 291 -7.91 22.32 -22.41
C GLN B 291 -6.78 21.81 -21.52
N LEU B 292 -6.74 22.25 -20.26
CA LEU B 292 -5.70 21.79 -19.35
C LEU B 292 -5.89 20.33 -18.97
N VAL B 293 -7.12 19.94 -18.64
CA VAL B 293 -7.39 18.56 -18.27
C VAL B 293 -7.11 17.63 -19.44
N TYR B 294 -7.49 18.04 -20.65
CA TYR B 294 -7.18 17.23 -21.83
C TYR B 294 -5.68 17.16 -22.08
N HIS B 295 -4.96 18.26 -21.83
CA HIS B 295 -3.52 18.30 -22.08
C HIS B 295 -2.78 17.29 -21.22
N LEU B 296 -3.29 16.98 -20.02
CA LEU B 296 -2.60 16.09 -19.10
C LEU B 296 -3.12 14.66 -19.14
N PHE B 297 -4.37 14.45 -19.56
CA PHE B 297 -4.99 13.15 -19.49
C PHE B 297 -5.51 12.61 -20.82
N GLY B 298 -5.48 13.41 -21.88
CA GLY B 298 -5.98 12.95 -23.16
C GLY B 298 -7.48 12.69 -23.13
N THR B 299 -8.13 13.21 -22.09
CA THR B 299 -9.57 13.08 -21.91
C THR B 299 -10.06 14.23 -21.04
N TYR B 300 -11.36 14.45 -21.06
CA TYR B 300 -11.98 15.51 -20.27
C TYR B 300 -12.51 15.02 -18.93
N LYS B 301 -12.58 13.72 -18.71
CA LYS B 301 -13.07 13.15 -17.46
C LYS B 301 -11.90 12.55 -16.71
N ILE B 302 -11.84 12.81 -15.40
CA ILE B 302 -10.81 12.27 -14.53
C ILE B 302 -11.48 11.68 -13.30
N SER B 303 -10.71 10.90 -12.56
CA SER B 303 -11.17 10.28 -11.33
C SER B 303 -10.55 11.00 -10.14
N TYR B 304 -11.33 11.11 -9.05
CA TYR B 304 -10.89 11.81 -7.86
C TYR B 304 -11.39 11.07 -6.63
N ASN B 305 -10.46 10.71 -5.75
CA ASN B 305 -10.81 10.07 -4.48
C ASN B 305 -11.12 11.18 -3.47
N LYS B 306 -12.36 11.66 -3.52
CA LYS B 306 -12.77 12.79 -2.69
C LYS B 306 -12.59 12.50 -1.20
N ASP B 307 -12.73 11.24 -0.77
CA ASP B 307 -12.62 10.88 0.63
C ASP B 307 -11.45 9.94 0.86
N GLY B 308 -10.32 10.21 0.21
CA GLY B 308 -9.11 9.43 0.39
C GLY B 308 -9.11 8.16 -0.44
N PRO B 309 -7.93 7.53 -0.55
CA PRO B 309 -7.82 6.30 -1.36
C PRO B 309 -8.45 5.07 -0.72
N GLU B 310 -8.97 5.19 0.51
CA GLU B 310 -9.68 4.11 1.17
C GLU B 310 -11.19 4.18 0.94
N ASN B 311 -11.65 5.11 0.12
CA ASN B 311 -13.06 5.21 -0.24
C ASN B 311 -13.19 5.23 -1.76
N GLN B 312 -14.41 4.99 -2.22
CA GLN B 312 -14.65 4.91 -3.65
C GLN B 312 -14.48 6.29 -4.30
N PRO B 313 -13.87 6.36 -5.48
CA PRO B 313 -13.68 7.65 -6.14
C PRO B 313 -14.89 8.08 -6.96
N ILE B 314 -14.90 9.37 -7.28
CA ILE B 314 -15.94 9.95 -8.13
C ILE B 314 -15.29 10.44 -9.42
N GLU B 315 -16.12 10.59 -10.44
CA GLU B 315 -15.68 11.06 -11.74
C GLU B 315 -16.07 12.52 -11.93
N ILE B 316 -15.16 13.32 -12.49
CA ILE B 316 -15.35 14.74 -12.67
C ILE B 316 -15.19 15.06 -14.15
N ASP B 317 -16.29 15.39 -14.82
CA ASP B 317 -16.29 15.72 -16.23
C ASP B 317 -15.98 17.20 -16.40
N PHE B 318 -14.93 17.50 -17.19
CA PHE B 318 -14.51 18.88 -17.44
C PHE B 318 -14.95 19.37 -18.82
N THR B 319 -15.93 18.72 -19.43
CA THR B 319 -16.41 19.15 -20.74
C THR B 319 -17.24 20.42 -20.60
N PRO B 320 -16.97 21.45 -21.39
CA PRO B 320 -17.77 22.68 -21.32
C PRO B 320 -19.14 22.48 -21.94
N PRO B 321 -20.14 23.27 -21.54
CA PRO B 321 -20.03 24.33 -20.53
C PRO B 321 -20.37 23.85 -19.11
N TYR B 322 -19.96 24.61 -18.11
CA TYR B 322 -20.23 24.27 -16.72
C TYR B 322 -21.47 24.98 -16.22
N PRO B 323 -22.20 24.41 -15.27
CA PRO B 323 -23.41 25.06 -14.76
C PRO B 323 -23.09 26.37 -14.06
N LYS B 324 -24.06 27.29 -14.09
CA LYS B 324 -23.95 28.58 -13.43
C LYS B 324 -25.11 28.72 -12.46
N VAL B 325 -24.80 29.03 -11.21
CA VAL B 325 -25.80 29.11 -10.14
C VAL B 325 -25.68 30.46 -9.46
N SER B 326 -26.76 31.25 -9.50
CA SER B 326 -26.78 32.55 -8.85
C SER B 326 -26.94 32.38 -7.35
N ILE B 327 -26.04 33.00 -6.58
CA ILE B 327 -25.88 32.63 -5.17
C ILE B 327 -27.14 32.97 -4.37
N VAL B 328 -27.56 34.23 -4.39
CA VAL B 328 -28.66 34.65 -3.52
C VAL B 328 -29.98 34.04 -3.98
N GLU B 329 -30.18 33.92 -5.29
CA GLU B 329 -31.39 33.27 -5.79
C GLU B 329 -31.43 31.81 -5.38
N GLU B 330 -30.29 31.13 -5.40
CA GLU B 330 -30.26 29.71 -5.04
C GLU B 330 -30.49 29.52 -3.54
N ILE B 331 -29.91 30.40 -2.72
CA ILE B 331 -30.17 30.35 -1.29
C ILE B 331 -31.66 30.51 -1.02
N GLU B 332 -32.32 31.38 -1.79
CA GLU B 332 -33.75 31.60 -1.62
C GLU B 332 -34.55 30.36 -2.02
N LYS B 333 -34.12 29.68 -3.09
CA LYS B 333 -34.83 28.49 -3.54
C LYS B 333 -34.69 27.35 -2.54
N VAL B 334 -33.49 27.14 -2.00
CA VAL B 334 -33.26 26.00 -1.11
C VAL B 334 -33.91 26.24 0.24
N THR B 335 -33.92 27.49 0.71
CA THR B 335 -34.42 27.81 2.04
C THR B 335 -35.90 28.22 2.05
N ASN B 336 -36.50 28.44 0.89
CA ASN B 336 -37.84 29.04 0.81
C ASN B 336 -37.91 30.31 1.65
N THR B 337 -36.89 31.14 1.52
CA THR B 337 -36.84 32.46 2.13
C THR B 337 -36.64 33.51 1.04
N ILE B 338 -37.12 34.72 1.28
CA ILE B 338 -36.93 35.82 0.36
C ILE B 338 -36.12 36.88 1.09
N LEU B 339 -34.84 37.01 0.75
CA LEU B 339 -33.94 37.96 1.39
C LEU B 339 -33.86 39.21 0.52
N GLU B 340 -34.82 40.10 0.72
CA GLU B 340 -34.86 41.32 -0.07
C GLU B 340 -33.84 42.33 0.45
N GLN B 341 -33.50 43.29 -0.41
CA GLN B 341 -32.43 44.23 -0.13
C GLN B 341 -32.93 45.39 0.73
N PRO B 342 -32.03 46.05 1.49
CA PRO B 342 -30.58 45.80 1.58
C PRO B 342 -30.25 44.52 2.35
N PHE B 343 -29.07 43.97 2.10
CA PHE B 343 -28.65 42.75 2.78
C PHE B 343 -28.09 43.01 4.17
N ASP B 344 -27.56 44.20 4.41
CA ASP B 344 -27.16 44.62 5.75
C ASP B 344 -28.33 45.13 6.58
N SER B 345 -29.56 45.02 6.08
CA SER B 345 -30.74 45.27 6.91
C SER B 345 -30.70 44.39 8.14
N ASN B 346 -31.14 44.92 9.27
CA ASN B 346 -31.37 44.07 10.44
C ASN B 346 -32.49 43.06 10.17
N GLU B 347 -33.39 43.39 9.25
CA GLU B 347 -34.51 42.49 8.94
C GLU B 347 -34.03 41.21 8.29
N THR B 348 -33.15 41.31 7.29
CA THR B 348 -32.65 40.12 6.61
C THR B 348 -31.36 39.59 7.21
N ILE B 349 -30.74 40.36 8.07
CA ILE B 349 -29.60 39.82 8.85
C ILE B 349 -30.22 38.88 9.88
N GLU B 350 -31.42 39.22 10.34
CA GLU B 350 -32.23 38.44 11.31
C GLU B 350 -32.70 37.18 10.58
N LYS B 351 -33.16 37.34 9.35
CA LYS B 351 -33.70 36.18 8.60
C LYS B 351 -32.58 35.18 8.33
N MET B 352 -31.38 35.67 8.03
CA MET B 352 -30.27 34.76 7.69
C MET B 352 -29.82 34.04 8.95
N ILE B 353 -29.78 34.75 10.06
CA ILE B 353 -29.39 34.21 11.36
C ILE B 353 -30.35 33.11 11.79
N ASN B 354 -31.65 33.31 11.58
CA ASN B 354 -32.63 32.29 11.94
C ASN B 354 -32.47 31.03 11.08
N ILE B 355 -32.10 31.19 9.80
CA ILE B 355 -31.81 30.01 8.98
C ILE B 355 -30.57 29.29 9.51
N ILE B 356 -29.53 30.05 9.84
CA ILE B 356 -28.35 29.44 10.47
C ILE B 356 -28.73 28.79 11.79
N LYS B 357 -29.64 29.41 12.55
CA LYS B 357 -30.09 28.82 13.80
C LYS B 357 -30.94 27.59 13.57
N GLU B 358 -31.81 27.61 12.55
CA GLU B 358 -32.72 26.50 12.31
C GLU B 358 -31.93 25.23 11.95
N HIS B 359 -30.97 25.34 11.04
CA HIS B 359 -30.13 24.23 10.67
C HIS B 359 -28.90 24.08 11.57
N LYS B 360 -28.75 24.97 12.55
CA LYS B 360 -27.64 24.94 13.51
C LYS B 360 -26.30 24.89 12.79
N ILE B 361 -26.19 25.66 11.70
CA ILE B 361 -24.91 25.89 11.05
C ILE B 361 -24.00 26.68 11.99
N GLU B 362 -22.70 26.60 11.74
CA GLU B 362 -21.74 27.45 12.43
C GLU B 362 -22.16 28.91 12.29
N LEU B 363 -22.19 29.62 13.40
CA LEU B 363 -22.36 31.06 13.31
C LEU B 363 -21.01 31.70 13.03
N PRO B 364 -20.94 32.65 12.08
CA PRO B 364 -19.72 33.39 11.80
C PRO B 364 -19.20 34.18 12.99
N ASN B 365 -17.91 34.53 12.95
CA ASN B 365 -17.20 35.26 14.04
C ASN B 365 -17.91 36.59 14.27
N PRO B 366 -17.90 37.49 13.27
CA PRO B 366 -18.60 38.75 13.31
C PRO B 366 -19.75 38.43 12.37
N PRO B 367 -21.00 38.50 12.85
CA PRO B 367 -22.17 38.05 12.07
C PRO B 367 -22.64 39.08 11.06
N THR B 368 -21.70 39.64 10.31
CA THR B 368 -22.02 40.60 9.27
C THR B 368 -22.76 39.90 8.13
N ALA B 369 -23.50 40.70 7.36
CA ALA B 369 -24.27 40.14 6.25
C ALA B 369 -23.34 39.49 5.23
N ALA B 370 -22.16 40.08 5.00
CA ALA B 370 -21.25 39.54 3.99
C ALA B 370 -20.83 38.12 4.34
N LYS B 371 -20.66 37.82 5.64
CA LYS B 371 -20.24 36.49 6.07
C LYS B 371 -21.41 35.57 6.35
N LEU B 372 -22.58 36.11 6.69
CA LEU B 372 -23.77 35.29 6.76
C LEU B 372 -24.13 34.74 5.39
N LEU B 373 -24.01 35.57 4.35
CA LEU B 373 -24.19 35.08 2.99
C LEU B 373 -23.13 34.05 2.63
N ASP B 374 -21.90 34.25 3.11
CA ASP B 374 -20.83 33.30 2.88
C ASP B 374 -21.18 31.94 3.47
N GLN B 375 -21.53 31.92 4.76
CA GLN B 375 -21.84 30.67 5.43
C GLN B 375 -23.05 29.98 4.81
N LEU B 376 -24.03 30.75 4.35
CA LEU B 376 -25.22 30.15 3.77
C LEU B 376 -24.91 29.44 2.47
N ALA B 377 -24.11 30.08 1.60
CA ALA B 377 -23.69 29.45 0.36
C ALA B 377 -22.78 28.26 0.62
N SER B 378 -21.91 28.36 1.63
CA SER B 378 -21.02 27.25 1.97
C SER B 378 -21.81 26.01 2.36
N HIS B 379 -23.04 26.18 2.83
CA HIS B 379 -23.85 25.06 3.33
C HIS B 379 -24.96 24.64 2.39
N PHE B 380 -25.32 25.45 1.41
CA PHE B 380 -26.49 25.18 0.57
C PHE B 380 -26.21 25.18 -0.92
N ILE B 381 -25.05 25.64 -1.38
CA ILE B 381 -24.78 25.68 -2.81
C ILE B 381 -23.42 25.06 -3.13
N GLU B 382 -22.43 25.30 -2.28
CA GLU B 382 -21.05 25.02 -2.66
C GLU B 382 -20.79 23.54 -2.93
N ASN B 383 -21.57 22.66 -2.32
CA ASN B 383 -21.45 21.23 -2.58
C ASN B 383 -22.64 20.68 -3.35
N LYS B 384 -23.21 21.49 -4.23
CA LYS B 384 -24.37 21.08 -5.03
C LYS B 384 -23.96 20.15 -6.17
N TYR B 385 -22.95 20.54 -6.94
CA TYR B 385 -22.46 19.73 -8.05
C TYR B 385 -21.08 19.17 -7.69
N ASN B 386 -20.96 17.85 -7.75
CA ASN B 386 -19.68 17.19 -7.55
C ASN B 386 -19.19 16.43 -8.77
N ASP B 387 -20.07 16.02 -9.68
CA ASP B 387 -19.67 15.36 -10.90
C ASP B 387 -19.02 16.31 -11.90
N LYS B 388 -19.10 17.62 -11.68
CA LYS B 388 -18.67 18.62 -12.64
C LYS B 388 -18.21 19.85 -11.88
N PRO B 389 -17.34 20.67 -12.49
CA PRO B 389 -17.13 22.02 -11.97
C PRO B 389 -18.32 22.90 -12.32
N PHE B 390 -18.55 23.92 -11.50
CA PHE B 390 -19.69 24.79 -11.69
C PHE B 390 -19.38 26.15 -11.09
N PHE B 391 -20.12 27.15 -11.55
CA PHE B 391 -19.91 28.53 -11.15
C PHE B 391 -20.99 28.97 -10.17
N ILE B 392 -20.57 29.70 -9.14
CA ILE B 392 -21.47 30.52 -8.32
C ILE B 392 -21.27 31.96 -8.77
N VAL B 393 -22.35 32.59 -9.25
CA VAL B 393 -22.26 33.84 -9.98
C VAL B 393 -23.17 34.88 -9.36
N GLU B 394 -22.92 36.15 -9.73
CA GLU B 394 -23.80 37.28 -9.39
C GLU B 394 -23.86 37.53 -7.89
N HIS B 395 -22.69 37.57 -7.27
CA HIS B 395 -22.59 37.86 -5.85
C HIS B 395 -23.11 39.25 -5.53
N PRO B 396 -23.64 39.46 -4.33
CA PRO B 396 -24.02 40.81 -3.90
C PRO B 396 -22.81 41.74 -3.82
N GLN B 397 -23.09 43.04 -3.78
CA GLN B 397 -22.02 44.04 -3.76
C GLN B 397 -21.33 44.11 -2.40
N ILE B 398 -22.05 43.80 -1.32
CA ILE B 398 -21.45 43.83 0.01
C ILE B 398 -20.47 42.69 0.23
N MET B 399 -20.40 41.74 -0.70
CA MET B 399 -19.36 40.73 -0.72
C MET B 399 -18.28 41.01 -1.76
N SER B 400 -18.45 42.04 -2.58
CA SER B 400 -17.60 42.28 -3.75
C SER B 400 -17.25 43.76 -3.83
N PRO B 401 -16.38 44.24 -2.93
CA PRO B 401 -16.08 45.69 -2.92
C PRO B 401 -15.33 46.18 -4.15
N LEU B 402 -14.77 45.28 -4.95
CA LEU B 402 -13.99 45.68 -6.12
C LEU B 402 -14.62 45.24 -7.43
N ALA B 403 -15.81 44.65 -7.38
CA ALA B 403 -16.48 44.12 -8.56
C ALA B 403 -17.52 45.12 -9.05
N LYS B 404 -17.53 45.38 -10.35
CA LYS B 404 -18.48 46.32 -10.93
C LYS B 404 -19.90 45.81 -10.73
N TYR B 405 -20.82 46.75 -10.51
CA TYR B 405 -22.21 46.42 -10.27
C TYR B 405 -22.81 45.70 -11.48
N HIS B 406 -23.74 44.78 -11.19
CA HIS B 406 -24.46 44.09 -12.25
C HIS B 406 -25.26 45.08 -13.09
N ARG B 407 -25.25 44.88 -14.41
CA ARG B 407 -25.83 45.88 -15.30
C ARG B 407 -27.35 45.81 -15.37
N THR B 408 -27.97 44.70 -14.99
CA THR B 408 -29.42 44.62 -14.96
C THR B 408 -30.00 44.12 -13.64
N LYS B 409 -29.17 43.72 -12.67
CA LYS B 409 -29.66 43.20 -11.39
C LYS B 409 -29.16 44.08 -10.25
N PRO B 410 -30.00 44.93 -9.69
CA PRO B 410 -29.53 45.87 -8.66
C PRO B 410 -29.05 45.15 -7.41
N GLY B 411 -28.01 45.70 -6.79
CA GLY B 411 -27.44 45.15 -5.57
C GLY B 411 -26.44 44.03 -5.77
N LEU B 412 -26.29 43.50 -6.98
CA LEU B 412 -25.37 42.40 -7.24
C LEU B 412 -24.22 42.88 -8.13
N THR B 413 -23.20 42.05 -8.22
CA THR B 413 -22.03 42.32 -9.05
C THR B 413 -21.89 41.24 -10.11
N GLU B 414 -21.08 41.55 -11.13
CA GLU B 414 -20.82 40.61 -12.23
C GLU B 414 -19.64 39.71 -11.88
N ARG B 415 -19.82 38.93 -10.81
CA ARG B 415 -18.79 38.11 -10.21
C ARG B 415 -19.05 36.63 -10.46
N LEU B 416 -17.98 35.85 -10.43
CA LEU B 416 -18.09 34.41 -10.62
C LEU B 416 -17.00 33.72 -9.82
N GLU B 417 -17.37 32.59 -9.21
CA GLU B 417 -16.43 31.70 -8.56
C GLU B 417 -16.68 30.29 -9.08
N MET B 418 -15.61 29.56 -9.37
CA MET B 418 -15.72 28.19 -9.85
C MET B 418 -15.30 27.22 -8.75
N PHE B 419 -16.08 26.16 -8.59
CA PHE B 419 -15.86 25.17 -7.53
C PHE B 419 -15.59 23.81 -8.15
N ILE B 420 -14.63 23.10 -7.57
CA ILE B 420 -14.36 21.70 -7.89
C ILE B 420 -14.52 20.92 -6.58
N CYS B 421 -15.45 19.98 -6.57
CA CYS B 421 -15.70 19.14 -5.39
C CYS B 421 -15.93 19.98 -4.15
N GLY B 422 -16.65 21.09 -4.32
CA GLY B 422 -16.97 21.94 -3.20
C GLY B 422 -15.85 22.83 -2.72
N LYS B 423 -14.73 22.89 -3.43
CA LYS B 423 -13.61 23.75 -3.07
C LYS B 423 -13.46 24.85 -4.13
N GLU B 424 -13.36 26.09 -3.68
CA GLU B 424 -13.22 27.21 -4.59
C GLU B 424 -11.80 27.24 -5.16
N VAL B 425 -11.71 27.27 -6.49
CA VAL B 425 -10.42 27.31 -7.18
C VAL B 425 -10.28 28.53 -8.07
N LEU B 426 -11.25 29.44 -8.07
CA LEU B 426 -11.26 30.55 -9.01
C LEU B 426 -12.15 31.67 -8.49
N ASN B 427 -11.74 32.92 -8.74
CA ASN B 427 -12.51 34.10 -8.39
C ASN B 427 -12.28 35.14 -9.45
N ALA B 428 -13.37 35.64 -10.05
CA ALA B 428 -13.26 36.54 -11.18
C ALA B 428 -14.50 37.41 -11.26
N TYR B 429 -14.33 38.61 -11.81
CA TYR B 429 -15.46 39.50 -12.02
C TYR B 429 -15.11 40.60 -13.00
N THR B 430 -16.16 41.24 -13.52
CA THR B 430 -15.99 42.52 -14.19
C THR B 430 -15.50 43.55 -13.17
N GLU B 431 -14.44 44.27 -13.53
CA GLU B 431 -13.77 45.15 -12.57
C GLU B 431 -14.53 46.46 -12.40
N LEU B 432 -14.79 46.81 -11.15
CA LEU B 432 -15.23 48.17 -10.81
C LEU B 432 -14.15 49.16 -11.21
N ASN B 433 -14.49 50.09 -12.11
CA ASN B 433 -13.51 51.06 -12.59
C ASN B 433 -13.96 52.51 -12.44
N ASP B 434 -15.13 52.77 -11.86
CA ASP B 434 -15.57 54.13 -11.60
C ASP B 434 -15.03 54.58 -10.25
N PRO B 435 -14.04 55.48 -10.20
CA PRO B 435 -13.49 55.90 -8.90
C PRO B 435 -14.52 56.49 -7.96
N PHE B 436 -15.61 57.05 -8.49
CA PHE B 436 -16.65 57.59 -7.62
C PHE B 436 -17.33 56.48 -6.82
N LYS B 437 -17.50 55.30 -7.42
CA LYS B 437 -18.32 54.26 -6.81
C LYS B 437 -17.56 53.38 -5.82
N GLN B 438 -16.23 53.41 -5.83
CA GLN B 438 -15.45 52.73 -4.79
C GLN B 438 -15.46 53.61 -3.56
N LYS B 439 -16.56 53.51 -2.80
CA LYS B 439 -16.84 54.42 -1.69
C LYS B 439 -15.93 54.21 -0.49
N GLU B 440 -15.06 53.21 -0.51
CA GLU B 440 -14.07 53.03 0.55
C GLU B 440 -12.80 53.84 0.32
N CYS B 441 -12.79 54.71 -0.70
CA CYS B 441 -11.63 55.55 -1.01
C CYS B 441 -11.59 56.83 -0.19
N PHE B 442 -12.62 57.13 0.58
CA PHE B 442 -12.69 58.40 1.30
C PHE B 442 -13.46 58.26 2.60
N GLN B 458 -7.98 46.26 3.54
CA GLN B 458 -8.07 47.70 3.33
C GLN B 458 -7.47 48.09 1.99
N LEU B 459 -7.87 49.26 1.48
CA LEU B 459 -7.44 49.74 0.17
C LEU B 459 -6.45 50.89 0.31
N ASP B 460 -5.72 51.12 -0.77
CA ASP B 460 -4.67 52.13 -0.83
C ASP B 460 -5.19 53.40 -1.48
N SER B 461 -4.64 54.54 -1.05
CA SER B 461 -4.90 55.79 -1.75
C SER B 461 -4.20 55.82 -3.10
N ALA B 462 -3.03 55.18 -3.21
CA ALA B 462 -2.35 55.09 -4.49
C ALA B 462 -3.22 54.37 -5.52
N PHE B 463 -3.97 53.35 -5.09
CA PHE B 463 -4.85 52.64 -6.01
C PHE B 463 -6.05 53.49 -6.40
N CYS B 464 -6.58 54.27 -5.45
CA CYS B 464 -7.75 55.08 -5.73
C CYS B 464 -7.43 56.21 -6.70
N THR B 465 -6.28 56.88 -6.54
CA THR B 465 -5.97 57.95 -7.47
C THR B 465 -5.68 57.42 -8.86
N SER B 466 -5.18 56.18 -8.97
CA SER B 466 -4.95 55.63 -10.30
C SER B 466 -6.26 55.37 -11.03
N LEU B 467 -7.32 55.02 -10.32
CA LEU B 467 -8.63 54.91 -10.95
C LEU B 467 -9.09 56.25 -11.50
N GLU B 468 -8.67 57.35 -10.88
CA GLU B 468 -9.02 58.68 -11.36
C GLU B 468 -8.33 59.05 -12.66
N TYR B 469 -7.33 58.28 -13.08
CA TYR B 469 -6.67 58.49 -14.35
C TYR B 469 -7.28 57.67 -15.48
N GLY B 470 -8.29 56.86 -15.20
CA GLY B 470 -8.96 56.11 -16.23
C GLY B 470 -8.57 54.65 -16.26
N LEU B 471 -9.36 53.81 -15.58
CA LEU B 471 -9.23 52.37 -15.73
C LEU B 471 -10.25 51.90 -16.74
N PRO B 472 -9.83 51.31 -17.87
CA PRO B 472 -10.79 50.91 -18.90
C PRO B 472 -11.68 49.78 -18.39
N PRO B 473 -12.76 49.48 -19.10
CA PRO B 473 -13.53 48.27 -18.79
C PRO B 473 -12.61 47.06 -18.78
N THR B 474 -12.65 46.31 -17.68
CA THR B 474 -11.67 45.26 -17.45
C THR B 474 -12.33 44.06 -16.79
N GLY B 475 -11.87 42.87 -17.18
CA GLY B 475 -12.20 41.64 -16.49
C GLY B 475 -10.95 41.10 -15.83
N GLY B 476 -11.08 40.67 -14.58
CA GLY B 476 -9.97 40.08 -13.86
C GLY B 476 -10.34 38.73 -13.29
N LEU B 477 -9.33 37.87 -13.19
CA LEU B 477 -9.54 36.48 -12.76
C LEU B 477 -8.37 36.02 -11.90
N GLY B 478 -8.68 35.29 -10.84
CA GLY B 478 -7.68 34.73 -9.96
C GLY B 478 -7.78 33.21 -9.93
N LEU B 479 -6.63 32.57 -9.82
CA LEU B 479 -6.55 31.11 -9.81
C LEU B 479 -5.81 30.63 -8.56
N GLY B 480 -6.37 29.63 -7.90
CA GLY B 480 -5.65 28.91 -6.85
C GLY B 480 -4.90 27.73 -7.42
N ILE B 481 -3.59 27.88 -7.63
CA ILE B 481 -2.83 26.88 -8.36
C ILE B 481 -2.68 25.60 -7.54
N ASP B 482 -2.50 25.75 -6.22
CA ASP B 482 -2.30 24.58 -5.37
C ASP B 482 -3.54 23.69 -5.37
N ARG B 483 -4.72 24.29 -5.28
CA ARG B 483 -5.94 23.50 -5.21
C ARG B 483 -6.22 22.77 -6.53
N ILE B 484 -5.96 23.44 -7.66
CA ILE B 484 -6.12 22.79 -8.96
C ILE B 484 -5.15 21.61 -9.07
N THR B 485 -3.93 21.79 -8.56
CA THR B 485 -2.96 20.70 -8.56
C THR B 485 -3.51 19.51 -7.77
N MET B 486 -4.14 19.77 -6.63
CA MET B 486 -4.71 18.69 -5.83
C MET B 486 -5.72 17.87 -6.64
N PHE B 487 -6.67 18.54 -7.28
CA PHE B 487 -7.70 17.82 -8.02
C PHE B 487 -7.14 17.16 -9.27
N LEU B 488 -5.99 17.59 -9.76
CA LEU B 488 -5.40 16.97 -10.94
C LEU B 488 -4.30 15.98 -10.61
N THR B 489 -3.90 15.90 -9.34
CA THR B 489 -2.96 14.88 -8.87
C THR B 489 -3.61 13.91 -7.89
N ASN B 490 -4.92 14.03 -7.68
CA ASN B 490 -5.68 13.13 -6.82
C ASN B 490 -5.16 13.17 -5.38
N LYS B 491 -5.10 14.38 -4.82
CA LYS B 491 -4.67 14.59 -3.44
C LYS B 491 -5.76 15.32 -2.67
N ASN B 492 -5.96 14.90 -1.42
CA ASN B 492 -6.99 15.48 -0.56
C ASN B 492 -6.49 16.63 0.31
N SER B 493 -5.18 16.74 0.49
CA SER B 493 -4.60 17.80 1.30
C SER B 493 -3.66 18.65 0.46
N ILE B 494 -3.69 19.96 0.70
CA ILE B 494 -2.79 20.88 -0.01
C ILE B 494 -1.34 20.63 0.37
N LYS B 495 -1.07 19.96 1.49
CA LYS B 495 0.30 19.64 1.85
C LYS B 495 0.94 18.61 0.93
N ASP B 496 0.13 17.89 0.15
CA ASP B 496 0.66 16.92 -0.79
C ASP B 496 1.07 17.53 -2.13
N VAL B 497 0.81 18.82 -2.35
CA VAL B 497 1.15 19.47 -3.60
C VAL B 497 2.09 20.64 -3.39
N ILE B 498 2.68 20.75 -2.20
CA ILE B 498 3.67 21.78 -1.87
C ILE B 498 4.92 21.05 -1.39
N LEU B 499 6.07 21.41 -1.95
CA LEU B 499 7.27 20.62 -1.71
C LEU B 499 7.65 20.64 -0.23
N PHE B 500 7.58 21.80 0.41
CA PHE B 500 7.90 21.95 1.83
C PHE B 500 6.77 22.69 2.51
N PRO B 501 5.70 21.99 2.87
CA PRO B 501 4.61 22.66 3.60
C PRO B 501 5.09 23.12 4.97
N THR B 502 4.48 24.19 5.44
CA THR B 502 4.88 24.78 6.72
C THR B 502 4.30 23.94 7.85
N MET B 503 5.17 23.47 8.73
CA MET B 503 4.76 22.59 9.82
C MET B 503 5.14 23.20 11.16
N ARG B 504 4.53 22.64 12.21
CA ARG B 504 4.91 23.00 13.58
C ARG B 504 6.08 22.12 14.01
N PRO B 505 7.20 22.69 14.45
CA PRO B 505 8.38 21.91 14.83
C PRO B 505 8.12 21.02 16.05
N PRO C 4 -18.90 6.99 7.14
CA PRO C 4 -18.56 6.81 8.56
C PRO C 4 -19.39 5.74 9.26
N ARG C 5 -19.75 5.99 10.52
CA ARG C 5 -20.66 5.12 11.25
C ARG C 5 -22.10 5.30 10.79
N LEU C 6 -22.44 6.48 10.27
CA LEU C 6 -23.80 6.74 9.81
C LEU C 6 -24.19 5.79 8.69
N TYR C 7 -23.24 5.41 7.83
CA TYR C 7 -23.55 4.46 6.76
C TYR C 7 -24.17 3.19 7.32
N PHE C 8 -23.62 2.67 8.42
CA PHE C 8 -24.23 1.52 9.07
C PHE C 8 -25.62 1.87 9.60
N GLU C 9 -25.77 3.05 10.20
CA GLU C 9 -27.06 3.46 10.75
C GLU C 9 -28.11 3.59 9.64
N ASN C 10 -27.74 4.23 8.53
CA ASN C 10 -28.67 4.38 7.42
C ASN C 10 -29.13 3.03 6.90
N ARG C 11 -28.19 2.12 6.66
CA ARG C 11 -28.55 0.82 6.09
C ARG C 11 -29.37 -0.01 7.07
N SER C 12 -29.18 0.17 8.37
CA SER C 12 -29.98 -0.57 9.34
C SER C 12 -31.42 -0.09 9.33
N LYS C 13 -31.62 1.24 9.34
CA LYS C 13 -32.96 1.79 9.15
C LYS C 13 -33.52 1.42 7.79
N PHE C 14 -32.66 1.36 6.77
CA PHE C 14 -33.07 0.85 5.46
C PHE C 14 -33.67 -0.55 5.58
N ILE C 15 -33.01 -1.44 6.33
CA ILE C 15 -33.54 -2.79 6.49
C ILE C 15 -34.84 -2.78 7.28
N GLN C 16 -34.92 -1.94 8.32
CA GLN C 16 -36.06 -1.98 9.21
C GLN C 16 -37.34 -1.50 8.54
N ASP C 17 -37.29 -0.32 7.92
CA ASP C 17 -38.51 0.28 7.38
C ASP C 17 -39.05 -0.48 6.17
N GLN C 18 -38.26 -1.36 5.57
CA GLN C 18 -38.77 -2.23 4.51
C GLN C 18 -39.35 -3.53 5.05
N LYS C 19 -38.91 -3.96 6.23
CA LYS C 19 -39.68 -4.96 6.97
C LYS C 19 -41.06 -4.42 7.31
N ASP C 20 -41.14 -3.13 7.65
CA ASP C 20 -42.44 -2.49 7.85
C ASP C 20 -43.22 -2.40 6.54
N LYS C 21 -42.52 -2.11 5.44
CA LYS C 21 -43.15 -2.04 4.13
C LYS C 21 -43.55 -3.41 3.59
N GLY C 22 -43.14 -4.50 4.26
CA GLY C 22 -43.54 -5.84 3.90
C GLY C 22 -42.46 -6.67 3.23
N ILE C 23 -41.57 -6.04 2.48
CA ILE C 23 -40.57 -6.78 1.72
C ILE C 23 -39.55 -7.40 2.67
N ASN C 24 -39.23 -8.68 2.45
CA ASN C 24 -38.27 -9.39 3.28
C ASN C 24 -36.87 -9.14 2.75
N PRO C 25 -36.01 -8.42 3.48
CA PRO C 25 -34.62 -8.26 3.00
C PRO C 25 -33.80 -9.52 3.11
N TYR C 26 -34.24 -10.49 3.91
CA TYR C 26 -33.52 -11.75 4.11
C TYR C 26 -34.47 -12.91 3.86
N PRO C 27 -34.79 -13.19 2.60
CA PRO C 27 -35.64 -14.36 2.31
C PRO C 27 -34.94 -15.66 2.64
N HIS C 28 -35.74 -16.72 2.80
CA HIS C 28 -35.21 -18.00 3.23
C HIS C 28 -34.49 -18.73 2.10
N LYS C 29 -35.13 -18.84 0.93
CA LYS C 29 -34.63 -19.69 -0.14
C LYS C 29 -34.78 -19.00 -1.48
N PHE C 30 -33.73 -19.09 -2.29
CA PHE C 30 -33.76 -18.65 -3.69
C PHE C 30 -33.19 -19.78 -4.54
N GLU C 31 -34.05 -20.44 -5.31
CA GLU C 31 -33.63 -21.56 -6.15
C GLU C 31 -32.93 -21.02 -7.38
N ARG C 32 -31.60 -21.15 -7.43
CA ARG C 32 -30.82 -20.70 -8.56
C ARG C 32 -30.55 -21.87 -9.51
N THR C 33 -30.38 -21.53 -10.79
CA THR C 33 -30.19 -22.53 -11.83
C THR C 33 -28.78 -22.55 -12.40
N ILE C 34 -27.88 -21.72 -11.86
CA ILE C 34 -26.55 -21.58 -12.45
C ILE C 34 -25.66 -20.89 -11.43
N SER C 35 -24.36 -21.12 -11.54
CA SER C 35 -23.35 -20.39 -10.78
C SER C 35 -22.53 -19.55 -11.74
N ILE C 36 -21.86 -18.53 -11.20
CA ILE C 36 -21.10 -17.61 -12.04
C ILE C 36 -19.96 -18.32 -12.78
N PRO C 37 -19.20 -19.22 -12.16
CA PRO C 37 -18.23 -20.01 -12.97
C PRO C 37 -18.89 -20.79 -14.09
N GLU C 38 -19.97 -21.51 -13.80
CA GLU C 38 -20.69 -22.24 -14.84
C GLU C 38 -21.26 -21.27 -15.87
N PHE C 39 -21.70 -20.10 -15.44
CA PHE C 39 -22.21 -19.10 -16.37
C PHE C 39 -21.13 -18.65 -17.35
N ILE C 40 -19.92 -18.37 -16.84
CA ILE C 40 -18.84 -17.92 -17.70
C ILE C 40 -18.41 -19.03 -18.65
N GLU C 41 -18.20 -20.24 -18.13
CA GLU C 41 -17.73 -21.34 -18.97
C GLU C 41 -18.74 -21.65 -20.07
N LYS C 42 -20.03 -21.57 -19.76
CA LYS C 42 -21.06 -21.87 -20.74
C LYS C 42 -21.23 -20.75 -21.74
N TYR C 43 -20.95 -19.51 -21.35
CA TYR C 43 -21.34 -18.34 -22.15
C TYR C 43 -20.15 -17.42 -22.42
N LYS C 44 -18.95 -17.95 -22.59
CA LYS C 44 -17.80 -17.10 -22.89
C LYS C 44 -17.43 -17.10 -24.37
N ASP C 45 -18.24 -17.75 -25.22
CA ASP C 45 -17.90 -17.90 -26.62
C ASP C 45 -18.96 -17.31 -27.56
N LEU C 46 -19.88 -16.51 -27.05
CA LEU C 46 -20.87 -15.89 -27.91
C LEU C 46 -20.32 -14.64 -28.57
N GLY C 47 -20.97 -14.21 -29.65
CA GLY C 47 -20.56 -13.02 -30.36
C GLY C 47 -20.98 -11.74 -29.65
N ASN C 48 -20.42 -10.63 -30.11
CA ASN C 48 -20.74 -9.33 -29.53
C ASN C 48 -22.19 -8.96 -29.84
N GLY C 49 -22.88 -8.46 -28.81
CA GLY C 49 -24.26 -8.05 -28.96
C GLY C 49 -25.29 -9.16 -28.99
N GLU C 50 -24.87 -10.42 -28.98
CA GLU C 50 -25.80 -11.54 -29.03
C GLU C 50 -26.57 -11.64 -27.72
N HIS C 51 -27.90 -11.58 -27.81
CA HIS C 51 -28.78 -11.68 -26.65
C HIS C 51 -29.61 -12.95 -26.78
N LEU C 52 -29.31 -13.96 -25.96
CA LEU C 52 -30.12 -15.17 -25.88
C LEU C 52 -31.33 -14.84 -25.01
N GLU C 53 -32.40 -14.41 -25.66
CA GLU C 53 -33.47 -13.63 -25.03
C GLU C 53 -34.20 -14.40 -23.93
N ASP C 54 -34.78 -15.55 -24.27
CA ASP C 54 -35.58 -16.30 -23.30
C ASP C 54 -34.99 -17.67 -23.00
N THR C 55 -33.69 -17.68 -22.72
CA THR C 55 -33.05 -18.76 -21.97
C THR C 55 -32.78 -18.25 -20.57
N ILE C 56 -33.87 -17.97 -19.85
CA ILE C 56 -33.79 -17.34 -18.55
C ILE C 56 -32.99 -18.20 -17.58
N LEU C 57 -32.38 -17.55 -16.59
CA LEU C 57 -31.58 -18.22 -15.59
C LEU C 57 -31.86 -17.58 -14.24
N ASN C 58 -31.67 -18.36 -13.18
CA ASN C 58 -31.70 -17.85 -11.81
C ASN C 58 -30.27 -17.85 -11.29
N ILE C 59 -29.71 -16.67 -11.08
CA ILE C 59 -28.31 -16.52 -10.69
C ILE C 59 -28.23 -15.68 -9.43
N THR C 60 -27.17 -15.89 -8.66
CA THR C 60 -26.90 -15.13 -7.44
C THR C 60 -25.47 -14.64 -7.44
N GLY C 61 -25.18 -13.72 -6.54
CA GLY C 61 -23.84 -13.16 -6.44
C GLY C 61 -23.83 -11.96 -5.53
N ARG C 62 -22.65 -11.34 -5.43
CA ARG C 62 -22.44 -10.15 -4.63
C ARG C 62 -22.09 -8.98 -5.52
N ILE C 63 -22.70 -7.83 -5.25
CA ILE C 63 -22.47 -6.62 -6.03
C ILE C 63 -21.20 -5.95 -5.54
N MET C 64 -20.23 -5.76 -6.45
CA MET C 64 -18.96 -5.14 -6.12
C MET C 64 -18.76 -3.78 -6.76
N ARG C 65 -19.53 -3.43 -7.78
CA ARG C 65 -19.40 -2.14 -8.45
C ARG C 65 -20.78 -1.67 -8.87
N VAL C 66 -21.17 -0.48 -8.42
CA VAL C 66 -22.44 0.15 -8.80
C VAL C 66 -22.09 1.37 -9.64
N SER C 67 -22.37 1.29 -10.94
CA SER C 67 -22.14 2.41 -11.84
C SER C 67 -23.41 3.23 -12.02
N SER C 69 -24.72 6.78 -15.08
CA SER C 69 -25.11 5.44 -15.48
C SER C 69 -26.19 5.50 -16.54
N GLY C 70 -26.92 6.61 -16.57
CA GLY C 70 -28.15 6.67 -17.31
C GLY C 70 -29.24 6.07 -16.46
N GLN C 71 -30.45 6.66 -16.52
CA GLN C 71 -31.58 6.24 -15.66
C GLN C 71 -32.45 5.19 -16.34
N LYS C 72 -31.98 4.67 -17.47
CA LYS C 72 -32.69 3.58 -18.17
C LYS C 72 -31.75 2.37 -18.23
N LEU C 73 -30.44 2.63 -18.09
CA LEU C 73 -29.40 1.59 -18.11
C LEU C 73 -28.77 1.53 -16.72
N ARG C 74 -28.61 0.33 -16.19
CA ARG C 74 -28.02 0.20 -14.86
C ARG C 74 -26.96 -0.90 -14.89
N PHE C 75 -25.71 -0.53 -14.63
CA PHE C 75 -24.58 -1.45 -14.68
C PHE C 75 -24.24 -1.94 -13.28
N PHE C 76 -23.75 -3.19 -13.21
CA PHE C 76 -23.31 -3.78 -11.95
C PHE C 76 -22.20 -4.78 -12.23
N ASP C 77 -21.37 -5.00 -11.22
CA ASP C 77 -20.37 -6.06 -11.23
C ASP C 77 -20.76 -7.09 -10.18
N LEU C 78 -20.97 -8.33 -10.62
CA LEU C 78 -21.43 -9.41 -9.75
C LEU C 78 -20.34 -10.47 -9.65
N VAL C 79 -19.99 -10.84 -8.43
CA VAL C 79 -18.96 -11.86 -8.21
C VAL C 79 -19.57 -13.03 -7.46
N GLY C 80 -18.94 -14.19 -7.64
CA GLY C 80 -19.32 -15.41 -6.97
C GLY C 80 -18.31 -16.50 -7.26
N ASP C 81 -17.88 -17.23 -6.23
CA ASP C 81 -16.87 -18.28 -6.37
C ASP C 81 -15.58 -17.77 -7.01
N GLY C 82 -15.28 -16.48 -6.84
CA GLY C 82 -14.04 -15.94 -7.34
C GLY C 82 -14.00 -15.57 -8.81
N GLU C 83 -15.17 -15.41 -9.44
CA GLU C 83 -15.24 -14.97 -10.83
C GLU C 83 -16.29 -13.87 -10.94
N LYS C 84 -16.22 -13.10 -12.03
CA LYS C 84 -17.01 -11.88 -12.14
C LYS C 84 -17.70 -11.78 -13.49
N ILE C 85 -18.98 -11.43 -13.47
CA ILE C 85 -19.74 -11.09 -14.66
C ILE C 85 -20.40 -9.73 -14.43
N GLN C 86 -20.88 -9.13 -15.52
CA GLN C 86 -21.52 -7.83 -15.49
C GLN C 86 -23.04 -7.98 -15.48
N VAL C 87 -23.72 -6.99 -14.92
CA VAL C 87 -25.18 -6.95 -14.88
C VAL C 87 -25.65 -5.73 -15.65
N LEU C 88 -26.57 -5.92 -16.59
CA LEU C 88 -27.12 -4.85 -17.42
C LEU C 88 -28.63 -4.79 -17.24
N ALA C 89 -29.09 -3.90 -16.36
CA ALA C 89 -30.51 -3.71 -16.12
C ALA C 89 -31.06 -2.76 -17.18
N ASN C 90 -31.59 -3.33 -18.26
CA ASN C 90 -32.20 -2.56 -19.33
C ASN C 90 -33.70 -2.45 -19.07
N TYR C 91 -34.18 -1.22 -18.90
CA TYR C 91 -35.61 -0.97 -18.69
C TYR C 91 -36.48 -1.61 -19.76
N SER C 92 -35.91 -1.89 -20.94
CA SER C 92 -36.66 -2.58 -21.99
C SER C 92 -37.05 -4.00 -21.57
N PHE C 93 -36.25 -4.62 -20.70
CA PHE C 93 -36.45 -6.01 -20.30
C PHE C 93 -36.99 -6.17 -18.89
N HIS C 94 -37.15 -5.08 -18.14
CA HIS C 94 -37.59 -5.20 -16.75
C HIS C 94 -39.06 -5.57 -16.70
N ASN C 95 -39.41 -6.39 -15.71
CA ASN C 95 -40.80 -6.78 -15.45
C ASN C 95 -41.38 -5.82 -14.44
N HIS C 96 -42.13 -4.82 -14.92
CA HIS C 96 -42.72 -3.82 -14.05
C HIS C 96 -43.90 -4.35 -13.24
N GLU C 97 -44.25 -5.63 -13.40
CA GLU C 97 -45.35 -6.20 -12.61
C GLU C 97 -45.01 -6.23 -11.13
N LYS C 98 -43.74 -6.38 -10.78
CA LYS C 98 -43.33 -6.63 -9.40
C LYS C 98 -42.53 -5.47 -8.81
N GLY C 99 -42.78 -4.25 -9.28
CA GLY C 99 -42.17 -3.06 -8.71
C GLY C 99 -41.63 -2.13 -9.77
N ASN C 100 -41.30 -0.92 -9.32
CA ASN C 100 -40.71 0.09 -10.20
C ASN C 100 -39.27 -0.27 -10.53
N PHE C 101 -38.88 0.00 -11.78
CA PHE C 101 -37.51 -0.25 -12.19
C PHE C 101 -36.53 0.70 -11.48
N ALA C 102 -36.93 1.96 -11.31
CA ALA C 102 -36.02 2.95 -10.75
C ALA C 102 -35.75 2.68 -9.27
N GLU C 103 -36.81 2.64 -8.46
CA GLU C 103 -36.62 2.63 -7.01
C GLU C 103 -36.03 1.30 -6.52
N CYS C 104 -36.43 0.19 -7.14
CA CYS C 104 -35.90 -1.11 -6.70
C CYS C 104 -34.42 -1.25 -6.99
N TYR C 105 -33.92 -0.61 -8.05
CA TYR C 105 -32.50 -0.70 -8.38
C TYR C 105 -31.66 0.37 -7.68
N ASP C 106 -32.29 1.45 -7.20
CA ASP C 106 -31.58 2.42 -6.37
C ASP C 106 -31.50 2.00 -4.91
N LYS C 107 -32.10 0.86 -4.55
CA LYS C 107 -31.95 0.28 -3.22
C LYS C 107 -30.72 -0.59 -3.11
N ILE C 108 -30.07 -0.93 -4.23
CA ILE C 108 -28.91 -1.80 -4.21
C ILE C 108 -27.67 -0.99 -3.85
N ARG C 109 -26.79 -1.59 -3.06
CA ARG C 109 -25.54 -0.97 -2.65
C ARG C 109 -24.38 -1.87 -3.03
N ARG C 110 -23.17 -1.36 -2.89
CA ARG C 110 -21.98 -2.19 -3.05
C ARG C 110 -21.89 -3.18 -1.90
N GLY C 111 -21.65 -4.44 -2.23
CA GLY C 111 -21.57 -5.49 -1.23
C GLY C 111 -22.85 -6.27 -1.03
N ASP C 112 -23.97 -5.82 -1.61
CA ASP C 112 -25.24 -6.51 -1.41
C ASP C 112 -25.25 -7.84 -2.16
N ILE C 113 -25.87 -8.84 -1.55
CA ILE C 113 -26.06 -10.14 -2.18
C ILE C 113 -27.45 -10.17 -2.78
N VAL C 114 -27.53 -10.43 -4.09
CA VAL C 114 -28.78 -10.33 -4.82
C VAL C 114 -29.08 -11.65 -5.50
N GLY C 115 -30.36 -11.81 -5.87
CA GLY C 115 -30.79 -12.88 -6.74
C GLY C 115 -31.39 -12.32 -8.01
N ILE C 116 -30.87 -12.74 -9.16
CA ILE C 116 -31.25 -12.18 -10.46
C ILE C 116 -31.94 -13.26 -11.27
N VAL C 117 -33.07 -12.90 -11.90
CA VAL C 117 -33.74 -13.72 -12.89
C VAL C 117 -33.61 -13.00 -14.23
N GLY C 118 -32.86 -13.59 -15.15
CA GLY C 118 -32.66 -12.95 -16.43
C GLY C 118 -31.99 -13.88 -17.41
N PHE C 119 -31.50 -13.29 -18.50
CA PHE C 119 -30.92 -14.07 -19.59
C PHE C 119 -29.49 -13.64 -19.86
N PRO C 120 -28.67 -14.52 -20.42
CA PRO C 120 -27.27 -14.17 -20.71
C PRO C 120 -27.15 -13.38 -22.01
N GLY C 121 -25.95 -12.91 -22.25
CA GLY C 121 -25.68 -12.18 -23.48
C GLY C 121 -24.48 -11.27 -23.31
N LYS C 122 -23.88 -10.94 -24.45
CA LYS C 122 -22.76 -10.01 -24.49
C LYS C 122 -23.22 -8.65 -24.96
N SER C 123 -22.63 -7.62 -24.38
CA SER C 123 -22.83 -6.28 -24.89
C SER C 123 -22.21 -6.16 -26.27
N LYS C 124 -22.71 -5.21 -27.05
CA LYS C 124 -22.01 -4.72 -28.23
C LYS C 124 -20.55 -4.38 -27.94
N LYS C 125 -20.21 -4.06 -26.69
CA LYS C 125 -18.82 -3.79 -26.32
C LYS C 125 -17.99 -5.06 -26.42
N GLY C 126 -18.61 -6.21 -26.14
CA GLY C 126 -17.93 -7.50 -26.15
C GLY C 126 -17.94 -8.22 -24.81
N GLU C 127 -18.45 -7.60 -23.75
CA GLU C 127 -18.37 -8.14 -22.41
C GLU C 127 -19.51 -9.13 -22.17
N LEU C 128 -19.16 -10.25 -21.54
CA LEU C 128 -20.18 -11.21 -21.12
C LEU C 128 -20.90 -10.68 -19.88
N SER C 129 -22.23 -10.76 -19.89
CA SER C 129 -23.02 -10.19 -18.82
C SER C 129 -24.38 -10.87 -18.77
N ILE C 130 -25.10 -10.60 -17.69
CA ILE C 130 -26.46 -11.09 -17.49
C ILE C 130 -27.41 -9.91 -17.60
N PHE C 131 -28.58 -10.17 -18.17
CA PHE C 131 -29.60 -9.14 -18.35
C PHE C 131 -30.81 -9.45 -17.47
N PRO C 132 -31.02 -8.73 -16.38
CA PRO C 132 -32.14 -9.06 -15.49
C PRO C 132 -33.48 -8.62 -16.03
N LYS C 133 -34.50 -9.41 -15.70
CA LYS C 133 -35.88 -8.95 -15.69
C LYS C 133 -36.38 -8.74 -14.28
N GLU C 134 -35.52 -8.93 -13.29
CA GLU C 134 -35.91 -8.99 -11.88
C GLU C 134 -34.68 -9.09 -10.99
N THR C 135 -34.66 -8.31 -9.90
CA THR C 135 -33.57 -8.36 -8.93
C THR C 135 -34.15 -8.33 -7.52
N ILE C 136 -33.75 -9.30 -6.70
CA ILE C 136 -34.24 -9.45 -5.34
C ILE C 136 -33.06 -9.35 -4.39
N LEU C 137 -33.21 -8.55 -3.35
CA LEU C 137 -32.19 -8.46 -2.31
C LEU C 137 -32.20 -9.74 -1.47
N LEU C 138 -31.06 -10.44 -1.44
CA LEU C 138 -30.97 -11.69 -0.70
C LEU C 138 -30.41 -11.51 0.70
N SER C 139 -29.47 -10.57 0.87
CA SER C 139 -28.93 -10.22 2.17
C SER C 139 -28.03 -8.99 2.03
N ALA C 140 -28.41 -7.88 2.65
CA ALA C 140 -27.69 -6.62 2.44
C ALA C 140 -26.35 -6.63 3.17
N CYS C 141 -25.50 -5.68 2.77
CA CYS C 141 -24.20 -5.44 3.40
C CYS C 141 -24.26 -4.05 4.04
N LEU C 142 -24.33 -4.03 5.37
CA LEU C 142 -24.66 -2.79 6.09
C LEU C 142 -23.46 -1.86 6.25
N HIS C 143 -22.25 -2.39 6.24
CA HIS C 143 -21.05 -1.57 6.34
C HIS C 143 -20.56 -1.16 4.96
N MET C 144 -19.79 -0.08 4.93
CA MET C 144 -19.10 0.31 3.70
C MET C 144 -18.02 -0.72 3.39
N LEU C 145 -17.97 -1.13 2.13
CA LEU C 145 -17.02 -2.16 1.73
C LEU C 145 -15.71 -1.52 1.32
N PRO C 146 -14.58 -1.88 1.93
CA PRO C 146 -13.29 -1.31 1.53
C PRO C 146 -12.87 -1.80 0.15
N MET C 147 -11.76 -1.24 -0.33
CA MET C 147 -11.15 -1.64 -1.59
C MET C 147 -9.71 -2.09 -1.35
N LYS C 148 -9.02 -2.39 -2.44
CA LYS C 148 -7.71 -3.01 -2.34
C LYS C 148 -6.73 -2.15 -1.56
N TYR C 149 -6.84 -0.83 -1.65
CA TYR C 149 -5.95 0.04 -0.89
C TYR C 149 -6.12 -0.17 0.61
N GLY C 150 -7.36 -0.36 1.06
CA GLY C 150 -7.61 -0.55 2.48
C GLY C 150 -7.09 -1.87 3.00
N LEU C 151 -6.99 -2.87 2.13
CA LEU C 151 -6.42 -4.16 2.50
C LEU C 151 -4.92 -4.22 2.25
N LYS C 152 -4.39 -3.34 1.41
CA LYS C 152 -2.97 -3.33 1.06
C LYS C 152 -2.09 -3.19 2.29
N ASP C 153 -1.41 -4.27 2.65
CA ASP C 153 -0.45 -4.29 3.76
C ASP C 153 -1.06 -3.74 5.05
N THR C 154 -2.20 -4.31 5.43
CA THR C 154 -2.90 -3.94 6.65
C THR C 154 -3.35 -5.20 7.37
N GLU C 155 -3.53 -5.07 8.68
CA GLU C 155 -3.96 -6.20 9.50
C GLU C 155 -5.43 -6.56 9.29
N ILE C 156 -6.13 -5.91 8.36
CA ILE C 156 -7.51 -6.28 8.09
C ILE C 156 -7.56 -7.61 7.34
N ARG C 157 -6.49 -7.95 6.62
CA ARG C 157 -6.44 -9.23 5.89
C ARG C 157 -6.64 -10.41 6.83
N TYR C 158 -6.10 -10.31 8.05
CA TYR C 158 -6.11 -11.42 8.97
C TYR C 158 -7.21 -11.32 10.04
N ARG C 159 -7.68 -10.12 10.35
CA ARG C 159 -8.75 -9.96 11.33
C ARG C 159 -10.13 -10.09 10.71
N GLN C 160 -10.26 -9.76 9.42
CA GLN C 160 -11.50 -9.95 8.67
C GLN C 160 -11.14 -10.66 7.36
N ARG C 161 -10.83 -11.95 7.46
CA ARG C 161 -10.40 -12.71 6.30
C ARG C 161 -11.46 -12.73 5.20
N TYR C 162 -12.74 -12.57 5.57
CA TYR C 162 -13.78 -12.58 4.56
C TYR C 162 -13.67 -11.42 3.59
N LEU C 163 -13.22 -10.25 4.07
CA LEU C 163 -13.02 -9.13 3.14
C LEU C 163 -11.81 -9.36 2.24
N ASP C 164 -10.77 -10.02 2.75
CA ASP C 164 -9.61 -10.35 1.93
C ASP C 164 -10.02 -11.27 0.78
N LEU C 165 -10.76 -12.33 1.09
CA LEU C 165 -11.19 -13.29 0.07
C LEU C 165 -12.15 -12.70 -0.94
N LEU C 166 -12.86 -11.62 -0.60
CA LEU C 166 -13.81 -11.02 -1.53
C LEU C 166 -13.15 -10.04 -2.49
N ILE C 167 -12.09 -9.35 -2.06
CA ILE C 167 -11.50 -8.29 -2.86
C ILE C 167 -10.12 -8.65 -3.40
N ASN C 168 -9.39 -9.55 -2.75
CA ASN C 168 -8.06 -9.95 -3.20
C ASN C 168 -8.16 -11.34 -3.83
N GLU C 169 -8.04 -11.40 -5.15
CA GLU C 169 -7.97 -12.70 -5.81
C GLU C 169 -6.73 -13.49 -5.44
N SER C 170 -5.70 -12.81 -4.92
CA SER C 170 -4.48 -13.50 -4.51
C SER C 170 -4.71 -14.38 -3.29
N SER C 171 -5.63 -14.00 -2.40
CA SER C 171 -5.84 -14.80 -1.19
C SER C 171 -6.65 -16.06 -1.50
N ARG C 172 -7.71 -15.95 -2.30
CA ARG C 172 -8.51 -17.12 -2.64
C ARG C 172 -7.65 -18.16 -3.35
N HIS C 173 -6.86 -17.74 -4.34
CA HIS C 173 -5.96 -18.68 -5.00
C HIS C 173 -4.98 -19.29 -4.00
N THR C 174 -4.55 -18.50 -3.01
CA THR C 174 -3.58 -18.98 -2.04
C THR C 174 -4.14 -20.14 -1.24
N PHE C 175 -5.36 -19.98 -0.72
CA PHE C 175 -5.97 -21.02 0.11
C PHE C 175 -6.56 -22.15 -0.71
N VAL C 176 -6.89 -21.91 -1.98
CA VAL C 176 -7.28 -23.00 -2.88
C VAL C 176 -6.10 -23.95 -3.06
N THR C 177 -4.91 -23.40 -3.34
CA THR C 177 -3.74 -24.24 -3.56
C THR C 177 -3.30 -24.92 -2.27
N ARG C 178 -3.61 -24.33 -1.11
CA ARG C 178 -3.28 -25.00 0.15
C ARG C 178 -4.02 -26.31 0.27
N THR C 179 -5.36 -26.27 0.16
CA THR C 179 -6.12 -27.50 0.26
C THR C 179 -5.85 -28.43 -0.92
N LYS C 180 -5.40 -27.89 -2.05
CA LYS C 180 -4.91 -28.73 -3.14
C LYS C 180 -3.65 -29.49 -2.72
N ILE C 181 -2.77 -28.82 -1.97
CA ILE C 181 -1.54 -29.47 -1.52
C ILE C 181 -1.85 -30.60 -0.55
N ILE C 182 -2.72 -30.32 0.44
CA ILE C 182 -3.08 -31.35 1.40
C ILE C 182 -3.78 -32.51 0.70
N ASN C 183 -4.60 -32.21 -0.31
CA ASN C 183 -5.24 -33.27 -1.07
C ASN C 183 -4.22 -34.14 -1.79
N PHE C 184 -3.18 -33.51 -2.36
CA PHE C 184 -2.14 -34.28 -3.04
C PHE C 184 -1.41 -35.16 -2.06
N LEU C 185 -1.07 -34.63 -0.88
CA LEU C 185 -0.33 -35.40 0.11
C LEU C 185 -1.16 -36.59 0.62
N ARG C 186 -2.46 -36.39 0.85
CA ARG C 186 -3.30 -37.47 1.32
C ARG C 186 -3.35 -38.61 0.30
N ASN C 187 -3.55 -38.26 -0.97
CA ASN C 187 -3.59 -39.28 -2.01
C ASN C 187 -2.21 -39.88 -2.23
N PHE C 188 -1.15 -39.07 -2.12
CA PHE C 188 0.21 -39.56 -2.27
C PHE C 188 0.50 -40.65 -1.24
N LEU C 189 0.13 -40.41 0.02
CA LEU C 189 0.34 -41.42 1.05
C LEU C 189 -0.63 -42.58 0.89
N ASN C 190 -1.88 -42.29 0.52
CA ASN C 190 -2.89 -43.34 0.40
C ASN C 190 -2.58 -44.29 -0.74
N GLU C 191 -2.05 -43.76 -1.85
CA GLU C 191 -1.68 -44.60 -2.99
C GLU C 191 -0.52 -45.53 -2.65
N ARG C 192 0.23 -45.23 -1.59
CA ARG C 192 1.35 -46.04 -1.16
C ARG C 192 1.02 -46.92 0.04
N GLY C 193 -0.25 -47.16 0.29
CA GLY C 193 -0.65 -48.07 1.36
C GLY C 193 -0.58 -47.50 2.75
N PHE C 194 -0.61 -46.18 2.90
CA PHE C 194 -0.56 -45.60 4.23
C PHE C 194 -1.96 -45.46 4.80
N PHE C 195 -2.06 -45.59 6.12
CA PHE C 195 -3.31 -45.58 6.84
C PHE C 195 -3.43 -44.29 7.65
N GLU C 196 -4.52 -43.54 7.45
CA GLU C 196 -4.73 -42.28 8.14
C GLU C 196 -5.45 -42.51 9.47
N VAL C 197 -4.96 -41.87 10.53
CA VAL C 197 -5.47 -42.07 11.87
C VAL C 197 -5.65 -40.71 12.55
N GLU C 198 -6.24 -40.74 13.73
CA GLU C 198 -6.34 -39.57 14.61
C GLU C 198 -5.82 -39.97 15.98
N THR C 199 -4.78 -39.29 16.43
CA THR C 199 -4.25 -39.50 17.76
C THR C 199 -4.70 -38.37 18.67
N PRO C 200 -4.64 -38.56 19.99
CA PRO C 200 -5.16 -37.55 20.90
C PRO C 200 -4.41 -36.23 20.79
N MET C 201 -5.17 -35.13 20.88
CA MET C 201 -4.60 -33.79 20.99
C MET C 201 -4.30 -33.41 22.43
N MET C 202 -4.95 -34.05 23.40
CA MET C 202 -4.70 -33.82 24.82
C MET C 202 -4.12 -35.08 25.44
N ASN C 203 -2.96 -34.96 26.06
CA ASN C 203 -2.34 -36.02 26.84
C ASN C 203 -1.83 -35.45 28.15
N LEU C 204 -1.33 -36.31 29.04
CA LEU C 204 -0.82 -35.80 30.30
C LEU C 204 0.56 -35.17 30.13
N ILE C 205 1.47 -35.85 29.44
CA ILE C 205 2.80 -35.33 29.15
C ILE C 205 2.91 -35.13 27.65
N ALA C 206 3.28 -33.93 27.23
CA ALA C 206 3.46 -33.63 25.81
C ALA C 206 4.88 -33.95 25.40
N GLY C 207 5.01 -34.69 24.29
CA GLY C 207 6.31 -35.12 23.81
C GLY C 207 6.30 -35.26 22.29
N GLY C 208 7.48 -35.57 21.75
CA GLY C 208 7.69 -35.69 20.32
C GLY C 208 8.61 -34.63 19.73
N ALA C 209 8.79 -33.51 20.42
CA ALA C 209 9.71 -32.46 20.01
C ALA C 209 10.25 -31.81 21.28
N ASN C 210 10.74 -30.57 21.16
CA ASN C 210 11.21 -29.81 22.30
C ASN C 210 10.67 -28.39 22.20
N ALA C 211 9.56 -28.14 22.90
CA ALA C 211 8.94 -26.82 22.94
C ALA C 211 7.97 -26.79 24.10
N ARG C 212 7.82 -25.62 24.72
CA ARG C 212 6.86 -25.47 25.79
C ARG C 212 5.45 -25.67 25.24
N PRO C 213 4.59 -26.40 25.95
CA PRO C 213 3.27 -26.72 25.41
C PRO C 213 2.15 -25.83 25.91
N PHE C 214 0.94 -26.09 25.43
CA PHE C 214 -0.26 -25.46 25.96
C PHE C 214 -0.85 -26.33 27.06
N ILE C 215 -1.31 -25.69 28.12
CA ILE C 215 -1.81 -26.40 29.30
C ILE C 215 -3.27 -26.02 29.52
N THR C 216 -4.13 -27.02 29.58
CA THR C 216 -5.55 -26.85 29.87
C THR C 216 -5.94 -27.81 30.98
N HIS C 217 -7.18 -27.69 31.44
CA HIS C 217 -7.67 -28.48 32.57
C HIS C 217 -9.04 -29.06 32.24
N HIS C 218 -9.20 -30.36 32.43
CA HIS C 218 -10.50 -31.01 32.36
C HIS C 218 -11.16 -30.96 33.74
N ASN C 219 -12.40 -30.50 33.79
CA ASN C 219 -13.02 -30.18 35.07
C ASN C 219 -13.44 -31.43 35.83
N ASP C 220 -14.40 -32.19 35.28
CA ASP C 220 -14.97 -33.32 36.01
C ASP C 220 -14.00 -34.49 36.16
N LEU C 221 -12.79 -34.40 35.60
CA LEU C 221 -11.73 -35.35 35.89
C LEU C 221 -10.60 -34.75 36.71
N ASP C 222 -10.60 -33.43 36.91
CA ASP C 222 -9.61 -32.74 37.73
C ASP C 222 -8.18 -33.11 37.31
N LEU C 223 -7.91 -32.97 36.01
CA LEU C 223 -6.61 -33.29 35.44
C LEU C 223 -6.14 -32.12 34.59
N ASP C 224 -4.87 -31.74 34.75
CA ASP C 224 -4.25 -30.70 33.93
C ASP C 224 -3.59 -31.37 32.73
N LEU C 225 -4.26 -31.32 31.58
CA LEU C 225 -3.74 -31.93 30.37
C LEU C 225 -2.90 -30.95 29.56
N TYR C 226 -2.08 -31.51 28.67
CA TYR C 226 -1.18 -30.75 27.82
C TYR C 226 -1.54 -31.00 26.36
N LEU C 227 -1.75 -29.92 25.61
CA LEU C 227 -1.97 -30.06 24.18
C LEU C 227 -0.72 -30.60 23.51
N ARG C 228 -0.93 -31.36 22.43
CA ARG C 228 0.18 -32.07 21.80
C ARG C 228 1.06 -31.11 20.99
N ILE C 229 2.37 -31.24 21.16
CA ILE C 229 3.32 -30.51 20.35
C ILE C 229 3.71 -31.28 19.09
N ALA C 230 3.38 -32.57 19.01
CA ALA C 230 3.67 -33.40 17.85
C ALA C 230 2.85 -34.66 17.96
N THR C 231 2.75 -35.39 16.85
CA THR C 231 2.07 -36.67 16.79
C THR C 231 3.04 -37.85 16.81
N GLU C 232 4.31 -37.61 17.14
CA GLU C 232 5.34 -38.63 16.97
C GLU C 232 5.09 -39.85 17.85
N LEU C 233 5.01 -39.66 19.17
CA LEU C 233 4.98 -40.79 20.09
C LEU C 233 3.77 -41.69 19.90
N PRO C 234 2.52 -41.20 19.85
CA PRO C 234 1.39 -42.12 19.65
C PRO C 234 1.40 -42.81 18.30
N LEU C 235 1.99 -42.20 17.27
CA LEU C 235 2.05 -42.85 15.96
C LEU C 235 2.97 -44.06 15.98
N LYS C 236 4.14 -43.92 16.62
CA LYS C 236 5.04 -45.06 16.75
C LYS C 236 4.39 -46.20 17.54
N MET C 237 3.57 -45.86 18.53
CA MET C 237 2.84 -46.88 19.27
C MET C 237 1.90 -47.65 18.36
N LEU C 238 1.31 -46.98 17.36
CA LEU C 238 0.49 -47.67 16.38
C LEU C 238 1.33 -48.60 15.52
N ILE C 239 2.61 -48.25 15.27
CA ILE C 239 3.48 -49.15 14.53
C ILE C 239 3.68 -50.44 15.30
N VAL C 240 3.94 -50.33 16.60
CA VAL C 240 4.01 -51.52 17.45
C VAL C 240 2.73 -52.34 17.34
N GLY C 241 1.60 -51.65 17.19
CA GLY C 241 0.31 -52.30 17.08
C GLY C 241 0.06 -53.04 15.78
N GLY C 242 0.96 -52.93 14.80
CA GLY C 242 0.80 -53.64 13.56
C GLY C 242 0.33 -52.80 12.40
N ILE C 243 0.06 -51.51 12.61
CA ILE C 243 -0.21 -50.60 11.51
C ILE C 243 1.12 -50.13 10.94
N ASP C 244 1.61 -50.83 9.92
CA ASP C 244 2.99 -50.66 9.48
C ASP C 244 3.22 -49.39 8.65
N LYS C 245 2.17 -48.82 8.06
CA LYS C 245 2.26 -47.53 7.38
C LYS C 245 1.11 -46.66 7.88
N VAL C 246 1.43 -45.68 8.73
CA VAL C 246 0.40 -44.88 9.38
C VAL C 246 0.82 -43.42 9.37
N TYR C 247 -0.14 -42.53 9.10
CA TYR C 247 0.11 -41.10 9.09
C TYR C 247 -1.06 -40.34 9.71
N GLU C 248 -0.80 -39.07 10.03
CA GLU C 248 -1.82 -38.19 10.56
C GLU C 248 -1.56 -36.78 10.06
N ILE C 249 -2.58 -36.17 9.45
CA ILE C 249 -2.51 -34.78 9.01
C ILE C 249 -3.40 -33.97 9.94
N GLY C 250 -2.77 -33.19 10.81
CA GLY C 250 -3.54 -32.49 11.82
C GLY C 250 -2.73 -31.38 12.44
N LYS C 251 -3.36 -30.69 13.39
CA LYS C 251 -2.76 -29.52 14.02
C LYS C 251 -1.97 -29.94 15.25
N VAL C 252 -0.87 -29.24 15.49
CA VAL C 252 -0.06 -29.40 16.69
C VAL C 252 0.11 -28.01 17.30
N PHE C 253 0.41 -27.99 18.60
CA PHE C 253 0.34 -26.78 19.39
C PHE C 253 1.67 -26.57 20.12
N ARG C 254 2.31 -25.43 19.88
CA ARG C 254 3.60 -25.10 20.48
C ARG C 254 3.51 -23.70 21.08
N ASN C 255 3.72 -23.60 22.39
CA ASN C 255 3.52 -22.35 23.13
C ASN C 255 4.83 -21.57 23.19
N GLU C 256 5.19 -20.97 22.06
CA GLU C 256 6.39 -20.16 21.97
C GLU C 256 6.06 -18.89 21.18
N GLY C 257 7.08 -18.28 20.57
CA GLY C 257 6.92 -16.97 19.98
C GLY C 257 6.37 -17.00 18.56
N ILE C 258 5.81 -15.85 18.15
CA ILE C 258 5.17 -15.68 16.86
C ILE C 258 6.09 -14.85 15.98
N ASP C 259 6.36 -15.35 14.77
CA ASP C 259 7.13 -14.61 13.78
C ASP C 259 6.63 -15.01 12.39
N ASN C 260 7.42 -14.68 11.36
CA ASN C 260 6.98 -14.89 9.98
C ASN C 260 6.76 -16.36 9.66
N THR C 261 7.46 -17.27 10.35
CA THR C 261 7.38 -18.70 10.03
C THR C 261 6.96 -19.55 11.22
N HIS C 262 6.36 -18.95 12.24
CA HIS C 262 5.96 -19.67 13.45
C HIS C 262 4.58 -19.18 13.88
N ASN C 263 3.60 -20.07 13.83
CA ASN C 263 2.29 -19.85 14.43
C ASN C 263 2.11 -20.81 15.61
N PRO C 264 1.62 -20.33 16.76
CA PRO C 264 1.52 -21.20 17.94
C PRO C 264 0.78 -22.51 17.68
N GLU C 265 -0.28 -22.47 16.89
CA GLU C 265 -0.90 -23.70 16.38
C GLU C 265 -0.67 -23.75 14.88
N PHE C 266 -0.22 -24.91 14.40
CA PHE C 266 0.04 -25.11 12.98
C PHE C 266 -0.18 -26.57 12.64
N THR C 267 -0.32 -26.86 11.36
CA THR C 267 -0.74 -28.18 10.90
C THR C 267 0.47 -28.96 10.42
N SER C 268 0.67 -30.14 10.99
CA SER C 268 1.76 -31.02 10.61
C SER C 268 1.21 -32.28 9.94
N CYS C 269 2.09 -32.95 9.21
CA CYS C 269 1.86 -34.30 8.72
C CYS C 269 3.04 -35.15 9.11
N GLU C 270 2.78 -36.26 9.80
CA GLU C 270 3.81 -37.21 10.18
C GLU C 270 3.36 -38.59 9.74
N PHE C 271 4.19 -39.28 8.98
CA PHE C 271 3.95 -40.68 8.66
C PHE C 271 5.07 -41.52 9.25
N TYR C 272 4.74 -42.77 9.54
CA TYR C 272 5.70 -43.74 10.04
C TYR C 272 5.62 -44.98 9.15
N TRP C 273 6.80 -45.48 8.77
CA TRP C 273 6.94 -46.45 7.68
C TRP C 273 7.79 -47.61 8.20
N ALA C 274 7.15 -48.73 8.48
CA ALA C 274 7.85 -49.89 9.02
C ALA C 274 8.82 -50.45 7.98
N TYR C 275 9.99 -50.91 8.46
CA TYR C 275 11.02 -51.53 7.63
C TYR C 275 11.57 -50.58 6.57
N ALA C 276 11.54 -49.28 6.85
CA ALA C 276 12.11 -48.28 5.96
C ALA C 276 13.26 -47.57 6.67
N ASP C 277 14.19 -47.03 5.88
CA ASP C 277 15.37 -46.38 6.45
C ASP C 277 15.67 -45.02 5.82
N TYR C 278 16.88 -44.50 6.11
CA TYR C 278 17.26 -43.16 5.68
C TYR C 278 17.07 -42.99 4.18
N ASN C 279 17.56 -43.96 3.39
CA ASN C 279 17.46 -43.85 1.94
C ASN C 279 16.01 -43.91 1.47
N ASP C 280 15.16 -44.67 2.16
CA ASP C 280 13.75 -44.67 1.81
C ASP C 280 13.11 -43.31 2.06
N LEU C 281 13.51 -42.64 3.16
CA LEU C 281 12.96 -41.32 3.47
C LEU C 281 13.49 -40.27 2.51
N ILE C 282 14.76 -40.38 2.10
CA ILE C 282 15.32 -39.43 1.15
C ILE C 282 14.61 -39.53 -0.20
N LYS C 283 14.44 -40.75 -0.71
CA LYS C 283 13.73 -40.92 -1.97
C LYS C 283 12.28 -40.49 -1.87
N TRP C 284 11.66 -40.70 -0.71
CA TRP C 284 10.27 -40.26 -0.53
C TRP C 284 10.14 -38.75 -0.64
N SER C 285 11.04 -38.02 0.03
CA SER C 285 10.99 -36.56 -0.02
C SER C 285 11.23 -36.04 -1.43
N GLU C 286 12.23 -36.59 -2.12
CA GLU C 286 12.51 -36.15 -3.48
C GLU C 286 11.37 -36.51 -4.42
N ASP C 287 10.76 -37.68 -4.24
CA ASP C 287 9.62 -38.05 -5.06
C ASP C 287 8.42 -37.16 -4.78
N PHE C 288 8.18 -36.84 -3.50
CA PHE C 288 6.99 -36.09 -3.14
C PHE C 288 7.06 -34.65 -3.61
N PHE C 289 8.16 -33.95 -3.28
CA PHE C 289 8.22 -32.53 -3.61
C PHE C 289 8.28 -32.31 -5.11
N SER C 290 9.01 -33.15 -5.84
CA SER C 290 9.03 -33.04 -7.30
C SER C 290 7.64 -33.23 -7.89
N GLN C 291 6.98 -34.34 -7.57
CA GLN C 291 5.66 -34.62 -8.11
C GLN C 291 4.62 -33.61 -7.63
N LEU C 292 4.85 -32.98 -6.48
CA LEU C 292 3.89 -32.00 -5.98
C LEU C 292 3.96 -30.70 -6.78
N VAL C 293 5.16 -30.16 -7.00
CA VAL C 293 5.25 -28.89 -7.70
C VAL C 293 4.91 -29.06 -9.18
N TYR C 294 5.18 -30.24 -9.75
CA TYR C 294 4.73 -30.51 -11.11
C TYR C 294 3.21 -30.61 -11.16
N HIS C 295 2.58 -31.10 -10.10
CA HIS C 295 1.12 -31.21 -10.08
C HIS C 295 0.45 -29.86 -10.11
N LEU C 296 1.05 -28.84 -9.48
CA LEU C 296 0.41 -27.53 -9.38
C LEU C 296 0.89 -26.53 -10.42
N PHE C 297 2.02 -26.78 -11.09
CA PHE C 297 2.63 -25.79 -11.98
C PHE C 297 2.99 -26.32 -13.36
N GLY C 298 3.09 -27.63 -13.55
CA GLY C 298 3.50 -28.16 -14.83
C GLY C 298 4.98 -28.09 -15.10
N THR C 299 5.77 -27.65 -14.14
CA THR C 299 7.23 -27.61 -14.24
C THR C 299 7.80 -28.01 -12.89
N TYR C 300 9.13 -28.05 -12.81
CA TYR C 300 9.82 -28.33 -11.56
C TYR C 300 10.39 -27.07 -10.91
N LYS C 301 10.32 -25.93 -11.59
CA LYS C 301 10.90 -24.68 -11.12
C LYS C 301 9.79 -23.69 -10.80
N ILE C 302 9.91 -23.02 -9.65
CA ILE C 302 9.01 -21.95 -9.25
C ILE C 302 9.82 -20.71 -8.92
N SER C 303 9.15 -19.57 -8.96
CA SER C 303 9.76 -18.29 -8.62
C SER C 303 9.21 -17.81 -7.29
N TYR C 304 10.11 -17.49 -6.36
CA TYR C 304 9.74 -17.13 -5.00
C TYR C 304 10.34 -15.78 -4.65
N ASN C 305 9.52 -14.89 -4.13
CA ASN C 305 9.95 -13.57 -3.69
C ASN C 305 10.41 -13.68 -2.25
N LYS C 306 11.67 -14.08 -2.06
CA LYS C 306 12.18 -14.35 -0.72
C LYS C 306 12.17 -13.09 0.15
N ASP C 307 12.44 -11.93 -0.44
CA ASP C 307 12.63 -10.70 0.32
C ASP C 307 11.52 -9.68 0.15
N GLY C 308 10.66 -9.82 -0.85
CA GLY C 308 9.58 -8.89 -1.03
C GLY C 308 8.78 -9.13 -2.31
N PRO C 309 7.48 -8.83 -2.26
CA PRO C 309 6.61 -9.12 -3.43
C PRO C 309 6.90 -8.26 -4.67
N GLU C 310 7.94 -7.42 -4.68
CA GLU C 310 8.36 -6.74 -5.91
C GLU C 310 9.89 -6.63 -6.06
N ASN C 311 10.69 -6.94 -5.04
CA ASN C 311 12.10 -7.13 -5.27
C ASN C 311 12.35 -8.35 -6.17
N GLN C 312 13.61 -8.51 -6.58
CA GLN C 312 13.92 -9.55 -7.55
C GLN C 312 13.61 -10.92 -6.97
N PRO C 313 12.80 -11.75 -7.64
CA PRO C 313 12.50 -13.09 -7.12
C PRO C 313 13.52 -14.12 -7.56
N ILE C 314 13.87 -15.01 -6.64
CA ILE C 314 14.79 -16.11 -6.94
C ILE C 314 14.01 -17.24 -7.61
N GLU C 315 14.73 -18.23 -8.12
CA GLU C 315 14.13 -19.39 -8.78
C GLU C 315 14.55 -20.65 -8.04
N ILE C 316 13.59 -21.36 -7.46
CA ILE C 316 13.84 -22.61 -6.75
C ILE C 316 13.53 -23.76 -7.71
N ASP C 317 14.53 -24.61 -7.95
CA ASP C 317 14.40 -25.73 -8.87
C ASP C 317 14.19 -27.01 -8.07
N PHE C 318 12.98 -27.57 -8.12
CA PHE C 318 12.63 -28.77 -7.38
C PHE C 318 12.93 -30.04 -8.15
N THR C 319 13.85 -29.99 -9.11
CA THR C 319 14.22 -31.17 -9.86
C THR C 319 15.04 -32.11 -8.98
N PRO C 320 14.64 -33.36 -8.80
CA PRO C 320 15.44 -34.29 -8.02
C PRO C 320 16.68 -34.72 -8.83
N PRO C 321 17.75 -35.14 -8.14
CA PRO C 321 17.87 -35.21 -6.69
C PRO C 321 18.38 -33.91 -6.05
N TYR C 322 18.24 -33.81 -4.72
CA TYR C 322 18.63 -32.64 -3.95
C TYR C 322 19.95 -32.89 -3.24
N PRO C 323 20.73 -31.83 -2.98
CA PRO C 323 22.02 -32.01 -2.32
C PRO C 323 21.87 -32.44 -0.87
N LYS C 324 22.88 -33.16 -0.38
CA LYS C 324 22.96 -33.62 0.99
C LYS C 324 24.29 -33.17 1.58
N VAL C 325 24.23 -32.49 2.72
CA VAL C 325 25.43 -32.06 3.42
C VAL C 325 25.33 -32.46 4.88
N SER C 326 26.43 -32.92 5.45
CA SER C 326 26.46 -33.39 6.83
C SER C 326 26.78 -32.24 7.75
N ILE C 327 25.96 -32.06 8.79
CA ILE C 327 26.05 -30.88 9.64
C ILE C 327 27.44 -30.75 10.27
N VAL C 328 28.12 -31.87 10.52
CA VAL C 328 29.45 -31.79 11.11
C VAL C 328 30.53 -31.61 10.05
N GLU C 329 30.53 -32.45 9.01
CA GLU C 329 31.66 -32.48 8.09
C GLU C 329 31.77 -31.23 7.24
N GLU C 330 30.71 -30.43 7.14
CA GLU C 330 30.81 -29.17 6.42
C GLU C 330 31.18 -28.01 7.33
N ILE C 331 30.70 -28.00 8.58
CA ILE C 331 31.19 -27.03 9.54
C ILE C 331 32.71 -27.08 9.64
N GLU C 332 33.30 -28.27 9.51
CA GLU C 332 34.74 -28.37 9.46
C GLU C 332 35.32 -27.83 8.16
N LYS C 333 34.49 -27.65 7.13
CA LYS C 333 34.99 -27.11 5.87
C LYS C 333 35.01 -25.59 5.89
N VAL C 334 33.89 -24.96 6.25
CA VAL C 334 33.82 -23.50 6.23
C VAL C 334 34.40 -22.91 7.50
N THR C 335 33.94 -23.41 8.64
CA THR C 335 34.58 -22.99 9.89
C THR C 335 35.75 -23.96 9.96
N ASN C 336 36.87 -23.58 9.36
CA ASN C 336 38.02 -24.51 9.35
C ASN C 336 38.32 -24.88 10.80
N THR C 337 38.15 -26.17 11.09
CA THR C 337 38.37 -26.79 12.42
C THR C 337 38.00 -28.26 12.32
N ILE C 338 38.06 -28.96 13.46
CA ILE C 338 37.58 -30.33 13.45
C ILE C 338 37.12 -30.68 14.87
N LEU C 339 35.88 -31.16 14.98
CA LEU C 339 35.32 -31.59 16.25
C LEU C 339 34.78 -33.00 16.10
N GLU C 340 35.05 -33.84 17.10
CA GLU C 340 34.69 -35.24 17.00
C GLU C 340 33.86 -35.68 18.20
N GLN C 341 33.06 -36.71 17.96
CA GLN C 341 32.32 -37.35 19.04
C GLN C 341 33.30 -37.86 20.09
N PRO C 342 32.97 -37.71 21.39
CA PRO C 342 31.72 -37.16 21.92
C PRO C 342 31.65 -35.64 21.89
N PHE C 343 30.43 -35.11 21.76
CA PHE C 343 30.20 -33.66 21.71
C PHE C 343 29.83 -33.09 23.07
N ASP C 344 29.05 -33.84 23.86
CA ASP C 344 28.77 -33.42 25.23
C ASP C 344 30.00 -33.50 26.12
N SER C 345 31.11 -34.05 25.62
CA SER C 345 32.42 -33.74 26.17
C SER C 345 32.52 -32.23 26.29
N ASN C 346 33.18 -31.74 27.34
CA ASN C 346 33.62 -30.36 27.28
C ASN C 346 35.10 -30.35 26.91
N GLU C 347 35.38 -31.10 25.85
CA GLU C 347 36.52 -30.93 24.96
C GLU C 347 36.10 -30.26 23.65
N THR C 348 35.16 -30.87 22.94
CA THR C 348 34.64 -30.26 21.72
C THR C 348 33.74 -29.06 21.99
N ILE C 349 33.22 -28.90 23.21
CA ILE C 349 32.40 -27.73 23.49
C ILE C 349 33.20 -26.46 23.24
N GLU C 350 34.39 -26.33 23.86
CA GLU C 350 35.12 -25.06 23.79
C GLU C 350 35.93 -24.89 22.51
N LYS C 351 36.22 -25.96 21.78
CA LYS C 351 36.80 -25.75 20.45
C LYS C 351 35.91 -24.87 19.61
N MET C 352 34.60 -25.01 19.85
CA MET C 352 33.54 -24.33 19.05
C MET C 352 32.89 -23.20 19.84
N ILE C 353 33.10 -23.15 21.15
CA ILE C 353 32.51 -22.02 21.93
C ILE C 353 33.07 -20.72 21.36
N ASN C 354 34.39 -20.59 21.43
CA ASN C 354 35.03 -19.38 20.95
C ASN C 354 34.72 -19.09 19.48
N ILE C 355 34.36 -20.11 18.68
CA ILE C 355 34.04 -19.83 17.29
C ILE C 355 32.82 -18.92 17.20
N ILE C 356 31.92 -18.98 18.18
CA ILE C 356 30.74 -18.14 18.17
C ILE C 356 31.10 -16.89 18.95
N LYS C 357 32.40 -16.72 19.22
CA LYS C 357 32.96 -15.48 19.75
C LYS C 357 34.04 -14.89 18.86
N GLU C 358 34.40 -15.62 17.81
CA GLU C 358 35.41 -15.19 16.80
C GLU C 358 34.63 -14.69 15.60
N HIS C 359 33.48 -15.32 15.36
CA HIS C 359 32.53 -14.90 14.28
C HIS C 359 31.45 -14.04 14.91
N LYS C 360 31.58 -13.75 16.21
CA LYS C 360 30.68 -12.93 17.07
C LYS C 360 29.17 -13.06 17.03
N ILE C 361 28.66 -14.28 17.17
CA ILE C 361 27.20 -14.57 16.97
C ILE C 361 26.62 -14.85 18.35
N GLU C 362 25.37 -14.44 18.59
CA GLU C 362 24.90 -14.65 19.96
C GLU C 362 25.10 -16.08 20.43
N LEU C 363 25.64 -16.22 21.64
CA LEU C 363 25.70 -17.53 22.30
C LEU C 363 24.33 -17.86 22.87
N PRO C 364 23.73 -18.99 22.51
CA PRO C 364 22.44 -19.35 23.12
C PRO C 364 22.61 -19.60 24.61
N ASN C 365 21.58 -19.21 25.37
CA ASN C 365 21.56 -19.39 26.81
C ASN C 365 20.45 -20.36 27.18
N PRO C 366 20.74 -21.45 27.91
CA PRO C 366 22.05 -21.83 28.45
C PRO C 366 22.99 -22.43 27.40
N PRO C 367 24.30 -22.39 27.66
CA PRO C 367 25.26 -22.98 26.72
C PRO C 367 25.22 -24.50 26.70
N THR C 368 24.49 -25.07 25.76
CA THR C 368 24.37 -26.51 25.63
C THR C 368 24.97 -26.97 24.31
N ALA C 369 25.46 -28.20 24.30
CA ALA C 369 25.99 -28.77 23.06
C ALA C 369 24.93 -28.76 21.96
N ALA C 370 23.66 -28.91 22.32
CA ALA C 370 22.60 -28.91 21.32
C ALA C 370 22.42 -27.54 20.69
N LYS C 371 22.08 -26.53 21.50
CA LYS C 371 21.83 -25.20 20.96
C LYS C 371 23.09 -24.56 20.39
N LEU C 372 24.25 -24.89 20.94
CA LEU C 372 25.51 -24.46 20.32
C LEU C 372 25.62 -25.00 18.90
N LEU C 373 25.56 -26.32 18.76
CA LEU C 373 25.54 -26.94 17.44
C LEU C 373 24.36 -26.47 16.61
N ASP C 374 23.24 -26.12 17.25
CA ASP C 374 22.03 -25.81 16.49
C ASP C 374 22.12 -24.46 15.80
N GLN C 375 22.86 -23.53 16.44
CA GLN C 375 23.09 -22.17 15.92
C GLN C 375 24.24 -22.26 14.90
N LEU C 376 25.25 -23.09 15.20
CA LEU C 376 26.38 -23.31 14.27
C LEU C 376 25.75 -23.71 12.93
N ALA C 377 24.56 -24.32 13.01
CA ALA C 377 23.79 -24.70 11.84
C ALA C 377 23.10 -23.50 11.20
N SER C 378 22.73 -22.49 11.99
CA SER C 378 22.06 -21.31 11.44
C SER C 378 22.93 -20.49 10.50
N HIS C 379 24.22 -20.77 10.41
CA HIS C 379 25.08 -19.98 9.54
C HIS C 379 26.01 -20.90 8.77
N PHE C 380 25.99 -20.75 7.45
CA PHE C 380 26.90 -21.36 6.48
C PHE C 380 26.66 -22.84 6.26
N ILE C 381 25.60 -23.41 6.83
CA ILE C 381 25.07 -24.67 6.34
C ILE C 381 23.56 -24.64 6.11
N GLU C 382 22.82 -23.71 6.72
CA GLU C 382 21.38 -23.62 6.48
C GLU C 382 21.07 -22.75 5.27
N ASN C 383 21.73 -21.59 5.17
CA ASN C 383 21.59 -20.74 3.99
C ASN C 383 22.71 -21.02 3.00
N LYS C 384 22.84 -22.29 2.61
CA LYS C 384 23.86 -22.70 1.65
C LYS C 384 23.27 -22.69 0.24
N TYR C 385 22.41 -23.65 -0.06
CA TYR C 385 21.67 -23.67 -1.32
C TYR C 385 20.28 -23.10 -1.08
N ASN C 386 19.92 -22.06 -1.81
CA ASN C 386 18.57 -21.52 -1.80
C ASN C 386 17.92 -21.51 -3.18
N ASP C 387 18.68 -21.74 -4.25
CA ASP C 387 18.11 -22.01 -5.55
C ASP C 387 17.57 -23.43 -5.66
N LYS C 388 17.77 -24.26 -4.65
CA LYS C 388 17.34 -25.64 -4.61
C LYS C 388 16.78 -25.93 -3.24
N PRO C 389 15.94 -26.96 -3.11
CA PRO C 389 15.78 -27.60 -1.80
C PRO C 389 16.92 -28.57 -1.56
N PHE C 390 17.29 -28.71 -0.29
CA PHE C 390 18.45 -29.53 0.04
C PHE C 390 18.29 -30.10 1.44
N PHE C 391 19.08 -31.12 1.75
CA PHE C 391 19.02 -31.83 3.01
C PHE C 391 20.26 -31.57 3.85
N ILE C 392 20.05 -31.28 5.14
CA ILE C 392 21.09 -31.44 6.14
C ILE C 392 20.92 -32.81 6.77
N VAL C 393 22.01 -33.58 6.88
CA VAL C 393 21.93 -34.98 7.22
C VAL C 393 22.89 -35.32 8.37
N GLU C 394 22.61 -36.46 9.00
CA GLU C 394 23.53 -37.10 9.95
C GLU C 394 23.76 -36.23 11.19
N HIS C 395 22.66 -35.77 11.77
CA HIS C 395 22.75 -34.94 12.96
C HIS C 395 23.37 -35.73 14.11
N PRO C 396 24.17 -35.09 14.97
CA PRO C 396 24.71 -35.77 16.14
C PRO C 396 23.59 -36.30 17.04
N GLN C 397 23.93 -37.32 17.82
CA GLN C 397 22.95 -37.94 18.72
C GLN C 397 22.41 -36.93 19.72
N ILE C 398 23.27 -36.02 20.20
CA ILE C 398 22.87 -35.09 21.25
C ILE C 398 21.74 -34.18 20.77
N MET C 399 21.65 -33.95 19.46
CA MET C 399 20.61 -33.08 18.92
C MET C 399 19.29 -33.79 18.66
N SER C 400 19.32 -35.09 18.41
CA SER C 400 18.11 -35.85 18.09
C SER C 400 18.07 -37.10 18.95
N PRO C 401 17.42 -37.04 20.11
CA PRO C 401 17.41 -38.17 21.04
C PRO C 401 16.46 -39.30 20.66
N LEU C 402 15.66 -39.14 19.59
CA LEU C 402 14.76 -40.19 19.14
C LEU C 402 15.18 -40.78 17.80
N ALA C 403 16.34 -40.39 17.28
CA ALA C 403 16.87 -40.92 16.03
C ALA C 403 17.85 -42.04 16.32
N LYS C 404 17.75 -43.12 15.54
CA LYS C 404 18.65 -44.24 15.75
C LYS C 404 20.08 -43.85 15.42
N TYR C 405 21.03 -44.53 16.07
N TYR C 405 21.03 -44.52 16.07
CA TYR C 405 22.44 -44.25 15.84
CA TYR C 405 22.44 -44.21 15.86
C TYR C 405 22.80 -44.53 14.39
C TYR C 405 22.86 -44.56 14.44
N HIS C 406 23.71 -43.71 13.86
CA HIS C 406 24.24 -43.97 12.52
C HIS C 406 25.01 -45.29 12.53
N ARG C 407 24.78 -46.11 11.51
CA ARG C 407 25.29 -47.48 11.53
C ARG C 407 26.81 -47.58 11.36
N THR C 408 27.49 -46.49 10.98
CA THR C 408 28.95 -46.54 10.87
C THR C 408 29.68 -45.31 11.38
N LYS C 409 29.00 -44.18 11.61
CA LYS C 409 29.68 -42.96 12.06
C LYS C 409 29.36 -42.72 13.52
N PRO C 410 30.36 -42.81 14.42
CA PRO C 410 30.06 -42.70 15.85
C PRO C 410 29.59 -41.30 16.22
N GLY C 411 28.53 -41.25 17.02
CA GLY C 411 27.99 -40.01 17.54
C GLY C 411 26.96 -39.33 16.65
N LEU C 412 26.73 -39.85 15.45
CA LEU C 412 25.75 -39.29 14.53
C LEU C 412 24.54 -40.19 14.45
N THR C 413 23.50 -39.69 13.79
CA THR C 413 22.26 -40.41 13.54
C THR C 413 21.99 -40.44 12.04
N GLU C 414 20.89 -41.06 11.66
CA GLU C 414 20.50 -41.15 10.25
C GLU C 414 19.37 -40.17 9.94
N ARG C 415 19.55 -38.93 10.39
CA ARG C 415 18.52 -37.90 10.31
C ARG C 415 18.70 -37.04 9.06
N LEU C 416 17.57 -36.56 8.52
CA LEU C 416 17.58 -35.69 7.37
C LEU C 416 16.63 -34.53 7.61
N GLU C 417 17.09 -33.31 7.35
CA GLU C 417 16.28 -32.12 7.47
C GLU C 417 16.32 -31.38 6.13
N MET C 418 15.16 -31.24 5.50
CA MET C 418 15.09 -30.53 4.22
C MET C 418 14.76 -29.07 4.45
N PHE C 419 15.44 -28.20 3.69
CA PHE C 419 15.25 -26.77 3.78
C PHE C 419 14.88 -26.20 2.41
N ILE C 420 14.04 -25.16 2.43
CA ILE C 420 13.67 -24.41 1.24
C ILE C 420 13.93 -22.95 1.53
N CYS C 421 14.97 -22.38 0.93
CA CYS C 421 15.37 -20.99 1.18
C CYS C 421 15.57 -20.74 2.68
N GLY C 422 16.43 -21.57 3.28
CA GLY C 422 16.90 -21.34 4.63
C GLY C 422 15.88 -21.64 5.72
N LYS C 423 14.72 -22.17 5.39
CA LYS C 423 13.69 -22.50 6.36
C LYS C 423 13.40 -23.99 6.32
N GLU C 424 13.27 -24.59 7.50
CA GLU C 424 13.06 -26.03 7.61
C GLU C 424 11.62 -26.38 7.27
N VAL C 425 11.45 -27.39 6.43
CA VAL C 425 10.11 -27.88 6.09
C VAL C 425 9.92 -29.36 6.34
N LEU C 426 11.00 -30.15 6.50
CA LEU C 426 10.88 -31.60 6.68
C LEU C 426 11.90 -32.08 7.69
N ASN C 427 11.46 -32.94 8.60
CA ASN C 427 12.32 -33.57 9.59
C ASN C 427 12.03 -35.06 9.59
N ALA C 428 13.08 -35.86 9.42
CA ALA C 428 12.88 -37.30 9.27
C ALA C 428 14.13 -38.04 9.74
N TYR C 429 13.91 -39.25 10.25
CA TYR C 429 15.02 -40.13 10.62
C TYR C 429 14.51 -41.54 10.84
N THR C 430 15.44 -42.49 10.78
CA THR C 430 15.14 -43.85 11.20
C THR C 430 14.98 -43.86 12.72
N GLU C 431 13.94 -44.53 13.20
CA GLU C 431 13.58 -44.42 14.61
C GLU C 431 14.51 -45.26 15.48
N LEU C 432 14.88 -44.70 16.62
CA LEU C 432 15.60 -45.46 17.64
C LEU C 432 14.62 -46.42 18.31
N ASN C 433 14.77 -47.72 18.04
CA ASN C 433 13.80 -48.70 18.52
C ASN C 433 14.31 -49.58 19.65
N ASP C 434 15.59 -49.53 19.99
CA ASP C 434 16.13 -50.26 21.13
C ASP C 434 15.82 -49.50 22.42
N PRO C 435 14.92 -50.03 23.26
CA PRO C 435 14.54 -49.28 24.48
C PRO C 435 15.69 -49.05 25.44
N PHE C 436 16.72 -49.90 25.42
N PHE C 436 16.70 -49.92 25.42
CA PHE C 436 17.85 -49.71 26.31
CA PHE C 436 17.87 -49.73 26.28
C PHE C 436 18.78 -48.59 25.84
C PHE C 436 18.67 -48.50 25.85
N LYS C 437 18.78 -48.28 24.54
CA LYS C 437 19.53 -47.13 24.05
C LYS C 437 18.78 -45.83 24.25
N GLN C 438 17.47 -45.89 24.43
CA GLN C 438 16.65 -44.73 24.78
C GLN C 438 16.79 -44.51 26.29
N LYS C 439 17.93 -43.92 26.67
CA LYS C 439 18.24 -43.74 28.08
C LYS C 439 17.23 -42.86 28.80
N GLU C 440 16.38 -42.13 28.08
CA GLU C 440 15.33 -41.35 28.71
C GLU C 440 14.20 -42.21 29.26
N CYS C 441 14.17 -43.50 28.90
CA CYS C 441 13.25 -44.46 29.52
C CYS C 441 13.85 -45.13 30.75
N PHE C 442 14.70 -44.41 31.49
CA PHE C 442 15.37 -44.94 32.68
C PHE C 442 16.16 -46.19 32.36
N LEU C 459 10.24 -39.56 27.78
CA LEU C 459 9.54 -38.62 28.65
C LEU C 459 8.18 -39.16 29.07
N ASP C 460 7.65 -40.08 28.27
CA ASP C 460 6.33 -40.66 28.50
C ASP C 460 6.46 -42.12 28.88
N SER C 461 5.80 -42.50 29.98
CA SER C 461 5.82 -43.90 30.41
C SER C 461 5.08 -44.80 29.41
N ALA C 462 4.00 -44.29 28.82
CA ALA C 462 3.22 -45.11 27.90
C ALA C 462 4.02 -45.43 26.65
N PHE C 463 4.76 -44.45 26.12
CA PHE C 463 5.54 -44.69 24.91
C PHE C 463 6.73 -45.61 25.19
N CYS C 464 7.33 -45.50 26.37
CA CYS C 464 8.48 -46.35 26.70
C CYS C 464 8.07 -47.81 26.84
N THR C 465 6.92 -48.05 27.48
CA THR C 465 6.44 -49.43 27.62
C THR C 465 6.15 -50.04 26.26
N SER C 466 5.60 -49.25 25.33
CA SER C 466 5.29 -49.78 24.02
C SER C 466 6.56 -50.14 23.26
N LEU C 467 7.64 -49.40 23.46
CA LEU C 467 8.92 -49.77 22.86
C LEU C 467 9.39 -51.14 23.35
N GLU C 468 9.09 -51.48 24.60
CA GLU C 468 9.52 -52.76 25.16
C GLU C 468 8.75 -53.94 24.57
N TYR C 469 7.61 -53.69 23.94
CA TYR C 469 6.89 -54.76 23.24
C TYR C 469 7.42 -54.99 21.83
N GLY C 470 8.39 -54.20 21.38
CA GLY C 470 9.04 -54.44 20.11
C GLY C 470 8.61 -53.51 18.99
N LEU C 471 9.38 -52.44 18.76
CA LEU C 471 9.17 -51.57 17.61
C LEU C 471 10.08 -52.03 16.48
N PRO C 472 9.55 -52.40 15.32
CA PRO C 472 10.42 -52.85 14.23
C PRO C 472 11.23 -51.69 13.70
N PRO C 473 12.26 -51.96 12.89
CA PRO C 473 12.99 -50.86 12.24
C PRO C 473 12.03 -50.00 11.43
N THR C 474 12.07 -48.69 11.69
CA THR C 474 11.05 -47.79 11.17
C THR C 474 11.67 -46.45 10.77
N GLY C 475 11.23 -45.93 9.63
CA GLY C 475 11.54 -44.57 9.23
C GLY C 475 10.34 -43.67 9.45
N GLY C 476 10.56 -42.58 10.19
CA GLY C 476 9.53 -41.58 10.41
C GLY C 476 9.84 -40.27 9.70
N LEU C 477 8.81 -39.48 9.40
CA LEU C 477 9.00 -38.23 8.67
C LEU C 477 7.95 -37.22 9.11
N GLY C 478 8.34 -35.95 9.08
CA GLY C 478 7.42 -34.86 9.39
C GLY C 478 7.51 -33.74 8.38
N LEU C 479 6.37 -33.10 8.10
CA LEU C 479 6.31 -31.96 7.16
C LEU C 479 5.67 -30.78 7.87
N GLY C 480 6.11 -29.58 7.52
CA GLY C 480 5.49 -28.34 8.00
C GLY C 480 4.57 -27.89 6.89
N ILE C 481 3.31 -28.27 6.97
CA ILE C 481 2.37 -27.96 5.88
C ILE C 481 2.31 -26.45 5.68
N ASP C 482 2.19 -25.70 6.75
CA ASP C 482 2.02 -24.25 6.58
C ASP C 482 3.25 -23.62 5.94
N ARG C 483 4.43 -24.21 6.10
CA ARG C 483 5.62 -23.61 5.50
C ARG C 483 5.76 -24.01 4.03
N ILE C 484 5.39 -25.25 3.69
CA ILE C 484 5.39 -25.64 2.28
C ILE C 484 4.37 -24.83 1.49
N THR C 485 3.26 -24.45 2.14
CA THR C 485 2.27 -23.63 1.46
C THR C 485 2.84 -22.25 1.12
N MET C 486 3.66 -21.69 2.02
CA MET C 486 4.23 -20.37 1.77
C MET C 486 5.08 -20.38 0.51
N PHE C 487 5.95 -21.37 0.37
CA PHE C 487 6.84 -21.42 -0.79
C PHE C 487 6.10 -21.79 -2.07
N LEU C 488 5.00 -22.51 -1.96
CA LEU C 488 4.24 -22.88 -3.14
C LEU C 488 3.16 -21.87 -3.50
N THR C 489 3.04 -20.78 -2.75
CA THR C 489 2.11 -19.70 -3.07
C THR C 489 2.77 -18.33 -3.12
N ASN C 490 4.11 -18.28 -3.11
CA ASN C 490 4.86 -17.03 -3.18
C ASN C 490 4.50 -16.10 -2.01
N LYS C 491 4.54 -16.66 -0.80
CA LYS C 491 4.24 -15.92 0.42
C LYS C 491 5.44 -15.98 1.35
N ASN C 492 5.68 -14.89 2.08
CA ASN C 492 6.83 -14.80 2.97
C ASN C 492 6.45 -14.80 4.46
N SER C 493 5.17 -14.91 4.79
CA SER C 493 4.74 -14.97 6.17
C SER C 493 3.73 -16.10 6.35
N ILE C 494 3.79 -16.76 7.51
CA ILE C 494 2.89 -17.88 7.80
C ILE C 494 1.47 -17.41 8.09
N LYS C 495 1.26 -16.12 8.34
CA LYS C 495 -0.09 -15.64 8.55
C LYS C 495 -0.86 -15.46 7.25
N ASP C 496 -0.17 -15.42 6.11
CA ASP C 496 -0.85 -15.35 4.83
C ASP C 496 -1.32 -16.70 4.33
N VAL C 497 -0.93 -17.79 4.97
CA VAL C 497 -1.32 -19.14 4.58
C VAL C 497 -2.30 -19.75 5.58
N ILE C 498 -2.74 -18.98 6.57
CA ILE C 498 -3.70 -19.42 7.58
C ILE C 498 -4.92 -18.52 7.49
N LEU C 499 -6.10 -19.12 7.43
CA LEU C 499 -7.34 -18.35 7.25
C LEU C 499 -7.52 -17.35 8.39
N PHE C 500 -7.41 -17.80 9.63
CA PHE C 500 -7.61 -16.97 10.81
C PHE C 500 -6.42 -17.16 11.75
N PRO C 501 -5.30 -16.48 11.50
CA PRO C 501 -4.17 -16.56 12.44
C PRO C 501 -4.53 -15.91 13.77
N THR C 502 -3.78 -16.28 14.79
CA THR C 502 -4.01 -15.76 16.13
C THR C 502 -3.31 -14.43 16.30
N MET C 503 -4.08 -13.45 16.76
CA MET C 503 -3.52 -12.09 16.93
C MET C 503 -4.15 -11.45 18.14
N ARG C 504 -3.45 -10.46 18.67
CA ARG C 504 -3.87 -9.69 19.85
C ARG C 504 -5.09 -8.87 19.47
N PRO C 505 -6.09 -8.71 20.35
CA PRO C 505 -7.23 -7.83 20.08
C PRO C 505 -6.79 -6.40 19.75
N PRO D 4 5.27 -63.16 34.47
CA PRO D 4 5.65 -62.24 35.55
C PRO D 4 6.61 -61.13 35.10
N ARG D 5 6.96 -60.27 36.05
CA ARG D 5 8.03 -59.28 35.86
C ARG D 5 9.37 -59.96 35.59
N LEU D 6 9.56 -61.17 36.11
CA LEU D 6 10.78 -61.92 35.86
C LEU D 6 10.96 -62.19 34.37
N TYR D 7 9.87 -62.33 33.63
CA TYR D 7 9.95 -62.49 32.18
C TYR D 7 10.68 -61.31 31.54
N PHE D 8 10.31 -60.08 31.93
CA PHE D 8 10.99 -58.91 31.39
C PHE D 8 12.45 -58.86 31.85
N GLU D 9 12.71 -59.22 33.10
CA GLU D 9 14.08 -59.25 33.58
C GLU D 9 14.92 -60.20 32.76
N ASN D 10 14.39 -61.39 32.46
CA ASN D 10 15.14 -62.39 31.71
C ASN D 10 15.33 -61.97 30.25
N ARG D 11 14.31 -61.36 29.65
CA ARG D 11 14.40 -60.98 28.25
C ARG D 11 15.43 -59.87 28.04
N SER D 12 15.52 -58.93 29.00
CA SER D 12 16.45 -57.82 28.86
C SER D 12 17.89 -58.29 29.01
N LYS D 13 18.15 -59.20 29.95
CA LYS D 13 19.50 -59.73 30.10
C LYS D 13 19.88 -60.58 28.90
N PHE D 14 18.91 -61.26 28.28
CA PHE D 14 19.17 -61.92 27.01
C PHE D 14 19.63 -60.92 25.96
N ILE D 15 19.04 -59.71 25.97
CA ILE D 15 19.40 -58.70 24.99
C ILE D 15 20.84 -58.26 25.15
N GLN D 16 21.25 -57.95 26.39
CA GLN D 16 22.64 -57.55 26.59
C GLN D 16 23.59 -58.72 26.37
N ASP D 17 23.12 -59.94 26.62
CA ASP D 17 23.94 -61.11 26.33
C ASP D 17 24.29 -61.18 24.85
N GLN D 18 23.30 -60.94 23.98
CA GLN D 18 23.57 -60.90 22.55
C GLN D 18 24.54 -59.77 22.21
N LYS D 19 24.32 -58.58 22.78
CA LYS D 19 25.22 -57.46 22.55
C LYS D 19 26.63 -57.78 23.03
N ASP D 20 26.77 -58.57 24.09
CA ASP D 20 28.09 -58.95 24.57
C ASP D 20 28.72 -60.01 23.66
N LYS D 21 27.90 -60.79 22.97
CA LYS D 21 28.38 -61.83 22.05
C LYS D 21 28.63 -61.28 20.64
N GLY D 22 28.59 -59.96 20.46
CA GLY D 22 28.79 -59.39 19.15
C GLY D 22 27.58 -59.43 18.24
N ILE D 23 26.39 -59.68 18.79
CA ILE D 23 25.16 -59.73 18.02
C ILE D 23 24.36 -58.46 18.25
N ASN D 24 23.81 -57.90 17.17
CA ASN D 24 22.95 -56.75 17.28
C ASN D 24 21.50 -57.22 17.26
N PRO D 25 20.79 -57.22 18.39
CA PRO D 25 19.38 -57.65 18.38
C PRO D 25 18.44 -56.61 17.77
N TYR D 26 18.93 -55.42 17.43
CA TYR D 26 18.13 -54.41 16.74
C TYR D 26 18.88 -53.94 15.50
N PRO D 27 18.98 -54.78 14.48
CA PRO D 27 19.70 -54.39 13.26
C PRO D 27 19.04 -53.20 12.59
N HIS D 28 19.83 -52.51 11.75
CA HIS D 28 19.40 -51.24 11.18
C HIS D 28 18.38 -51.44 10.06
N LYS D 29 18.70 -52.26 9.07
CA LYS D 29 17.86 -52.39 7.88
C LYS D 29 17.75 -53.85 7.47
N PHE D 30 16.53 -54.25 7.12
CA PHE D 30 16.24 -55.56 6.55
C PHE D 30 15.31 -55.31 5.37
N GLU D 31 15.84 -55.42 4.16
CA GLU D 31 15.05 -55.13 2.96
C GLU D 31 14.24 -56.38 2.61
N ARG D 32 12.94 -56.30 2.77
CA ARG D 32 12.07 -57.41 2.40
C ARG D 32 11.60 -57.23 0.97
N THR D 33 11.31 -58.34 0.32
CA THR D 33 10.87 -58.32 -1.07
C THR D 33 9.36 -58.32 -1.21
N ILE D 34 8.62 -58.57 -0.13
CA ILE D 34 7.18 -58.78 -0.21
C ILE D 34 6.60 -58.62 1.18
N SER D 35 5.32 -58.24 1.23
CA SER D 35 4.58 -58.14 2.48
C SER D 35 3.77 -59.42 2.69
N ILE D 36 3.33 -59.63 3.94
CA ILE D 36 2.57 -60.83 4.25
C ILE D 36 1.24 -60.87 3.50
N PRO D 37 0.45 -59.78 3.45
CA PRO D 37 -0.74 -59.82 2.56
C PRO D 37 -0.40 -60.09 1.11
N GLU D 38 0.66 -59.46 0.58
CA GLU D 38 1.04 -59.73 -0.80
C GLU D 38 1.45 -61.19 -0.97
N PHE D 39 2.13 -61.73 0.05
CA PHE D 39 2.50 -63.15 0.05
C PHE D 39 1.27 -64.04 -0.12
N ILE D 40 0.22 -63.77 0.65
CA ILE D 40 -0.98 -64.60 0.59
C ILE D 40 -1.67 -64.46 -0.76
N GLU D 41 -1.77 -63.24 -1.29
CA GLU D 41 -2.38 -63.04 -2.59
C GLU D 41 -1.64 -63.78 -3.69
N LYS D 42 -0.32 -63.93 -3.55
CA LYS D 42 0.51 -64.47 -4.63
C LYS D 42 0.63 -65.99 -4.58
N TYR D 43 0.46 -66.60 -3.40
CA TYR D 43 0.80 -68.00 -3.23
C TYR D 43 -0.33 -68.84 -2.63
N LYS D 44 -1.51 -68.27 -2.39
CA LYS D 44 -2.56 -69.04 -1.74
C LYS D 44 -3.13 -70.14 -2.62
N ASP D 45 -3.03 -70.01 -3.95
CA ASP D 45 -3.63 -70.97 -4.87
C ASP D 45 -2.71 -72.13 -5.21
N LEU D 46 -1.60 -72.29 -4.48
CA LEU D 46 -0.75 -73.45 -4.71
C LEU D 46 -1.40 -74.72 -4.16
N GLY D 47 -1.01 -75.86 -4.73
CA GLY D 47 -1.48 -77.13 -4.27
C GLY D 47 -0.81 -77.56 -2.96
N ASN D 48 -1.41 -78.56 -2.33
CA ASN D 48 -0.86 -79.06 -1.07
C ASN D 48 0.48 -79.73 -1.31
N GLY D 49 1.43 -79.47 -0.40
CA GLY D 49 2.76 -80.02 -0.52
C GLY D 49 3.66 -79.34 -1.54
N GLU D 50 3.13 -78.42 -2.35
CA GLU D 50 3.91 -77.80 -3.41
C GLU D 50 4.89 -76.77 -2.85
N HIS D 51 6.10 -76.77 -3.41
CA HIS D 51 7.15 -75.85 -3.02
C HIS D 51 7.65 -75.08 -4.23
N LEU D 52 7.90 -73.78 -4.04
CA LEU D 52 8.55 -72.96 -5.06
C LEU D 52 10.01 -72.75 -4.67
N GLU D 53 10.79 -73.83 -4.85
CA GLU D 53 12.13 -73.88 -4.29
C GLU D 53 13.12 -73.01 -5.05
N ASP D 54 12.80 -72.63 -6.28
CA ASP D 54 13.65 -71.73 -7.06
C ASP D 54 13.39 -70.26 -6.72
N THR D 55 12.54 -69.97 -5.75
CA THR D 55 12.15 -68.62 -5.40
C THR D 55 12.61 -68.33 -3.98
N ILE D 56 13.44 -67.29 -3.82
CA ILE D 56 13.95 -66.90 -2.52
C ILE D 56 13.37 -65.54 -2.16
N LEU D 57 12.78 -65.43 -0.97
CA LEU D 57 12.09 -64.22 -0.53
C LEU D 57 12.63 -63.76 0.82
N ASN D 58 12.54 -62.45 1.04
CA ASN D 58 12.79 -61.82 2.32
C ASN D 58 11.45 -61.32 2.85
N ILE D 59 11.05 -61.79 4.03
CA ILE D 59 9.75 -61.46 4.60
C ILE D 59 9.93 -61.11 6.07
N THR D 60 9.17 -60.12 6.53
CA THR D 60 9.17 -59.73 7.95
C THR D 60 7.79 -59.92 8.54
N GLY D 61 7.73 -59.86 9.85
CA GLY D 61 6.48 -60.05 10.57
C GLY D 61 6.75 -60.27 12.04
N ARG D 62 5.65 -60.36 12.79
CA ARG D 62 5.71 -60.63 14.22
C ARG D 62 5.30 -62.07 14.48
N ILE D 63 6.13 -62.78 15.26
CA ILE D 63 5.82 -64.14 15.67
C ILE D 63 4.69 -64.11 16.69
N MET D 64 3.56 -64.73 16.35
CA MET D 64 2.39 -64.73 17.22
C MET D 64 2.06 -66.09 17.82
N ARG D 65 2.74 -67.16 17.41
CA ARG D 65 2.56 -68.47 18.02
C ARG D 65 3.85 -69.27 17.86
N VAL D 66 4.28 -69.90 18.95
CA VAL D 66 5.48 -70.74 18.96
C VAL D 66 5.02 -72.16 19.27
N SER D 67 5.10 -73.03 18.28
CA SER D 67 4.65 -74.40 18.47
C SER D 67 5.73 -75.21 19.18
N ALA D 68 5.33 -76.37 19.72
CA ALA D 68 6.30 -77.25 20.33
C ALA D 68 7.34 -77.65 19.29
N SER D 69 8.60 -77.62 19.67
CA SER D 69 9.69 -77.88 18.74
C SER D 69 10.02 -79.37 18.74
N GLY D 70 10.19 -79.93 17.54
CA GLY D 70 10.80 -81.23 17.37
C GLY D 70 12.28 -81.11 17.13
N GLN D 71 12.91 -82.24 16.83
CA GLN D 71 14.34 -82.23 16.55
C GLN D 71 14.65 -81.81 15.12
N LYS D 72 13.69 -81.90 14.19
CA LYS D 72 13.90 -81.45 12.83
C LYS D 72 12.83 -80.47 12.32
N LEU D 73 11.74 -80.26 13.06
CA LEU D 73 10.65 -79.43 12.60
C LEU D 73 10.25 -78.44 13.68
N ARG D 74 10.04 -77.19 13.26
CA ARG D 74 9.57 -76.13 14.16
C ARG D 74 8.58 -75.26 13.41
N PHE D 75 7.50 -74.91 14.08
CA PHE D 75 6.43 -74.13 13.48
C PHE D 75 6.25 -72.82 14.24
N PHE D 76 5.94 -71.76 13.50
CA PHE D 76 5.58 -70.46 14.07
C PHE D 76 4.45 -69.87 13.23
N ASP D 77 3.75 -68.91 13.84
CA ASP D 77 2.77 -68.10 13.14
C ASP D 77 3.34 -66.70 13.01
N LEU D 78 3.43 -66.21 11.78
CA LEU D 78 3.98 -64.90 11.47
C LEU D 78 2.86 -64.00 10.95
N VAL D 79 2.62 -62.88 11.64
CA VAL D 79 1.55 -61.97 11.22
C VAL D 79 2.16 -60.63 10.84
N GLY D 80 1.50 -59.97 9.89
CA GLY D 80 1.81 -58.62 9.49
C GLY D 80 0.62 -58.04 8.78
N ASP D 81 0.30 -56.78 9.07
CA ASP D 81 -0.84 -56.09 8.44
C ASP D 81 -2.15 -56.83 8.64
N GLY D 82 -2.30 -57.48 9.80
CA GLY D 82 -3.53 -58.16 10.14
C GLY D 82 -3.73 -59.51 9.52
N GLU D 83 -2.77 -60.02 8.75
CA GLU D 83 -2.86 -61.34 8.15
C GLU D 83 -1.73 -62.21 8.64
N LYS D 84 -1.89 -63.53 8.51
CA LYS D 84 -0.94 -64.49 9.07
C LYS D 84 -0.57 -65.56 8.05
N ILE D 85 0.69 -65.98 8.11
CA ILE D 85 1.16 -67.17 7.42
C ILE D 85 1.94 -68.02 8.42
N GLN D 86 2.23 -69.25 8.01
CA GLN D 86 3.00 -70.15 8.86
C GLN D 86 4.48 -70.03 8.53
N VAL D 87 5.30 -70.22 9.56
CA VAL D 87 6.74 -70.35 9.40
C VAL D 87 7.10 -71.79 9.71
N LEU D 88 7.49 -72.53 8.69
CA LEU D 88 7.86 -73.94 8.82
C LEU D 88 9.38 -74.04 8.79
N ALA D 89 9.99 -74.14 9.98
CA ALA D 89 11.43 -74.24 10.11
C ALA D 89 11.82 -75.71 10.04
N ASN D 90 12.53 -76.09 8.98
CA ASN D 90 12.94 -77.46 8.70
C ASN D 90 14.46 -77.52 8.78
N TYR D 91 14.96 -78.42 9.63
CA TYR D 91 16.40 -78.52 9.86
C TYR D 91 17.18 -78.67 8.56
N SER D 92 16.70 -79.54 7.67
CA SER D 92 17.42 -79.77 6.42
C SER D 92 17.45 -78.54 5.52
N PHE D 93 16.59 -77.56 5.76
CA PHE D 93 16.57 -76.34 4.97
C PHE D 93 17.33 -75.20 5.63
N HIS D 94 18.01 -75.45 6.75
CA HIS D 94 18.62 -74.41 7.56
C HIS D 94 20.07 -74.19 7.16
N ASN D 95 20.46 -72.93 7.05
CA ASN D 95 21.85 -72.58 6.76
C ASN D 95 22.67 -72.82 8.03
N HIS D 96 23.35 -73.97 8.09
CA HIS D 96 24.08 -74.33 9.29
C HIS D 96 25.33 -73.48 9.49
N GLU D 97 25.85 -72.86 8.42
CA GLU D 97 27.05 -72.03 8.57
C GLU D 97 26.77 -70.81 9.43
N LYS D 98 25.52 -70.35 9.48
CA LYS D 98 25.15 -69.15 10.23
C LYS D 98 24.61 -69.48 11.62
N GLY D 99 25.00 -70.62 12.19
CA GLY D 99 24.61 -70.96 13.56
C GLY D 99 23.89 -72.28 13.71
N ASN D 100 23.90 -72.82 14.94
CA ASN D 100 23.22 -74.08 15.20
C ASN D 100 21.70 -73.91 15.13
N PHE D 101 21.05 -74.88 14.47
CA PHE D 101 19.61 -74.77 14.21
C PHE D 101 18.80 -74.63 15.49
N ALA D 102 18.99 -75.56 16.43
CA ALA D 102 18.26 -75.49 17.68
C ALA D 102 18.64 -74.26 18.50
N GLU D 103 19.94 -73.96 18.58
CA GLU D 103 20.41 -72.84 19.38
C GLU D 103 19.80 -71.52 18.90
N CYS D 104 19.59 -71.36 17.59
CA CYS D 104 19.04 -70.11 17.08
C CYS D 104 17.54 -70.01 17.32
N TYR D 105 16.77 -71.02 16.90
CA TYR D 105 15.32 -70.95 17.03
C TYR D 105 14.85 -71.04 18.48
N ASP D 106 15.67 -71.62 19.38
CA ASP D 106 15.33 -71.57 20.79
C ASP D 106 15.29 -70.13 21.31
N LYS D 107 15.98 -69.20 20.65
CA LYS D 107 15.98 -67.82 21.10
C LYS D 107 14.64 -67.13 20.86
N ILE D 108 13.89 -67.59 19.86
CA ILE D 108 12.71 -66.87 19.38
C ILE D 108 11.58 -66.99 20.40
N ARG D 109 11.07 -65.86 20.85
CA ARG D 109 9.95 -65.80 21.77
C ARG D 109 8.71 -65.22 21.07
N ARG D 110 7.55 -65.50 21.64
CA ARG D 110 6.31 -64.99 21.08
C ARG D 110 6.28 -63.48 21.15
N GLY D 111 5.93 -62.84 20.03
CA GLY D 111 5.96 -61.40 19.91
C GLY D 111 7.20 -60.84 19.25
N ASP D 112 8.21 -61.66 18.98
CA ASP D 112 9.42 -61.18 18.34
C ASP D 112 9.13 -60.79 16.90
N ILE D 113 9.62 -59.62 16.50
CA ILE D 113 9.60 -59.21 15.10
C ILE D 113 10.87 -59.76 14.46
N VAL D 114 10.69 -60.56 13.42
CA VAL D 114 11.80 -61.29 12.80
C VAL D 114 11.82 -60.99 11.30
N GLY D 115 12.98 -61.18 10.71
CA GLY D 115 13.13 -61.19 9.26
C GLY D 115 13.58 -62.57 8.81
N ILE D 116 13.00 -63.05 7.72
CA ILE D 116 13.16 -64.44 7.28
C ILE D 116 13.57 -64.46 5.81
N VAL D 117 14.50 -65.36 5.47
CA VAL D 117 14.89 -65.64 4.10
C VAL D 117 14.55 -67.10 3.82
N GLY D 118 13.74 -67.33 2.79
CA GLY D 118 13.36 -68.69 2.47
C GLY D 118 12.50 -68.73 1.21
N PHE D 119 11.94 -69.92 0.94
CA PHE D 119 11.07 -70.10 -0.21
C PHE D 119 9.62 -70.29 0.23
N PRO D 120 8.65 -69.93 -0.62
CA PRO D 120 7.25 -70.14 -0.27
C PRO D 120 6.76 -71.53 -0.66
N GLY D 121 5.71 -71.95 0.03
CA GLY D 121 5.11 -73.25 -0.26
C GLY D 121 3.97 -73.54 0.69
N LYS D 122 3.40 -74.72 0.50
CA LYS D 122 2.31 -75.22 1.35
C LYS D 122 2.71 -76.57 1.92
N SER D 123 2.37 -76.78 3.19
CA SER D 123 2.53 -78.09 3.80
C SER D 123 1.58 -79.09 3.15
N LYS D 124 1.84 -80.38 3.40
CA LYS D 124 0.97 -81.40 2.82
C LYS D 124 -0.44 -81.31 3.38
N LYS D 125 -0.60 -80.79 4.59
CA LYS D 125 -1.94 -80.51 5.11
C LYS D 125 -2.61 -79.35 4.38
N GLY D 126 -1.84 -78.49 3.71
CA GLY D 126 -2.38 -77.39 2.95
C GLY D 126 -2.14 -76.01 3.52
N GLU D 127 -1.32 -75.89 4.56
CA GLU D 127 -1.12 -74.61 5.24
C GLU D 127 -0.05 -73.80 4.51
N LEU D 128 -0.42 -72.63 4.03
CA LEU D 128 0.53 -71.77 3.32
C LEU D 128 1.63 -71.32 4.29
N SER D 129 2.88 -71.48 3.88
CA SER D 129 4.00 -71.25 4.79
C SER D 129 5.18 -70.67 4.04
N ILE D 130 6.09 -70.07 4.81
CA ILE D 130 7.42 -69.70 4.35
C ILE D 130 8.40 -70.70 4.97
N PHE D 131 9.34 -71.17 4.16
CA PHE D 131 10.31 -72.16 4.61
C PHE D 131 11.67 -71.49 4.77
N PRO D 132 12.05 -71.09 5.99
CA PRO D 132 13.30 -70.34 6.16
C PRO D 132 14.54 -71.18 5.91
N LYS D 133 15.60 -70.50 5.48
CA LYS D 133 16.97 -70.95 5.64
C LYS D 133 17.71 -70.11 6.67
N GLU D 134 17.15 -68.96 7.05
CA GLU D 134 17.70 -68.09 8.08
C GLU D 134 16.56 -67.30 8.69
N THR D 135 16.60 -67.11 10.01
CA THR D 135 15.64 -66.26 10.71
C THR D 135 16.42 -65.31 11.60
N ILE D 136 16.19 -64.02 11.42
CA ILE D 136 16.95 -62.97 12.07
C ILE D 136 16.03 -62.23 13.02
N LEU D 137 16.51 -61.95 14.23
CA LEU D 137 15.78 -61.09 15.15
C LEU D 137 15.88 -59.64 14.71
N LEU D 138 14.73 -58.96 14.61
CA LEU D 138 14.67 -57.56 14.25
C LEU D 138 14.35 -56.64 15.42
N SER D 139 13.47 -57.07 16.32
CA SER D 139 13.18 -56.33 17.54
C SER D 139 12.45 -57.22 18.51
N ALA D 140 13.04 -57.49 19.68
CA ALA D 140 12.45 -58.45 20.60
C ALA D 140 11.27 -57.86 21.34
N CYS D 141 10.33 -58.74 21.68
CA CYS D 141 9.22 -58.42 22.56
C CYS D 141 9.61 -58.80 23.98
N LEU D 142 9.93 -57.79 24.80
CA LEU D 142 10.48 -58.04 26.13
C LEU D 142 9.43 -58.39 27.17
N HIS D 143 8.16 -58.03 26.94
CA HIS D 143 7.08 -58.43 27.82
C HIS D 143 6.36 -59.65 27.24
N MET D 144 5.56 -60.29 28.08
CA MET D 144 4.73 -61.39 27.63
C MET D 144 3.41 -60.85 27.13
N LEU D 145 3.05 -61.20 25.89
CA LEU D 145 1.82 -60.69 25.32
C LEU D 145 0.62 -61.49 25.82
N PRO D 146 -0.54 -60.84 25.89
CA PRO D 146 -1.75 -61.56 26.30
C PRO D 146 -2.09 -62.69 25.33
N MET D 147 -2.84 -63.68 25.84
CA MET D 147 -3.26 -64.78 24.99
C MET D 147 -4.39 -64.33 24.07
N LYS D 148 -4.72 -65.19 23.10
CA LYS D 148 -5.55 -64.80 21.96
C LYS D 148 -6.89 -64.23 22.41
N TYR D 149 -7.70 -65.04 23.09
CA TYR D 149 -8.98 -64.57 23.64
C TYR D 149 -8.87 -64.16 25.10
N GLY D 150 -7.75 -63.58 25.49
CA GLY D 150 -7.55 -63.19 26.87
C GLY D 150 -7.35 -61.70 27.04
N LEU D 151 -7.89 -60.91 26.11
CA LEU D 151 -7.83 -59.44 26.18
C LEU D 151 -9.24 -58.88 26.07
N LYS D 152 -10.03 -59.08 27.13
CA LYS D 152 -11.36 -58.49 27.25
C LYS D 152 -11.36 -57.20 28.06
N ASP D 153 -10.43 -57.08 29.01
CA ASP D 153 -10.29 -55.91 29.88
C ASP D 153 -10.29 -54.61 29.08
N THR D 154 -11.33 -53.80 29.27
CA THR D 154 -11.43 -52.53 28.54
C THR D 154 -10.28 -51.59 28.90
N GLU D 155 -9.74 -51.70 30.12
CA GLU D 155 -8.70 -50.78 30.55
C GLU D 155 -7.45 -50.92 29.69
N ILE D 156 -7.03 -52.15 29.41
CA ILE D 156 -5.82 -52.37 28.63
C ILE D 156 -6.03 -51.94 27.19
N ARG D 157 -7.14 -52.38 26.59
CA ARG D 157 -7.41 -52.07 25.19
C ARG D 157 -7.47 -50.57 24.91
N TYR D 158 -7.74 -49.76 25.93
CA TYR D 158 -7.83 -48.31 25.74
C TYR D 158 -6.55 -47.58 26.12
N ARG D 159 -5.74 -48.16 27.02
CA ARG D 159 -4.45 -47.56 27.37
C ARG D 159 -3.34 -48.06 26.46
N GLN D 160 -3.18 -49.37 26.37
CA GLN D 160 -2.21 -49.96 25.44
C GLN D 160 -2.95 -50.48 24.21
N ARG D 161 -3.41 -49.53 23.41
CA ARG D 161 -4.19 -49.86 22.22
C ARG D 161 -3.42 -50.78 21.28
N TYR D 162 -2.09 -50.71 21.29
CA TYR D 162 -1.29 -51.54 20.41
C TYR D 162 -1.49 -53.03 20.69
N LEU D 163 -1.75 -53.40 21.95
CA LEU D 163 -2.05 -54.79 22.27
C LEU D 163 -3.38 -55.22 21.65
N ASP D 164 -4.42 -54.43 21.87
CA ASP D 164 -5.72 -54.66 21.22
C ASP D 164 -5.55 -54.88 19.72
N LEU D 165 -4.83 -53.96 19.05
CA LEU D 165 -4.67 -54.04 17.61
C LEU D 165 -3.89 -55.28 17.19
N LEU D 166 -3.02 -55.80 18.04
CA LEU D 166 -2.20 -56.95 17.69
C LEU D 166 -2.95 -58.27 17.89
N ILE D 167 -3.81 -58.35 18.90
CA ILE D 167 -4.38 -59.61 19.35
C ILE D 167 -5.83 -59.76 18.94
N ASN D 168 -6.65 -58.74 19.18
CA ASN D 168 -8.06 -58.76 18.79
C ASN D 168 -8.17 -58.22 17.38
N GLU D 169 -8.48 -59.10 16.43
CA GLU D 169 -8.59 -58.69 15.03
C GLU D 169 -9.84 -57.84 14.76
N SER D 170 -10.79 -57.82 15.70
CA SER D 170 -11.97 -56.98 15.51
C SER D 170 -11.61 -55.50 15.51
N SER D 171 -10.62 -55.11 16.31
CA SER D 171 -10.32 -53.69 16.49
C SER D 171 -9.69 -53.09 15.25
N ARG D 172 -8.87 -53.87 14.54
CA ARG D 172 -8.30 -53.36 13.29
C ARG D 172 -9.40 -53.09 12.27
N HIS D 173 -10.38 -53.98 12.18
N HIS D 173 -10.36 -54.00 12.16
CA HIS D 173 -11.48 -53.76 11.25
CA HIS D 173 -11.50 -53.76 11.27
C HIS D 173 -12.33 -52.55 11.67
C HIS D 173 -12.26 -52.51 11.66
N THR D 174 -12.35 -52.23 12.97
CA THR D 174 -13.11 -51.07 13.44
C THR D 174 -12.48 -49.77 12.96
N PHE D 175 -11.18 -49.61 13.16
CA PHE D 175 -10.51 -48.38 12.77
C PHE D 175 -10.28 -48.28 11.27
N VAL D 176 -10.25 -49.41 10.55
CA VAL D 176 -10.29 -49.35 9.09
C VAL D 176 -11.64 -48.81 8.64
N THR D 177 -12.72 -49.24 9.30
CA THR D 177 -14.05 -48.74 8.95
C THR D 177 -14.19 -47.26 9.28
N ARG D 178 -13.56 -46.81 10.38
CA ARG D 178 -13.57 -45.38 10.69
C ARG D 178 -12.92 -44.58 9.56
N THR D 179 -11.77 -45.03 9.07
CA THR D 179 -11.07 -44.29 8.04
C THR D 179 -11.82 -44.34 6.71
N LYS D 180 -12.46 -45.47 6.42
CA LYS D 180 -13.29 -45.55 5.22
C LYS D 180 -14.47 -44.58 5.31
N ILE D 181 -15.05 -44.42 6.50
CA ILE D 181 -16.17 -43.50 6.66
C ILE D 181 -15.74 -42.06 6.44
N ILE D 182 -14.60 -41.67 7.02
CA ILE D 182 -14.11 -40.31 6.83
C ILE D 182 -13.71 -40.10 5.37
N ASN D 183 -13.06 -41.09 4.76
CA ASN D 183 -12.72 -40.98 3.33
C ASN D 183 -13.98 -40.78 2.51
N PHE D 184 -15.00 -41.60 2.76
CA PHE D 184 -16.24 -41.50 2.00
C PHE D 184 -16.87 -40.12 2.15
N LEU D 185 -16.89 -39.60 3.39
CA LEU D 185 -17.48 -38.28 3.60
C LEU D 185 -16.66 -37.20 2.91
N ARG D 186 -15.34 -37.28 2.99
CA ARG D 186 -14.49 -36.26 2.39
C ARG D 186 -14.74 -36.16 0.89
N ASN D 187 -14.71 -37.30 0.19
CA ASN D 187 -14.91 -37.25 -1.26
C ASN D 187 -16.37 -37.00 -1.62
N PHE D 188 -17.31 -37.47 -0.79
CA PHE D 188 -18.72 -37.17 -1.03
C PHE D 188 -18.94 -35.66 -1.11
N LEU D 189 -18.34 -34.92 -0.17
CA LEU D 189 -18.43 -33.46 -0.21
C LEU D 189 -17.60 -32.89 -1.35
N ASN D 190 -16.42 -33.48 -1.61
CA ASN D 190 -15.56 -32.96 -2.66
C ASN D 190 -16.19 -33.15 -4.04
N GLU D 191 -16.80 -34.31 -4.28
CA GLU D 191 -17.50 -34.53 -5.55
C GLU D 191 -18.67 -33.58 -5.76
N ARG D 192 -19.12 -32.91 -4.70
CA ARG D 192 -20.22 -31.95 -4.80
C ARG D 192 -19.73 -30.52 -4.75
N GLY D 193 -18.45 -30.29 -5.01
CA GLY D 193 -17.92 -28.95 -5.12
C GLY D 193 -17.61 -28.26 -3.80
N PHE D 194 -17.51 -29.02 -2.72
CA PHE D 194 -17.21 -28.41 -1.43
C PHE D 194 -15.71 -28.24 -1.25
N PHE D 195 -15.35 -27.32 -0.35
CA PHE D 195 -13.97 -26.85 -0.20
C PHE D 195 -13.53 -27.04 1.25
N GLU D 196 -12.64 -28.01 1.48
CA GLU D 196 -12.18 -28.32 2.82
C GLU D 196 -11.15 -27.28 3.27
N VAL D 197 -11.31 -26.78 4.50
CA VAL D 197 -10.43 -25.76 5.06
C VAL D 197 -10.09 -26.13 6.49
N GLU D 198 -9.25 -25.31 7.13
CA GLU D 198 -8.94 -25.43 8.54
C GLU D 198 -9.16 -24.07 9.20
N THR D 199 -9.96 -24.05 10.25
CA THR D 199 -10.21 -22.87 11.07
C THR D 199 -9.53 -23.05 12.42
N PRO D 200 -9.32 -21.98 13.18
CA PRO D 200 -8.55 -22.12 14.43
C PRO D 200 -9.26 -23.01 15.43
N MET D 201 -8.45 -23.75 16.20
CA MET D 201 -8.95 -24.49 17.34
C MET D 201 -8.75 -23.74 18.65
N MET D 202 -8.02 -22.62 18.63
CA MET D 202 -7.83 -21.78 19.80
C MET D 202 -8.39 -20.40 19.49
N ASN D 203 -9.59 -20.12 19.97
CA ASN D 203 -10.25 -18.84 19.75
C ASN D 203 -10.41 -18.09 21.06
N LEU D 204 -10.59 -16.78 20.94
CA LEU D 204 -10.84 -15.95 22.11
C LEU D 204 -12.26 -16.10 22.66
N ILE D 205 -13.06 -17.01 22.08
CA ILE D 205 -14.44 -17.22 22.51
C ILE D 205 -14.85 -18.60 22.02
N ALA D 206 -15.59 -19.33 22.87
CA ALA D 206 -16.09 -20.65 22.52
C ALA D 206 -17.58 -20.54 22.20
N GLY D 207 -17.92 -20.67 20.91
CA GLY D 207 -19.29 -20.57 20.47
C GLY D 207 -19.65 -21.64 19.45
N GLY D 208 -20.92 -21.64 19.06
CA GLY D 208 -21.45 -22.59 18.11
C GLY D 208 -22.24 -23.73 18.72
N ALA D 209 -22.24 -23.85 20.04
CA ALA D 209 -22.97 -24.88 20.76
C ALA D 209 -23.20 -24.40 22.19
N ASN D 210 -23.64 -25.32 23.05
CA ASN D 210 -23.87 -25.03 24.47
C ASN D 210 -23.14 -26.07 25.31
N ALA D 211 -21.87 -25.81 25.59
CA ALA D 211 -21.05 -26.73 26.37
C ALA D 211 -19.89 -25.96 26.98
N ARG D 212 -19.50 -26.34 28.20
CA ARG D 212 -18.39 -25.68 28.88
C ARG D 212 -17.09 -25.95 28.12
N PRO D 213 -16.22 -24.94 27.97
CA PRO D 213 -15.03 -25.12 27.13
C PRO D 213 -13.76 -25.39 27.91
N PHE D 214 -12.74 -25.84 27.20
CA PHE D 214 -11.38 -25.86 27.74
C PHE D 214 -10.76 -24.47 27.55
N ILE D 215 -9.97 -24.04 28.53
CA ILE D 215 -9.25 -22.78 28.45
C ILE D 215 -7.78 -23.06 28.65
N THR D 216 -6.95 -22.53 27.75
CA THR D 216 -5.50 -22.60 27.84
C THR D 216 -4.94 -21.19 27.79
N HIS D 217 -3.64 -21.09 28.00
CA HIS D 217 -2.95 -19.80 28.08
C HIS D 217 -1.82 -19.76 27.06
N HIS D 218 -1.86 -18.74 26.20
CA HIS D 218 -0.72 -18.41 25.34
C HIS D 218 0.17 -17.43 26.09
N ASN D 219 1.44 -17.79 26.25
CA ASN D 219 2.33 -17.04 27.13
C ASN D 219 2.87 -15.78 26.46
N ASP D 220 3.24 -15.88 25.19
CA ASP D 220 3.77 -14.69 24.50
C ASP D 220 2.69 -13.62 24.28
N LEU D 221 1.43 -14.00 24.23
CA LEU D 221 0.34 -13.02 24.13
C LEU D 221 -0.26 -12.65 25.47
N ASP D 222 0.08 -13.39 26.54
CA ASP D 222 -0.58 -13.24 27.84
C ASP D 222 -2.11 -13.30 27.68
N LEU D 223 -2.57 -14.20 26.83
CA LEU D 223 -3.96 -14.29 26.41
C LEU D 223 -4.53 -15.63 26.84
N ASP D 224 -5.71 -15.60 27.45
CA ASP D 224 -6.43 -16.82 27.82
C ASP D 224 -7.30 -17.24 26.63
N LEU D 225 -6.82 -18.21 25.87
CA LEU D 225 -7.56 -18.72 24.72
C LEU D 225 -8.45 -19.90 25.13
N TYR D 226 -9.43 -20.20 24.27
CA TYR D 226 -10.40 -21.26 24.51
C TYR D 226 -10.37 -22.25 23.36
N LEU D 227 -10.31 -23.54 23.69
CA LEU D 227 -10.40 -24.58 22.67
C LEU D 227 -11.80 -24.59 22.06
N ARG D 228 -11.86 -24.83 20.76
CA ARG D 228 -13.14 -24.70 20.07
C ARG D 228 -14.11 -25.80 20.48
N ILE D 229 -15.37 -25.40 20.68
CA ILE D 229 -16.43 -26.38 20.91
C ILE D 229 -17.16 -26.74 19.62
N ALA D 230 -16.99 -25.95 18.57
CA ALA D 230 -17.56 -26.23 17.26
C ALA D 230 -16.83 -25.39 16.23
N THR D 231 -17.12 -25.65 14.96
CA THR D 231 -16.53 -24.89 13.85
C THR D 231 -17.59 -24.03 13.15
N GLU D 232 -18.72 -23.78 13.80
CA GLU D 232 -19.85 -23.12 13.16
C GLU D 232 -19.51 -21.69 12.77
N LEU D 233 -19.13 -20.86 13.74
CA LEU D 233 -18.94 -19.44 13.48
C LEU D 233 -17.87 -19.14 12.43
N PRO D 234 -16.64 -19.67 12.53
CA PRO D 234 -15.64 -19.32 11.51
C PRO D 234 -16.00 -19.81 10.12
N LEU D 235 -16.59 -21.00 10.02
CA LEU D 235 -17.01 -21.50 8.71
C LEU D 235 -18.06 -20.60 8.09
N LYS D 236 -18.96 -20.05 8.90
CA LYS D 236 -19.94 -19.12 8.37
C LYS D 236 -19.28 -17.80 7.95
N MET D 237 -18.24 -17.38 8.67
CA MET D 237 -17.48 -16.21 8.25
C MET D 237 -16.82 -16.41 6.89
N LEU D 238 -16.46 -17.66 6.56
CA LEU D 238 -15.91 -17.94 5.23
C LEU D 238 -16.99 -17.88 4.16
N ILE D 239 -18.24 -18.21 4.51
CA ILE D 239 -19.34 -18.05 3.57
C ILE D 239 -19.51 -16.58 3.21
N VAL D 240 -19.43 -15.70 4.22
CA VAL D 240 -19.43 -14.27 3.95
C VAL D 240 -18.30 -13.91 3.00
N GLY D 241 -17.15 -14.57 3.14
CA GLY D 241 -16.00 -14.34 2.28
C GLY D 241 -16.14 -14.85 0.87
N GLY D 242 -17.26 -15.50 0.53
CA GLY D 242 -17.50 -15.95 -0.82
C GLY D 242 -17.05 -17.36 -1.12
N ILE D 243 -16.66 -18.14 -0.12
CA ILE D 243 -16.42 -19.58 -0.29
C ILE D 243 -17.75 -20.26 -0.03
N ASP D 244 -18.59 -20.31 -1.07
CA ASP D 244 -20.00 -20.62 -0.90
C ASP D 244 -20.26 -22.09 -0.58
N LYS D 245 -19.26 -22.97 -0.69
CA LYS D 245 -19.38 -24.36 -0.25
C LYS D 245 -18.11 -24.73 0.50
N VAL D 246 -18.16 -24.68 1.82
CA VAL D 246 -16.99 -24.91 2.66
C VAL D 246 -17.31 -25.98 3.69
N TYR D 247 -16.27 -26.67 4.16
CA TYR D 247 -16.44 -27.66 5.21
C TYR D 247 -15.12 -27.89 5.92
N GLU D 248 -15.20 -28.60 7.05
CA GLU D 248 -14.03 -28.92 7.85
C GLU D 248 -14.31 -30.17 8.67
N ILE D 249 -13.47 -31.19 8.50
CA ILE D 249 -13.52 -32.40 9.31
C ILE D 249 -12.36 -32.33 10.30
N GLY D 250 -12.69 -32.25 11.59
CA GLY D 250 -11.61 -32.16 12.57
C GLY D 250 -12.14 -32.30 13.98
N LYS D 251 -11.22 -32.24 14.93
CA LYS D 251 -11.55 -32.40 16.34
C LYS D 251 -12.16 -31.12 16.90
N VAL D 252 -13.11 -31.29 17.81
CA VAL D 252 -13.63 -30.21 18.63
C VAL D 252 -13.59 -30.68 20.08
N PHE D 253 -13.62 -29.71 21.00
CA PHE D 253 -13.40 -29.97 22.42
C PHE D 253 -14.54 -29.41 23.24
N ARG D 254 -15.12 -30.24 24.10
CA ARG D 254 -16.20 -29.83 25.00
C ARG D 254 -15.91 -30.41 26.38
N ASN D 255 -15.82 -29.54 27.38
CA ASN D 255 -15.35 -29.93 28.71
C ASN D 255 -16.53 -30.27 29.60
N GLU D 256 -17.04 -31.49 29.44
CA GLU D 256 -18.12 -32.01 30.27
C GLU D 256 -17.81 -33.48 30.56
N GLY D 257 -18.80 -34.20 31.07
CA GLY D 257 -18.59 -35.55 31.56
C GLY D 257 -18.34 -36.57 30.46
N ILE D 258 -17.86 -37.73 30.90
CA ILE D 258 -17.49 -38.84 30.02
C ILE D 258 -18.52 -39.95 30.21
N ASP D 259 -19.00 -40.50 29.09
CA ASP D 259 -19.81 -41.71 29.12
C ASP D 259 -19.68 -42.40 27.77
N ASN D 260 -20.56 -43.37 27.52
CA ASN D 260 -20.43 -44.21 26.34
C ASN D 260 -20.58 -43.43 25.03
N THR D 261 -21.19 -42.25 25.07
CA THR D 261 -21.40 -41.45 23.87
C THR D 261 -20.77 -40.07 23.98
N HIS D 262 -19.90 -39.84 24.95
CA HIS D 262 -19.28 -38.52 25.15
C HIS D 262 -17.81 -38.71 25.49
N ASN D 263 -16.93 -38.30 24.57
CA ASN D 263 -15.50 -38.11 24.76
C ASN D 263 -15.18 -36.63 24.69
N PRO D 264 -14.33 -36.10 25.59
CA PRO D 264 -14.17 -34.64 25.66
C PRO D 264 -13.63 -34.04 24.37
N GLU D 265 -12.74 -34.73 23.66
CA GLU D 265 -12.34 -34.37 22.31
C GLU D 265 -12.89 -35.41 21.35
N PHE D 266 -13.63 -34.95 20.35
CA PHE D 266 -14.21 -35.85 19.37
C PHE D 266 -14.14 -35.21 17.99
N THR D 267 -14.33 -36.05 16.98
CA THR D 267 -14.20 -35.63 15.59
C THR D 267 -15.57 -35.22 15.05
N SER D 268 -15.68 -33.99 14.60
CA SER D 268 -16.91 -33.48 14.01
C SER D 268 -16.68 -33.16 12.53
N CYS D 269 -17.78 -33.11 11.78
CA CYS D 269 -17.77 -32.56 10.44
C CYS D 269 -18.88 -31.54 10.31
N GLU D 270 -18.52 -30.34 9.87
CA GLU D 270 -19.47 -29.28 9.61
C GLU D 270 -19.24 -28.76 8.20
N PHE D 271 -20.28 -28.75 7.38
CA PHE D 271 -20.25 -28.07 6.09
C PHE D 271 -21.29 -26.95 6.07
N TYR D 272 -21.05 -25.96 5.21
CA TYR D 272 -21.97 -24.85 5.04
C TYR D 272 -22.18 -24.62 3.55
N TRP D 273 -23.45 -24.51 3.15
CA TRP D 273 -23.86 -24.65 1.76
C TRP D 273 -24.72 -23.44 1.40
N ALA D 274 -24.11 -22.45 0.75
CA ALA D 274 -24.82 -21.23 0.40
C ALA D 274 -26.00 -21.53 -0.53
N TYR D 275 -27.07 -20.74 -0.36
CA TYR D 275 -28.30 -20.82 -1.14
C TYR D 275 -29.02 -22.15 -0.98
N ALA D 276 -28.70 -22.88 0.08
CA ALA D 276 -29.42 -24.08 0.49
C ALA D 276 -30.30 -23.76 1.70
N ASP D 277 -31.16 -24.71 2.05
CA ASP D 277 -32.09 -24.48 3.16
C ASP D 277 -32.43 -25.82 3.81
N TYR D 278 -33.37 -25.76 4.74
CA TYR D 278 -33.83 -26.95 5.48
C TYR D 278 -34.07 -28.13 4.55
N ASN D 279 -34.77 -27.90 3.45
CA ASN D 279 -35.10 -28.99 2.54
C ASN D 279 -33.84 -29.61 1.92
N ASP D 280 -32.88 -28.77 1.52
CA ASP D 280 -31.65 -29.29 0.94
C ASP D 280 -30.87 -30.12 1.96
N LEU D 281 -30.96 -29.76 3.24
CA LEU D 281 -30.23 -30.47 4.28
C LEU D 281 -30.87 -31.82 4.60
N ILE D 282 -32.20 -31.89 4.55
CA ILE D 282 -32.88 -33.17 4.76
C ILE D 282 -32.49 -34.15 3.67
N LYS D 283 -32.52 -33.71 2.41
CA LYS D 283 -32.19 -34.59 1.30
C LYS D 283 -30.72 -35.01 1.37
N TRP D 284 -29.82 -34.07 1.65
CA TRP D 284 -28.40 -34.40 1.79
C TRP D 284 -28.20 -35.49 2.83
N SER D 285 -28.86 -35.38 3.98
CA SER D 285 -28.70 -36.38 5.03
C SER D 285 -29.22 -37.74 4.59
N GLU D 286 -30.38 -37.77 3.93
CA GLU D 286 -30.90 -39.04 3.44
C GLU D 286 -30.00 -39.63 2.35
N ASP D 287 -29.45 -38.78 1.49
CA ASP D 287 -28.56 -39.27 0.44
C ASP D 287 -27.26 -39.81 1.02
N PHE D 288 -26.61 -39.02 1.89
CA PHE D 288 -25.30 -39.39 2.40
C PHE D 288 -25.37 -40.67 3.24
N PHE D 289 -26.37 -40.77 4.11
CA PHE D 289 -26.41 -41.94 5.00
C PHE D 289 -26.79 -43.20 4.23
N SER D 290 -27.72 -43.08 3.26
CA SER D 290 -28.08 -44.24 2.46
C SER D 290 -26.89 -44.77 1.68
N GLN D 291 -26.15 -43.88 1.02
CA GLN D 291 -25.06 -44.31 0.16
C GLN D 291 -23.85 -44.79 0.95
N LEU D 292 -23.61 -44.21 2.13
CA LEU D 292 -22.47 -44.63 2.94
C LEU D 292 -22.67 -46.04 3.48
N VAL D 293 -23.84 -46.32 4.04
CA VAL D 293 -24.14 -47.65 4.56
C VAL D 293 -24.07 -48.68 3.43
N TYR D 294 -24.58 -48.31 2.25
CA TYR D 294 -24.49 -49.20 1.10
C TYR D 294 -23.05 -49.35 0.63
N HIS D 295 -22.27 -48.27 0.69
CA HIS D 295 -20.86 -48.34 0.34
C HIS D 295 -20.09 -49.29 1.27
N LEU D 296 -20.52 -49.38 2.53
CA LEU D 296 -19.80 -50.19 3.50
C LEU D 296 -20.27 -51.64 3.54
N PHE D 297 -21.57 -51.87 3.38
CA PHE D 297 -22.15 -53.19 3.57
C PHE D 297 -22.80 -53.79 2.34
N GLY D 298 -22.95 -53.03 1.25
CA GLY D 298 -23.68 -53.53 0.11
C GLY D 298 -25.16 -53.73 0.36
N THR D 299 -25.68 -53.10 1.42
CA THR D 299 -27.09 -53.18 1.76
C THR D 299 -27.45 -51.94 2.58
N TYR D 300 -28.75 -51.67 2.69
CA TYR D 300 -29.23 -50.54 3.47
C TYR D 300 -29.61 -50.91 4.90
N LYS D 301 -29.66 -52.21 5.22
CA LYS D 301 -30.02 -52.69 6.55
C LYS D 301 -28.78 -53.23 7.25
N ILE D 302 -28.57 -52.80 8.49
CA ILE D 302 -27.48 -53.31 9.31
C ILE D 302 -28.06 -53.87 10.61
N SER D 303 -27.20 -54.54 11.37
CA SER D 303 -27.56 -55.17 12.62
C SER D 303 -26.74 -54.55 13.74
N TYR D 304 -27.41 -53.93 14.71
CA TYR D 304 -26.74 -53.23 15.80
C TYR D 304 -27.18 -53.81 17.14
N ASN D 305 -26.23 -53.99 18.05
CA ASN D 305 -26.54 -54.46 19.40
C ASN D 305 -26.87 -53.26 20.27
N LYS D 306 -28.14 -52.83 20.18
CA LYS D 306 -28.63 -51.72 20.99
C LYS D 306 -28.45 -52.00 22.48
N ASP D 307 -28.68 -53.24 22.91
CA ASP D 307 -28.62 -53.61 24.32
C ASP D 307 -27.30 -54.27 24.72
N GLY D 308 -26.35 -54.36 23.80
CA GLY D 308 -25.05 -54.92 24.12
C GLY D 308 -24.81 -56.24 23.43
N PRO D 309 -23.54 -56.68 23.44
CA PRO D 309 -23.20 -57.95 22.77
C PRO D 309 -23.85 -59.17 23.39
N GLU D 310 -24.28 -59.09 24.65
CA GLU D 310 -24.90 -60.23 25.33
C GLU D 310 -26.39 -60.35 25.04
N ASN D 311 -26.95 -59.50 24.19
CA ASN D 311 -28.39 -59.46 23.95
C ASN D 311 -28.68 -59.51 22.44
N GLN D 312 -29.95 -59.72 22.12
CA GLN D 312 -30.37 -59.83 20.73
C GLN D 312 -30.30 -58.47 20.05
N PRO D 313 -29.66 -58.36 18.89
CA PRO D 313 -29.51 -57.08 18.22
C PRO D 313 -30.81 -56.65 17.54
N ILE D 314 -30.78 -55.46 16.93
CA ILE D 314 -31.90 -54.93 16.18
C ILE D 314 -31.43 -54.57 14.78
N GLU D 315 -32.36 -54.61 13.83
CA GLU D 315 -32.07 -54.31 12.43
C GLU D 315 -32.46 -52.86 12.13
N ILE D 316 -31.47 -52.04 11.78
CA ILE D 316 -31.68 -50.64 11.42
C ILE D 316 -31.74 -50.54 9.89
N ASP D 317 -32.80 -49.93 9.37
CA ASP D 317 -33.03 -49.80 7.95
C ASP D 317 -32.73 -48.38 7.52
N PHE D 318 -31.66 -48.20 6.73
CA PHE D 318 -31.25 -46.88 6.25
C PHE D 318 -31.87 -46.51 4.91
N THR D 319 -32.87 -47.26 4.45
CA THR D 319 -33.52 -46.95 3.18
C THR D 319 -34.31 -45.65 3.30
N PRO D 320 -33.99 -44.62 2.54
CA PRO D 320 -34.74 -43.36 2.61
C PRO D 320 -36.12 -43.53 1.99
N PRO D 321 -37.08 -42.66 2.33
CA PRO D 321 -36.94 -41.49 3.20
C PRO D 321 -37.05 -41.83 4.69
N TYR D 322 -36.52 -40.94 5.55
CA TYR D 322 -36.59 -41.13 6.99
C TYR D 322 -37.73 -40.31 7.57
N PRO D 323 -38.38 -40.79 8.63
CA PRO D 323 -39.51 -40.06 9.20
C PRO D 323 -39.07 -38.73 9.81
N LYS D 324 -39.98 -37.76 9.77
CA LYS D 324 -39.76 -36.44 10.35
C LYS D 324 -40.77 -36.24 11.46
N VAL D 325 -40.29 -35.86 12.65
CA VAL D 325 -41.13 -35.64 13.82
C VAL D 325 -40.83 -34.24 14.34
N SER D 326 -41.86 -33.40 14.38
CA SER D 326 -41.71 -32.04 14.89
C SER D 326 -41.85 -32.06 16.40
N ILE D 327 -40.89 -31.44 17.10
CA ILE D 327 -40.62 -31.76 18.49
C ILE D 327 -41.79 -31.39 19.39
N VAL D 328 -42.26 -30.14 19.31
CA VAL D 328 -43.28 -29.72 20.27
C VAL D 328 -44.62 -30.36 19.96
N GLU D 329 -44.92 -30.63 18.69
CA GLU D 329 -46.20 -31.27 18.35
C GLU D 329 -46.25 -32.67 18.92
N GLU D 330 -45.18 -33.45 18.75
CA GLU D 330 -45.15 -34.80 19.29
C GLU D 330 -45.09 -34.80 20.80
N ILE D 331 -44.30 -33.90 21.39
CA ILE D 331 -44.30 -33.77 22.84
C ILE D 331 -45.70 -33.40 23.33
N GLU D 332 -46.39 -32.52 22.61
CA GLU D 332 -47.72 -32.09 23.05
C GLU D 332 -48.69 -33.26 23.12
N LYS D 333 -48.64 -34.20 22.17
CA LYS D 333 -49.68 -35.22 22.13
C LYS D 333 -49.35 -36.41 23.04
N VAL D 334 -48.09 -36.88 23.02
CA VAL D 334 -47.72 -37.90 24.01
C VAL D 334 -47.99 -37.39 25.41
N THR D 335 -47.84 -36.09 25.62
CA THR D 335 -48.14 -35.48 26.91
C THR D 335 -49.63 -35.21 27.07
N ASN D 336 -50.34 -34.95 25.96
CA ASN D 336 -51.72 -34.46 25.99
C ASN D 336 -51.82 -33.18 26.82
N THR D 337 -50.86 -32.28 26.59
CA THR D 337 -50.83 -30.97 27.21
C THR D 337 -50.32 -29.96 26.20
N ILE D 338 -50.85 -28.74 26.25
CA ILE D 338 -50.49 -27.73 25.24
C ILE D 338 -49.55 -26.73 25.87
N LEU D 339 -48.54 -26.30 25.12
CA LEU D 339 -47.53 -25.36 25.67
C LEU D 339 -47.68 -24.00 25.00
N GLU D 340 -48.16 -22.99 25.73
CA GLU D 340 -48.34 -21.66 25.11
C GLU D 340 -47.01 -21.18 24.55
N GLN D 341 -47.06 -20.63 23.34
CA GLN D 341 -45.94 -20.19 22.49
C GLN D 341 -44.82 -19.47 23.21
N PRO D 342 -45.09 -18.63 24.21
CA PRO D 342 -44.01 -17.94 24.83
C PRO D 342 -43.36 -18.97 25.74
N PHE D 343 -42.54 -19.84 25.18
CA PHE D 343 -41.92 -20.96 25.91
C PHE D 343 -41.33 -20.56 27.26
N ASP D 344 -40.95 -19.30 27.47
CA ASP D 344 -40.39 -18.95 28.81
C ASP D 344 -41.41 -18.29 29.75
N SER D 345 -42.68 -18.13 29.37
CA SER D 345 -43.67 -17.57 30.32
C SER D 345 -43.82 -18.51 31.53
N ASN D 346 -43.60 -17.98 32.74
CA ASN D 346 -43.70 -18.78 33.96
C ASN D 346 -44.73 -19.90 33.82
N GLU D 347 -45.81 -19.68 33.07
CA GLU D 347 -46.86 -20.67 32.97
C GLU D 347 -46.38 -21.92 32.24
N THR D 348 -45.84 -21.75 31.03
CA THR D 348 -45.50 -22.91 30.21
C THR D 348 -44.26 -23.62 30.72
N ILE D 349 -43.48 -22.93 31.53
CA ILE D 349 -42.31 -23.60 32.15
C ILE D 349 -42.86 -24.58 33.17
N GLU D 350 -43.73 -24.12 34.05
CA GLU D 350 -44.28 -24.96 35.15
C GLU D 350 -45.04 -26.17 34.60
N LYS D 351 -45.72 -26.05 33.47
CA LYS D 351 -46.44 -27.24 32.98
C LYS D 351 -45.40 -28.33 32.71
N MET D 352 -44.36 -27.96 31.98
CA MET D 352 -43.25 -28.89 31.64
C MET D 352 -42.77 -29.53 32.93
N ILE D 353 -42.41 -28.71 33.89
CA ILE D 353 -41.95 -29.21 35.20
C ILE D 353 -43.00 -30.16 35.74
N ASN D 354 -44.27 -29.83 35.56
CA ASN D 354 -45.24 -30.75 36.13
C ASN D 354 -45.25 -32.09 35.40
N ILE D 355 -45.06 -32.07 34.07
CA ILE D 355 -44.87 -33.31 33.34
C ILE D 355 -43.64 -34.04 33.85
N ILE D 356 -42.57 -33.29 34.17
CA ILE D 356 -41.35 -33.89 34.67
C ILE D 356 -41.60 -34.60 36.00
N LYS D 357 -42.52 -34.09 36.82
CA LYS D 357 -42.77 -34.66 38.14
C LYS D 357 -43.77 -35.79 38.12
N GLU D 358 -44.77 -35.76 37.23
CA GLU D 358 -45.75 -36.84 37.17
C GLU D 358 -45.11 -38.11 36.64
N HIS D 359 -44.38 -38.01 35.53
CA HIS D 359 -43.67 -39.15 34.97
C HIS D 359 -42.36 -39.44 35.68
N LYS D 360 -42.02 -38.65 36.71
CA LYS D 360 -40.73 -38.70 37.40
C LYS D 360 -39.58 -38.76 36.41
N ILE D 361 -39.26 -37.62 35.82
CA ILE D 361 -38.10 -37.48 34.97
C ILE D 361 -37.03 -36.73 35.75
N GLU D 362 -35.79 -37.12 35.56
CA GLU D 362 -34.69 -36.37 36.19
C GLU D 362 -34.88 -34.92 35.76
N LEU D 363 -34.56 -33.97 36.62
CA LEU D 363 -34.80 -32.56 36.23
C LEU D 363 -33.50 -31.94 35.74
N PRO D 364 -33.52 -31.23 34.62
CA PRO D 364 -32.34 -30.58 34.08
C PRO D 364 -31.57 -29.66 35.02
N ASN D 365 -30.24 -29.63 34.85
CA ASN D 365 -29.20 -28.87 35.59
C ASN D 365 -29.80 -27.60 36.13
N PRO D 366 -29.97 -26.61 35.26
CA PRO D 366 -30.68 -25.39 35.54
C PRO D 366 -31.92 -25.67 34.69
N PRO D 367 -33.10 -25.89 35.27
CA PRO D 367 -34.25 -26.24 34.46
C PRO D 367 -34.73 -25.10 33.57
N THR D 368 -33.99 -24.75 32.53
CA THR D 368 -34.45 -23.67 31.63
C THR D 368 -35.48 -24.22 30.66
N ALA D 369 -36.09 -23.34 29.90
CA ALA D 369 -37.10 -23.78 28.93
C ALA D 369 -36.41 -24.67 27.93
N ALA D 370 -35.26 -24.24 27.43
CA ALA D 370 -34.59 -25.05 26.41
C ALA D 370 -34.24 -26.43 26.95
N LYS D 371 -33.78 -26.50 28.19
CA LYS D 371 -33.35 -27.79 28.73
C LYS D 371 -34.52 -28.65 29.21
N LEU D 372 -35.59 -28.04 29.70
CA LEU D 372 -36.78 -28.84 29.93
C LEU D 372 -37.36 -29.33 28.61
N LEU D 373 -37.24 -28.53 27.54
CA LEU D 373 -37.75 -28.94 26.24
C LEU D 373 -37.05 -30.21 25.73
N ASP D 374 -35.71 -30.21 25.73
CA ASP D 374 -35.01 -31.35 25.14
C ASP D 374 -34.98 -32.55 26.09
N GLN D 375 -35.08 -32.31 27.40
CA GLN D 375 -35.24 -33.45 28.29
C GLN D 375 -36.56 -34.17 28.04
N LEU D 376 -37.62 -33.42 27.76
CA LEU D 376 -38.89 -34.04 27.38
C LEU D 376 -38.78 -34.72 26.02
N ALA D 377 -37.98 -34.16 25.10
CA ALA D 377 -37.74 -34.82 23.83
C ALA D 377 -37.03 -36.15 24.04
N SER D 378 -36.03 -36.16 24.92
CA SER D 378 -35.23 -37.37 25.12
C SER D 378 -36.05 -38.47 25.76
N HIS D 379 -37.05 -38.12 26.56
CA HIS D 379 -37.82 -39.13 27.25
C HIS D 379 -39.06 -39.59 26.48
N PHE D 380 -39.61 -38.74 25.61
CA PHE D 380 -40.88 -39.04 24.98
C PHE D 380 -40.81 -39.26 23.49
N ILE D 381 -39.83 -38.67 22.80
CA ILE D 381 -39.78 -38.77 21.34
C ILE D 381 -38.45 -39.27 20.80
N GLU D 382 -37.33 -39.14 21.51
CA GLU D 382 -36.04 -39.39 20.90
C GLU D 382 -35.77 -40.86 20.63
N ASN D 383 -36.56 -41.77 21.20
CA ASN D 383 -36.45 -43.21 20.90
C ASN D 383 -37.77 -43.74 20.35
N LYS D 384 -38.46 -42.92 19.55
CA LYS D 384 -39.70 -43.33 18.93
C LYS D 384 -39.46 -44.45 17.92
N TYR D 385 -38.49 -44.28 17.03
CA TYR D 385 -38.09 -45.30 16.07
C TYR D 385 -36.68 -45.76 16.39
N ASN D 386 -36.46 -47.08 16.40
CA ASN D 386 -35.13 -47.66 16.53
C ASN D 386 -34.72 -48.48 15.32
N ASP D 387 -35.65 -49.00 14.54
CA ASP D 387 -35.34 -49.76 13.34
C ASP D 387 -35.01 -48.87 12.16
N LYS D 388 -34.95 -47.55 12.35
CA LYS D 388 -34.79 -46.61 11.26
C LYS D 388 -34.23 -45.32 11.82
N PRO D 389 -33.30 -44.66 11.13
CA PRO D 389 -32.96 -43.29 11.50
C PRO D 389 -34.12 -42.35 11.23
N PHE D 390 -34.16 -41.25 11.98
CA PHE D 390 -35.24 -40.29 11.78
C PHE D 390 -34.77 -38.92 12.29
N PHE D 391 -35.48 -37.89 11.83
CA PHE D 391 -35.18 -36.52 12.20
C PHE D 391 -36.19 -36.01 13.21
N ILE D 392 -35.71 -35.26 14.19
CA ILE D 392 -36.56 -34.41 15.01
C ILE D 392 -36.40 -33.00 14.48
N VAL D 393 -37.52 -32.40 14.05
CA VAL D 393 -37.47 -31.20 13.22
C VAL D 393 -38.23 -30.07 13.92
N GLU D 394 -38.04 -28.86 13.38
CA GLU D 394 -38.80 -27.66 13.76
C GLU D 394 -38.67 -27.36 15.25
N HIS D 395 -37.43 -27.25 15.71
CA HIS D 395 -37.18 -26.91 17.10
C HIS D 395 -37.66 -25.50 17.38
N PRO D 396 -38.08 -25.21 18.62
CA PRO D 396 -38.30 -23.82 19.01
C PRO D 396 -37.02 -23.01 18.87
N GLN D 397 -37.18 -21.70 18.64
CA GLN D 397 -35.99 -20.86 18.40
C GLN D 397 -35.17 -20.66 19.66
N ILE D 398 -35.82 -20.59 20.83
CA ILE D 398 -35.06 -20.43 22.07
C ILE D 398 -34.18 -21.65 22.36
N MET D 399 -34.37 -22.75 21.65
CA MET D 399 -33.42 -23.85 21.65
C MET D 399 -32.35 -23.70 20.59
N SER D 400 -32.59 -22.87 19.57
CA SER D 400 -31.74 -22.79 18.39
C SER D 400 -31.31 -21.35 18.19
N PRO D 401 -30.40 -20.85 19.04
CA PRO D 401 -30.05 -19.42 18.96
C PRO D 401 -29.35 -19.02 17.67
N LEU D 402 -29.03 -19.95 16.78
CA LEU D 402 -28.33 -19.63 15.54
C LEU D 402 -29.08 -20.11 14.31
N ALA D 403 -30.31 -20.58 14.45
CA ALA D 403 -31.09 -21.08 13.34
C ALA D 403 -32.08 -20.02 12.87
N LYS D 404 -32.32 -19.99 11.56
CA LYS D 404 -33.28 -19.05 11.01
C LYS D 404 -34.69 -19.42 11.41
N TYR D 405 -35.53 -18.40 11.58
CA TYR D 405 -36.91 -18.63 11.97
C TYR D 405 -37.68 -19.37 10.89
N HIS D 406 -38.59 -20.23 11.32
CA HIS D 406 -39.43 -20.97 10.39
C HIS D 406 -40.27 -20.02 9.55
N ARG D 407 -40.31 -20.26 8.24
CA ARG D 407 -40.96 -19.31 7.33
C ARG D 407 -42.47 -19.28 7.50
N THR D 408 -43.08 -20.38 7.96
CA THR D 408 -44.53 -20.44 8.12
C THR D 408 -44.98 -20.84 9.51
N LYS D 409 -44.06 -21.10 10.43
CA LYS D 409 -44.41 -21.52 11.79
C LYS D 409 -43.71 -20.60 12.79
N PRO D 410 -44.39 -19.57 13.28
CA PRO D 410 -43.73 -18.63 14.20
C PRO D 410 -43.37 -19.30 15.52
N GLY D 411 -42.20 -18.94 16.04
CA GLY D 411 -41.71 -19.48 17.29
C GLY D 411 -40.76 -20.65 17.15
N LEU D 412 -40.66 -21.23 15.97
CA LEU D 412 -39.80 -22.38 15.73
C LEU D 412 -38.75 -22.02 14.69
N THR D 413 -37.82 -22.94 14.49
CA THR D 413 -36.74 -22.78 13.53
C THR D 413 -36.86 -23.86 12.46
N GLU D 414 -36.04 -23.72 11.42
CA GLU D 414 -35.94 -24.74 10.38
C GLU D 414 -34.81 -25.72 10.70
N ARG D 415 -34.87 -26.29 11.90
CA ARG D 415 -33.82 -27.15 12.43
C ARG D 415 -34.19 -28.62 12.27
N LEU D 416 -33.17 -29.45 12.07
CA LEU D 416 -33.35 -30.89 11.96
C LEU D 416 -32.23 -31.59 12.70
N GLU D 417 -32.58 -32.67 13.41
CA GLU D 417 -31.60 -33.48 14.15
C GLU D 417 -31.89 -34.95 13.87
N MET D 418 -30.93 -35.65 13.26
CA MET D 418 -31.11 -37.05 12.95
C MET D 418 -30.65 -37.92 14.10
N PHE D 419 -31.43 -38.97 14.39
CA PHE D 419 -31.17 -39.87 15.49
C PHE D 419 -31.03 -41.30 14.98
N ILE D 420 -29.98 -41.98 15.42
CA ILE D 420 -29.80 -43.40 15.20
C ILE D 420 -29.82 -44.08 16.57
N CYS D 421 -30.77 -45.00 16.76
CA CYS D 421 -30.91 -45.70 18.04
C CYS D 421 -31.01 -44.72 19.20
N GLY D 422 -31.70 -43.61 18.97
CA GLY D 422 -31.88 -42.62 20.00
C GLY D 422 -30.64 -41.84 20.38
N LYS D 423 -29.64 -41.81 19.50
CA LYS D 423 -28.44 -41.01 19.71
C LYS D 423 -28.36 -39.96 18.61
N GLU D 424 -28.05 -38.73 18.99
CA GLU D 424 -27.94 -37.64 18.04
C GLU D 424 -26.64 -37.78 17.25
N VAL D 425 -26.76 -37.85 15.92
CA VAL D 425 -25.59 -37.97 15.05
C VAL D 425 -25.46 -36.80 14.08
N LEU D 426 -26.52 -36.00 13.90
CA LEU D 426 -26.54 -34.97 12.87
C LEU D 426 -27.38 -33.80 13.37
N ASN D 427 -26.87 -32.59 13.21
CA ASN D 427 -27.56 -31.38 13.63
C ASN D 427 -27.43 -30.35 12.53
N ALA D 428 -28.56 -29.80 12.07
CA ALA D 428 -28.55 -28.91 10.92
C ALA D 428 -29.75 -27.97 10.98
N TYR D 429 -29.63 -26.86 10.24
CA TYR D 429 -30.72 -25.91 10.09
C TYR D 429 -30.36 -24.89 9.03
N THR D 430 -31.38 -24.20 8.52
CA THR D 430 -31.16 -22.99 7.75
C THR D 430 -30.51 -21.95 8.64
N GLU D 431 -29.43 -21.35 8.14
CA GLU D 431 -28.63 -20.46 8.98
C GLU D 431 -29.33 -19.12 9.15
N LEU D 432 -29.23 -18.57 10.36
CA LEU D 432 -29.67 -17.20 10.60
C LEU D 432 -28.69 -16.24 9.95
N ASN D 433 -29.20 -15.36 9.09
CA ASN D 433 -28.35 -14.46 8.33
C ASN D 433 -28.63 -12.98 8.56
N ASP D 434 -29.73 -12.63 9.22
CA ASP D 434 -30.04 -11.23 9.48
C ASP D 434 -29.40 -10.79 10.79
N PRO D 435 -28.45 -9.85 10.78
CA PRO D 435 -27.77 -9.48 12.03
C PRO D 435 -28.71 -8.87 13.05
N PHE D 436 -29.82 -8.29 12.61
CA PHE D 436 -30.75 -7.67 13.55
C PHE D 436 -31.46 -8.71 14.40
N LYS D 437 -31.72 -9.89 13.86
CA LYS D 437 -32.45 -10.93 14.57
C LYS D 437 -31.55 -11.83 15.41
N GLN D 438 -30.23 -11.68 15.30
CA GLN D 438 -29.31 -12.32 16.25
C GLN D 438 -29.10 -11.38 17.43
N LYS D 439 -30.14 -11.31 18.27
CA LYS D 439 -30.23 -10.22 19.24
C LYS D 439 -29.22 -10.33 20.38
N GLU D 440 -28.38 -11.36 20.40
CA GLU D 440 -27.22 -11.32 21.28
C GLU D 440 -26.09 -10.47 20.71
N CYS D 441 -26.17 -10.10 19.43
CA CYS D 441 -25.28 -9.11 18.83
C CYS D 441 -25.76 -7.68 19.07
N PHE D 442 -26.78 -7.50 19.90
CA PHE D 442 -27.38 -6.19 20.15
C PHE D 442 -27.92 -5.56 18.88
N GLN D 458 -21.13 -16.73 24.47
CA GLN D 458 -20.97 -17.74 23.43
C GLN D 458 -20.91 -17.13 22.03
N LEU D 459 -21.28 -15.85 21.89
CA LEU D 459 -21.00 -15.10 20.68
C LEU D 459 -20.00 -14.00 20.97
N ASP D 460 -19.38 -13.51 19.89
CA ASP D 460 -18.43 -12.41 19.96
C ASP D 460 -18.72 -11.44 18.82
N SER D 461 -18.02 -10.31 18.86
CA SER D 461 -18.27 -9.25 17.88
C SER D 461 -17.74 -9.62 16.50
N ALA D 462 -16.65 -10.38 16.43
CA ALA D 462 -16.06 -10.72 15.14
C ALA D 462 -17.04 -11.47 14.25
N PHE D 463 -17.77 -12.43 14.83
CA PHE D 463 -18.82 -13.11 14.07
C PHE D 463 -20.04 -12.23 13.88
N CYS D 464 -20.37 -11.38 14.88
CA CYS D 464 -21.50 -10.48 14.73
C CYS D 464 -21.23 -9.45 13.65
N THR D 465 -20.00 -8.94 13.58
CA THR D 465 -19.63 -8.04 12.49
C THR D 465 -19.64 -8.77 11.16
N SER D 466 -19.21 -10.02 11.15
CA SER D 466 -19.25 -10.80 9.92
C SER D 466 -20.65 -10.79 9.31
N LEU D 467 -21.67 -10.98 10.15
CA LEU D 467 -23.05 -10.97 9.65
C LEU D 467 -23.40 -9.62 9.03
N GLU D 468 -22.92 -8.53 9.63
CA GLU D 468 -23.27 -7.18 9.20
C GLU D 468 -22.68 -6.86 7.83
N TYR D 469 -21.89 -7.79 7.28
CA TYR D 469 -21.33 -7.62 5.95
C TYR D 469 -22.11 -8.39 4.88
N GLY D 470 -23.09 -9.18 5.28
CA GLY D 470 -23.92 -9.90 4.31
C GLY D 470 -23.65 -11.39 4.23
N LEU D 471 -24.27 -12.15 5.13
CA LEU D 471 -24.26 -13.61 5.02
C LEU D 471 -25.43 -14.05 4.14
N PRO D 472 -25.19 -14.72 3.02
CA PRO D 472 -26.29 -15.10 2.13
C PRO D 472 -27.14 -16.19 2.76
N PRO D 473 -28.33 -16.46 2.21
CA PRO D 473 -29.09 -17.63 2.66
C PRO D 473 -28.25 -18.89 2.53
N THR D 474 -28.20 -19.66 3.61
CA THR D 474 -27.26 -20.77 3.73
C THR D 474 -27.87 -21.86 4.61
N GLY D 475 -27.53 -23.10 4.28
CA GLY D 475 -27.82 -24.25 5.12
C GLY D 475 -26.54 -24.85 5.64
N GLY D 476 -26.52 -25.15 6.92
CA GLY D 476 -25.36 -25.73 7.55
C GLY D 476 -25.72 -26.99 8.32
N LEU D 477 -24.75 -27.90 8.40
CA LEU D 477 -24.98 -29.21 8.99
C LEU D 477 -23.74 -29.66 9.73
N GLY D 478 -23.95 -30.33 10.86
CA GLY D 478 -22.86 -30.95 11.61
C GLY D 478 -23.07 -32.44 11.76
N LEU D 479 -21.97 -33.18 11.81
CA LEU D 479 -21.99 -34.63 11.96
C LEU D 479 -21.11 -35.05 13.12
N GLY D 480 -21.58 -36.03 13.91
CA GLY D 480 -20.72 -36.70 14.87
C GLY D 480 -20.05 -37.91 14.29
N ILE D 481 -18.75 -37.82 14.00
CA ILE D 481 -18.05 -38.88 13.27
C ILE D 481 -17.89 -40.12 14.14
N ASP D 482 -17.51 -39.93 15.42
CA ASP D 482 -17.32 -41.07 16.31
C ASP D 482 -18.63 -41.82 16.51
N ARG D 483 -19.74 -41.11 16.71
CA ARG D 483 -21.01 -41.78 16.96
C ARG D 483 -21.46 -42.56 15.73
N ILE D 484 -21.24 -42.01 14.53
CA ILE D 484 -21.64 -42.73 13.32
C ILE D 484 -20.81 -43.98 13.16
N THR D 485 -19.51 -43.90 13.46
CA THR D 485 -18.67 -45.09 13.37
C THR D 485 -19.12 -46.17 14.35
N MET D 486 -19.56 -45.76 15.54
CA MET D 486 -20.07 -46.72 16.52
C MET D 486 -21.19 -47.57 15.93
N PHE D 487 -22.16 -46.92 15.27
CA PHE D 487 -23.29 -47.67 14.74
C PHE D 487 -22.90 -48.52 13.54
N LEU D 488 -21.92 -48.07 12.76
CA LEU D 488 -21.49 -48.82 11.59
C LEU D 488 -20.41 -49.84 11.89
N THR D 489 -19.96 -49.92 13.14
CA THR D 489 -19.05 -50.97 13.59
C THR D 489 -19.59 -51.73 14.79
N ASN D 490 -20.88 -51.56 15.10
CA ASN D 490 -21.56 -52.30 16.16
C ASN D 490 -20.87 -52.14 17.52
N LYS D 491 -20.46 -50.92 17.83
CA LYS D 491 -19.82 -50.61 19.09
C LYS D 491 -20.79 -49.88 20.01
N ASN D 492 -20.71 -50.18 21.30
CA ASN D 492 -21.59 -49.57 22.29
C ASN D 492 -20.97 -48.37 23.00
N SER D 493 -19.65 -48.26 22.99
CA SER D 493 -18.95 -47.16 23.66
C SER D 493 -18.17 -46.36 22.64
N ILE D 494 -18.07 -45.04 22.90
CA ILE D 494 -17.28 -44.20 22.03
C ILE D 494 -15.79 -44.50 22.19
N LYS D 495 -15.40 -45.04 23.34
CA LYS D 495 -14.01 -45.48 23.54
C LYS D 495 -13.60 -46.59 22.58
N ASP D 496 -14.56 -47.35 22.04
CA ASP D 496 -14.23 -48.43 21.13
C ASP D 496 -13.91 -47.96 19.72
N VAL D 497 -14.13 -46.69 19.39
CA VAL D 497 -13.85 -46.16 18.06
C VAL D 497 -12.86 -44.99 18.09
N ILE D 498 -12.36 -44.63 19.26
CA ILE D 498 -11.25 -43.69 19.40
C ILE D 498 -10.00 -44.50 19.75
N LEU D 499 -8.91 -44.27 19.01
CA LEU D 499 -7.72 -45.10 19.21
C LEU D 499 -7.20 -44.97 20.63
N PHE D 500 -6.96 -43.74 21.09
CA PHE D 500 -6.41 -43.48 22.42
C PHE D 500 -7.35 -42.55 23.16
N PRO D 501 -8.51 -43.07 23.60
CA PRO D 501 -9.44 -42.23 24.35
C PRO D 501 -8.84 -41.80 25.68
N THR D 502 -9.32 -40.65 26.17
CA THR D 502 -8.77 -40.09 27.40
C THR D 502 -9.21 -40.93 28.60
N MET D 503 -8.25 -41.25 29.46
CA MET D 503 -8.53 -42.05 30.64
C MET D 503 -7.85 -41.43 31.85
N ARG D 504 -8.30 -41.85 33.02
CA ARG D 504 -7.63 -41.45 34.26
C ARG D 504 -6.38 -42.30 34.46
N PRO D 505 -5.26 -41.69 34.91
CA PRO D 505 -4.04 -42.45 35.16
C PRO D 505 -4.12 -43.33 36.40
#